data_2MEY
#
_entry.id   2MEY
#
_entity_poly.entity_id   1
_entity_poly.type   'polypeptide(L)'
_entity_poly.pdbx_seq_one_letter_code
;GSQEHKPKKDDFRNEFDHLLIEQANHAIEKGEHQLLYLQHQLDELNENKSKELQEKIIRELDVVCAMIEGAQGALERELK
RTDLNILERFNYEEAQTLSKILLKDLKETEQKVKDIQTQ
;
_entity_poly.pdbx_strand_id   A
#
# COMPACT_ATOMS: atom_id res chain seq x y z
N GLN A 3 18.82 -19.24 3.79
CA GLN A 3 19.44 -18.84 2.52
C GLN A 3 18.46 -18.03 1.69
N GLU A 4 17.37 -18.68 1.28
CA GLU A 4 16.35 -18.02 0.48
C GLU A 4 15.02 -18.03 1.23
N HIS A 5 14.49 -16.84 1.46
CA HIS A 5 13.24 -16.71 2.17
C HIS A 5 12.05 -16.82 1.22
N LYS A 6 11.41 -17.97 1.24
CA LYS A 6 10.21 -18.19 0.45
C LYS A 6 9.10 -17.27 0.93
N PRO A 7 8.26 -16.79 0.01
CA PRO A 7 7.16 -15.86 0.32
C PRO A 7 5.95 -16.57 0.94
N LYS A 8 4.79 -15.94 0.84
CA LYS A 8 3.57 -16.49 1.39
C LYS A 8 2.93 -17.41 0.37
N LYS A 9 2.96 -18.71 0.64
CA LYS A 9 2.46 -19.73 -0.28
C LYS A 9 0.99 -19.49 -0.68
N ASP A 10 0.18 -19.04 0.25
CA ASP A 10 -1.23 -18.82 -0.03
C ASP A 10 -1.51 -17.32 -0.16
N ASP A 11 -1.81 -16.90 -1.39
CA ASP A 11 -2.10 -15.49 -1.67
C ASP A 11 -3.48 -15.10 -1.17
N PHE A 12 -4.43 -16.00 -1.32
CA PHE A 12 -5.79 -15.77 -0.86
C PHE A 12 -5.92 -16.14 0.63
N ARG A 13 -5.01 -15.63 1.42
CA ARG A 13 -5.00 -15.88 2.84
C ARG A 13 -5.53 -14.65 3.55
N ASN A 14 -6.41 -14.86 4.50
CA ASN A 14 -6.99 -13.78 5.26
C ASN A 14 -6.07 -13.36 6.40
N GLU A 15 -6.20 -12.14 6.85
CA GLU A 15 -5.39 -11.61 7.93
C GLU A 15 -5.63 -12.41 9.21
N PHE A 16 -4.56 -12.89 9.83
CA PHE A 16 -4.68 -13.66 11.05
C PHE A 16 -4.71 -12.76 12.28
N ASP A 17 -3.73 -11.88 12.40
CA ASP A 17 -3.63 -10.97 13.53
C ASP A 17 -4.81 -10.03 13.56
N HIS A 18 -4.99 -9.31 12.46
CA HIS A 18 -6.09 -8.36 12.28
C HIS A 18 -6.10 -7.30 13.38
N LEU A 19 -4.93 -6.83 13.75
CA LEU A 19 -4.81 -5.82 14.78
C LEU A 19 -4.61 -4.47 14.09
N LEU A 20 -5.03 -3.39 14.74
CA LEU A 20 -4.93 -2.03 14.16
C LEU A 20 -3.57 -1.77 13.48
N ILE A 21 -2.50 -1.83 14.27
CA ILE A 21 -1.16 -1.60 13.74
C ILE A 21 -0.70 -2.75 12.83
N GLU A 22 -1.21 -3.95 13.09
CA GLU A 22 -0.86 -5.10 12.27
C GLU A 22 -1.38 -4.95 10.86
N GLN A 23 -2.60 -4.42 10.74
CA GLN A 23 -3.20 -4.19 9.45
C GLN A 23 -2.37 -3.15 8.71
N ALA A 24 -2.06 -2.04 9.41
CA ALA A 24 -1.25 -0.97 8.83
C ALA A 24 0.08 -1.48 8.27
N ASN A 25 0.80 -2.28 9.05
CA ASN A 25 2.10 -2.80 8.58
C ASN A 25 1.90 -3.85 7.50
N HIS A 26 0.75 -4.50 7.52
CA HIS A 26 0.40 -5.51 6.55
C HIS A 26 0.13 -4.85 5.20
N ALA A 27 -0.73 -3.84 5.20
CA ALA A 27 -1.08 -3.10 4.00
C ALA A 27 0.15 -2.44 3.36
N ILE A 28 0.98 -1.78 4.16
CA ILE A 28 2.15 -1.10 3.61
C ILE A 28 3.16 -2.10 3.04
N GLU A 29 3.26 -3.29 3.65
CA GLU A 29 4.15 -4.33 3.12
C GLU A 29 3.68 -4.74 1.74
N LYS A 30 2.37 -4.92 1.58
CA LYS A 30 1.80 -5.29 0.29
C LYS A 30 1.96 -4.12 -0.69
N GLY A 31 1.64 -2.91 -0.23
CA GLY A 31 1.74 -1.72 -1.06
C GLY A 31 3.16 -1.47 -1.52
N GLU A 32 4.11 -1.61 -0.61
CA GLU A 32 5.51 -1.38 -0.92
C GLU A 32 5.97 -2.31 -2.02
N HIS A 33 5.60 -3.58 -1.90
CA HIS A 33 6.00 -4.59 -2.86
C HIS A 33 5.39 -4.32 -4.24
N GLN A 34 4.12 -3.93 -4.27
CA GLN A 34 3.45 -3.65 -5.54
C GLN A 34 3.92 -2.31 -6.12
N LEU A 35 4.22 -1.35 -5.26
CA LEU A 35 4.71 -0.05 -5.71
C LEU A 35 6.04 -0.20 -6.40
N LEU A 36 6.97 -0.90 -5.75
CA LEU A 36 8.28 -1.09 -6.34
C LEU A 36 8.18 -1.94 -7.59
N TYR A 37 7.20 -2.85 -7.62
CA TYR A 37 6.99 -3.71 -8.77
C TYR A 37 6.56 -2.89 -9.97
N LEU A 38 5.47 -2.10 -9.81
CA LEU A 38 4.94 -1.31 -10.90
C LEU A 38 5.92 -0.20 -11.29
N GLN A 39 6.66 0.32 -10.31
CA GLN A 39 7.63 1.38 -10.56
C GLN A 39 8.74 0.87 -11.48
N HIS A 40 9.19 -0.37 -11.26
CA HIS A 40 10.17 -0.99 -12.15
C HIS A 40 9.55 -1.20 -13.52
N GLN A 41 8.23 -1.44 -13.52
CA GLN A 41 7.51 -1.61 -14.75
C GLN A 41 7.41 -0.30 -15.48
N LEU A 42 7.27 0.79 -14.72
CA LEU A 42 7.29 2.15 -15.25
C LEU A 42 8.55 2.33 -16.08
N ASP A 43 9.68 1.89 -15.53
CA ASP A 43 10.96 2.02 -16.22
C ASP A 43 10.91 1.28 -17.55
N GLU A 44 10.30 0.10 -17.55
CA GLU A 44 10.15 -0.70 -18.76
C GLU A 44 9.18 -0.01 -19.73
N LEU A 45 8.07 0.45 -19.17
CA LEU A 45 7.05 1.19 -19.92
C LEU A 45 7.64 2.42 -20.58
N ASN A 46 8.52 3.08 -19.86
CA ASN A 46 9.17 4.30 -20.33
C ASN A 46 10.00 4.00 -21.58
N GLU A 47 10.47 2.76 -21.67
CA GLU A 47 11.25 2.31 -22.81
C GLU A 47 10.33 1.89 -23.97
N ASN A 48 9.30 1.14 -23.64
CA ASN A 48 8.36 0.61 -24.65
C ASN A 48 7.42 1.69 -25.17
N LYS A 49 7.05 2.62 -24.29
CA LYS A 49 6.08 3.70 -24.61
C LYS A 49 4.73 3.09 -25.08
N SER A 50 4.53 1.82 -24.74
CA SER A 50 3.35 1.09 -25.16
C SER A 50 2.09 1.61 -24.50
N LYS A 51 1.10 1.94 -25.30
CA LYS A 51 -0.17 2.43 -24.80
C LYS A 51 -0.90 1.38 -23.96
N GLU A 52 -0.93 0.14 -24.44
CA GLU A 52 -1.61 -0.94 -23.71
C GLU A 52 -0.89 -1.26 -22.40
N LEU A 53 0.43 -1.19 -22.42
CA LEU A 53 1.20 -1.43 -21.22
C LEU A 53 0.95 -0.32 -20.22
N GLN A 54 0.85 0.90 -20.74
CA GLN A 54 0.55 2.07 -19.94
C GLN A 54 -0.80 1.89 -19.24
N GLU A 55 -1.77 1.42 -20.00
CA GLU A 55 -3.10 1.22 -19.51
C GLU A 55 -3.14 0.17 -18.39
N LYS A 56 -2.45 -0.96 -18.60
CA LYS A 56 -2.41 -2.02 -17.58
C LYS A 56 -1.75 -1.49 -16.30
N ILE A 57 -0.63 -0.81 -16.47
CA ILE A 57 0.12 -0.28 -15.34
C ILE A 57 -0.71 0.72 -14.53
N ILE A 58 -1.34 1.68 -15.20
CA ILE A 58 -2.15 2.67 -14.50
C ILE A 58 -3.41 2.03 -13.90
N ARG A 59 -3.93 1.00 -14.56
CA ARG A 59 -5.12 0.30 -14.09
C ARG A 59 -4.85 -0.48 -12.81
N GLU A 60 -3.73 -1.17 -12.76
CA GLU A 60 -3.38 -1.93 -11.57
C GLU A 60 -2.98 -0.98 -10.45
N LEU A 61 -2.35 0.14 -10.82
CA LEU A 61 -1.96 1.16 -9.86
C LEU A 61 -3.22 1.73 -9.21
N ASP A 62 -4.19 2.04 -10.05
CA ASP A 62 -5.45 2.65 -9.64
C ASP A 62 -6.22 1.75 -8.66
N VAL A 63 -6.44 0.49 -9.03
CA VAL A 63 -7.22 -0.42 -8.20
C VAL A 63 -6.57 -0.67 -6.84
N VAL A 64 -5.26 -0.80 -6.82
CA VAL A 64 -4.54 -1.02 -5.58
C VAL A 64 -4.50 0.26 -4.74
N CYS A 65 -4.35 1.39 -5.40
CA CYS A 65 -4.31 2.67 -4.71
C CYS A 65 -5.63 2.92 -3.99
N ALA A 66 -6.72 2.58 -4.67
CA ALA A 66 -8.06 2.78 -4.13
C ALA A 66 -8.32 1.89 -2.92
N MET A 67 -8.05 0.59 -3.05
CA MET A 67 -8.29 -0.33 -1.94
C MET A 67 -7.42 0.04 -0.74
N ILE A 68 -6.18 0.44 -1.01
CA ILE A 68 -5.26 0.82 0.05
C ILE A 68 -5.75 2.07 0.77
N GLU A 69 -6.24 3.05 0.02
CA GLU A 69 -6.72 4.30 0.62
C GLU A 69 -7.99 4.08 1.41
N GLY A 70 -8.86 3.21 0.89
CA GLY A 70 -10.12 2.94 1.56
C GLY A 70 -9.92 2.27 2.89
N ALA A 71 -9.05 1.26 2.90
CA ALA A 71 -8.75 0.54 4.12
C ALA A 71 -7.94 1.41 5.07
N GLN A 72 -7.05 2.23 4.52
CA GLN A 72 -6.23 3.11 5.33
C GLN A 72 -7.12 4.12 6.06
N GLY A 73 -8.03 4.73 5.31
CA GLY A 73 -8.91 5.75 5.86
C GLY A 73 -9.80 5.19 6.93
N ALA A 74 -10.27 3.98 6.70
CA ALA A 74 -11.12 3.29 7.63
C ALA A 74 -10.35 2.98 8.90
N LEU A 75 -9.21 2.32 8.71
CA LEU A 75 -8.32 1.93 9.79
C LEU A 75 -7.93 3.13 10.65
N GLU A 76 -7.47 4.21 10.01
CA GLU A 76 -7.05 5.42 10.72
C GLU A 76 -8.15 5.92 11.66
N ARG A 77 -9.36 6.05 11.11
CA ARG A 77 -10.51 6.52 11.87
C ARG A 77 -10.78 5.62 13.08
N GLU A 78 -10.70 4.31 12.85
CA GLU A 78 -10.93 3.33 13.91
C GLU A 78 -9.82 3.34 14.95
N LEU A 79 -8.58 3.17 14.50
CA LEU A 79 -7.44 3.14 15.43
C LEU A 79 -7.37 4.38 16.30
N LYS A 80 -8.01 5.45 15.86
CA LYS A 80 -8.00 6.68 16.60
C LYS A 80 -8.76 6.57 17.92
N ARG A 81 -9.56 5.50 18.07
CA ARG A 81 -10.33 5.29 19.28
C ARG A 81 -9.41 4.89 20.43
N THR A 82 -8.20 4.49 20.08
CA THR A 82 -7.22 4.09 21.06
C THR A 82 -6.49 5.33 21.59
N ASP A 83 -6.21 5.33 22.87
CA ASP A 83 -5.53 6.45 23.48
C ASP A 83 -4.84 6.05 24.77
N LEU A 84 -4.28 7.04 25.46
CA LEU A 84 -3.54 6.85 26.70
C LEU A 84 -2.46 5.78 26.55
N ASN A 85 -1.40 6.14 25.83
CA ASN A 85 -0.28 5.24 25.59
C ASN A 85 0.75 5.93 24.71
N ILE A 86 1.84 6.34 25.32
CA ILE A 86 2.93 7.03 24.63
C ILE A 86 3.50 6.19 23.48
N LEU A 87 3.49 4.87 23.65
CA LEU A 87 4.03 3.96 22.65
C LEU A 87 3.11 3.90 21.45
N GLU A 88 1.82 3.69 21.72
CA GLU A 88 0.83 3.61 20.65
C GLU A 88 0.80 4.91 19.87
N ARG A 89 0.97 6.03 20.58
CA ARG A 89 1.04 7.33 19.94
C ARG A 89 2.16 7.35 18.89
N PHE A 90 3.34 6.94 19.33
CA PHE A 90 4.54 6.89 18.49
C PHE A 90 4.34 5.97 17.29
N ASN A 91 3.77 4.80 17.52
CA ASN A 91 3.53 3.82 16.46
C ASN A 91 2.52 4.35 15.45
N TYR A 92 1.41 4.87 15.95
CA TYR A 92 0.36 5.46 15.08
C TYR A 92 0.95 6.53 14.18
N GLU A 93 1.63 7.47 14.78
CA GLU A 93 2.29 8.54 14.06
C GLU A 93 3.27 8.01 13.04
N GLU A 94 3.95 6.92 13.39
CA GLU A 94 4.93 6.32 12.51
C GLU A 94 4.25 5.66 11.30
N ALA A 95 3.13 5.00 11.56
CA ALA A 95 2.38 4.34 10.51
C ALA A 95 1.85 5.38 9.53
N GLN A 96 1.36 6.49 10.09
CA GLN A 96 0.87 7.60 9.30
C GLN A 96 1.99 8.17 8.44
N THR A 97 3.17 8.20 9.01
CA THR A 97 4.33 8.66 8.30
C THR A 97 4.64 7.79 7.08
N LEU A 98 4.69 6.47 7.28
CA LEU A 98 5.04 5.58 6.19
C LEU A 98 3.93 5.47 5.15
N SER A 99 2.69 5.47 5.62
CA SER A 99 1.55 5.37 4.72
C SER A 99 1.49 6.56 3.77
N LYS A 100 1.73 7.75 4.34
CA LYS A 100 1.76 8.98 3.56
C LYS A 100 2.84 8.91 2.50
N ILE A 101 4.01 8.38 2.87
CA ILE A 101 5.11 8.22 1.94
C ILE A 101 4.71 7.28 0.80
N LEU A 102 4.10 6.16 1.19
CA LEU A 102 3.63 5.14 0.25
C LEU A 102 2.65 5.75 -0.76
N LEU A 103 1.63 6.45 -0.24
CA LEU A 103 0.61 7.09 -1.07
C LEU A 103 1.26 8.09 -2.01
N LYS A 104 2.22 8.85 -1.51
CA LYS A 104 2.97 9.80 -2.32
C LYS A 104 3.58 9.06 -3.50
N ASP A 105 4.32 7.99 -3.21
CA ASP A 105 5.00 7.23 -4.26
C ASP A 105 4.03 6.66 -5.27
N LEU A 106 2.82 6.29 -4.85
CA LEU A 106 1.83 5.78 -5.78
C LEU A 106 1.48 6.83 -6.82
N LYS A 107 1.07 8.01 -6.34
CA LYS A 107 0.68 9.10 -7.22
C LYS A 107 1.88 9.66 -7.97
N GLU A 108 3.05 9.45 -7.43
CA GLU A 108 4.29 9.88 -8.06
C GLU A 108 4.56 9.01 -9.28
N THR A 109 4.35 7.71 -9.10
CA THR A 109 4.48 6.76 -10.20
C THR A 109 3.35 7.01 -11.19
N GLU A 110 2.17 7.31 -10.65
CA GLU A 110 1.00 7.72 -11.44
C GLU A 110 1.39 8.87 -12.37
N GLN A 111 2.02 9.89 -11.81
CA GLN A 111 2.51 11.04 -12.55
C GLN A 111 3.41 10.61 -13.70
N LYS A 112 4.24 9.62 -13.45
CA LYS A 112 5.16 9.14 -14.47
C LYS A 112 4.44 8.43 -15.62
N VAL A 113 3.54 7.51 -15.27
CA VAL A 113 2.81 6.75 -16.29
C VAL A 113 1.95 7.67 -17.15
N LYS A 114 1.32 8.65 -16.53
CA LYS A 114 0.51 9.63 -17.25
C LYS A 114 1.38 10.58 -18.07
N ASP A 115 2.65 10.73 -17.67
CA ASP A 115 3.56 11.64 -18.35
C ASP A 115 4.14 11.05 -19.64
N ILE A 116 4.20 9.72 -19.71
CA ILE A 116 4.71 9.06 -20.92
C ILE A 116 3.69 9.16 -22.04
N GLN A 117 4.10 9.74 -23.16
CA GLN A 117 3.21 9.88 -24.30
C GLN A 117 3.14 8.57 -25.08
N THR A 118 1.95 8.07 -25.24
CA THR A 118 1.74 6.84 -25.95
C THR A 118 0.92 7.07 -27.22
N GLN A 119 0.70 6.00 -27.96
CA GLN A 119 -0.03 6.08 -29.21
C GLN A 119 -1.29 5.25 -29.15
N GLN A 3 -24.04 -28.80 3.26
CA GLN A 3 -24.47 -28.41 4.62
C GLN A 3 -23.25 -28.16 5.49
N GLU A 4 -23.49 -27.66 6.69
CA GLU A 4 -22.41 -27.35 7.60
C GLU A 4 -22.61 -28.00 8.96
N HIS A 5 -21.69 -28.87 9.32
CA HIS A 5 -21.74 -29.55 10.61
C HIS A 5 -20.43 -29.33 11.36
N LYS A 6 -19.83 -28.19 11.11
CA LYS A 6 -18.54 -27.84 11.70
C LYS A 6 -18.70 -27.20 13.07
N PRO A 7 -17.82 -27.55 14.02
CA PRO A 7 -17.79 -26.90 15.35
C PRO A 7 -17.31 -25.47 15.21
N LYS A 8 -16.47 -25.23 14.22
CA LYS A 8 -15.97 -23.90 13.93
C LYS A 8 -16.64 -23.37 12.69
N LYS A 9 -17.05 -22.11 12.73
CA LYS A 9 -17.75 -21.53 11.59
C LYS A 9 -16.84 -21.51 10.36
N ASP A 10 -15.67 -20.95 10.52
CA ASP A 10 -14.72 -20.89 9.41
C ASP A 10 -13.31 -21.12 9.91
N ASP A 11 -12.56 -21.90 9.17
CA ASP A 11 -11.16 -22.15 9.50
C ASP A 11 -10.26 -21.30 8.61
N PHE A 12 -10.86 -20.26 8.04
CA PHE A 12 -10.17 -19.37 7.12
C PHE A 12 -9.45 -18.26 7.87
N ARG A 13 -10.00 -17.87 9.00
CA ARG A 13 -9.41 -16.81 9.82
C ARG A 13 -8.13 -17.31 10.48
N ASN A 14 -7.01 -17.09 9.81
CA ASN A 14 -5.73 -17.56 10.32
C ASN A 14 -4.74 -16.39 10.43
N GLU A 15 -5.24 -15.19 10.20
CA GLU A 15 -4.41 -13.99 10.27
C GLU A 15 -4.71 -13.23 11.55
N PHE A 16 -3.71 -12.56 12.11
CA PHE A 16 -3.88 -11.79 13.33
C PHE A 16 -4.76 -10.54 13.05
N ASP A 17 -6.05 -10.76 13.06
CA ASP A 17 -7.03 -9.72 12.77
C ASP A 17 -7.16 -8.68 13.89
N HIS A 18 -7.06 -9.13 15.13
CA HIS A 18 -7.23 -8.21 16.24
C HIS A 18 -5.93 -7.48 16.60
N LEU A 19 -5.61 -6.46 15.83
CA LEU A 19 -4.50 -5.56 16.07
C LEU A 19 -4.41 -4.56 14.93
N LEU A 20 -4.97 -3.38 15.18
CA LEU A 20 -5.07 -2.31 14.19
C LEU A 20 -3.74 -2.03 13.49
N ILE A 21 -2.67 -1.88 14.27
CA ILE A 21 -1.37 -1.61 13.70
C ILE A 21 -0.87 -2.79 12.85
N GLU A 22 -1.18 -3.99 13.28
CA GLU A 22 -0.80 -5.20 12.53
C GLU A 22 -1.45 -5.19 11.15
N GLN A 23 -2.74 -4.87 11.12
CA GLN A 23 -3.49 -4.79 9.88
C GLN A 23 -2.91 -3.69 8.98
N ALA A 24 -2.37 -2.65 9.60
CA ALA A 24 -1.77 -1.55 8.88
C ALA A 24 -0.40 -1.95 8.34
N ASN A 25 0.33 -2.71 9.17
CA ASN A 25 1.65 -3.19 8.83
C ASN A 25 1.56 -4.17 7.68
N HIS A 26 0.52 -4.98 7.68
CA HIS A 26 0.30 -5.93 6.61
C HIS A 26 0.03 -5.17 5.30
N ALA A 27 -0.86 -4.19 5.35
CA ALA A 27 -1.20 -3.39 4.17
C ALA A 27 0.02 -2.65 3.61
N ILE A 28 0.75 -1.93 4.47
CA ILE A 28 1.91 -1.18 4.00
C ILE A 28 3.01 -2.10 3.46
N GLU A 29 3.09 -3.30 4.03
CA GLU A 29 4.03 -4.31 3.57
C GLU A 29 3.70 -4.70 2.13
N LYS A 30 2.44 -5.05 1.90
CA LYS A 30 1.96 -5.41 0.58
C LYS A 30 2.12 -4.24 -0.37
N GLY A 31 1.71 -3.06 0.09
CA GLY A 31 1.80 -1.86 -0.72
C GLY A 31 3.22 -1.54 -1.15
N GLU A 32 4.14 -1.71 -0.22
CA GLU A 32 5.56 -1.45 -0.45
C GLU A 32 6.08 -2.29 -1.62
N HIS A 33 5.90 -3.60 -1.52
CA HIS A 33 6.43 -4.52 -2.52
C HIS A 33 5.79 -4.28 -3.91
N GLN A 34 4.49 -4.06 -3.93
CA GLN A 34 3.78 -3.84 -5.19
C GLN A 34 4.16 -2.50 -5.82
N LEU A 35 4.47 -1.50 -4.99
CA LEU A 35 4.88 -0.20 -5.49
C LEU A 35 6.22 -0.32 -6.18
N LEU A 36 7.14 -1.03 -5.54
CA LEU A 36 8.46 -1.24 -6.12
C LEU A 36 8.33 -2.02 -7.42
N TYR A 37 7.32 -2.88 -7.48
CA TYR A 37 7.06 -3.67 -8.66
C TYR A 37 6.67 -2.77 -9.83
N LEU A 38 5.67 -1.90 -9.59
CA LEU A 38 5.19 -0.99 -10.62
C LEU A 38 6.29 -0.03 -11.08
N GLN A 39 7.18 0.35 -10.15
CA GLN A 39 8.30 1.23 -10.48
C GLN A 39 9.15 0.61 -11.59
N HIS A 40 9.34 -0.71 -11.50
CA HIS A 40 10.11 -1.43 -12.50
C HIS A 40 9.38 -1.44 -13.84
N GLN A 41 8.05 -1.55 -13.77
CA GLN A 41 7.24 -1.53 -14.97
C GLN A 41 7.32 -0.17 -15.64
N LEU A 42 7.26 0.89 -14.82
CA LEU A 42 7.41 2.26 -15.29
C LEU A 42 8.67 2.41 -16.12
N ASP A 43 9.78 1.85 -15.63
CA ASP A 43 11.04 1.90 -16.35
C ASP A 43 10.90 1.23 -17.72
N GLU A 44 10.26 0.07 -17.75
CA GLU A 44 10.05 -0.65 -19.00
C GLU A 44 9.15 0.16 -19.94
N LEU A 45 8.11 0.74 -19.36
CA LEU A 45 7.18 1.58 -20.09
C LEU A 45 7.90 2.71 -20.81
N ASN A 46 8.92 3.26 -20.17
CA ASN A 46 9.73 4.32 -20.77
C ASN A 46 10.38 3.85 -22.06
N GLU A 47 10.82 2.61 -22.09
CA GLU A 47 11.48 2.04 -23.26
C GLU A 47 10.48 1.59 -24.31
N ASN A 48 9.47 0.85 -23.89
CA ASN A 48 8.50 0.27 -24.83
C ASN A 48 7.50 1.32 -25.32
N LYS A 49 7.15 2.27 -24.43
CA LYS A 49 6.19 3.36 -24.73
C LYS A 49 4.83 2.77 -25.15
N SER A 50 4.55 1.56 -24.70
CA SER A 50 3.33 0.84 -25.06
C SER A 50 2.10 1.46 -24.41
N LYS A 51 1.13 1.85 -25.24
CA LYS A 51 -0.14 2.39 -24.73
C LYS A 51 -0.84 1.35 -23.84
N GLU A 52 -0.79 0.09 -24.26
CA GLU A 52 -1.40 -0.99 -23.50
C GLU A 52 -0.73 -1.15 -22.15
N LEU A 53 0.59 -1.11 -22.12
CA LEU A 53 1.31 -1.25 -20.86
C LEU A 53 0.97 -0.10 -19.93
N GLN A 54 0.92 1.11 -20.49
CA GLN A 54 0.58 2.31 -19.71
C GLN A 54 -0.78 2.15 -19.03
N GLU A 55 -1.77 1.72 -19.81
CA GLU A 55 -3.12 1.56 -19.31
C GLU A 55 -3.19 0.49 -18.22
N LYS A 56 -2.49 -0.62 -18.41
CA LYS A 56 -2.46 -1.69 -17.41
C LYS A 56 -1.82 -1.18 -16.13
N ILE A 57 -0.72 -0.45 -16.27
CA ILE A 57 -0.04 0.09 -15.11
C ILE A 57 -0.94 1.06 -14.35
N ILE A 58 -1.58 1.97 -15.06
CA ILE A 58 -2.48 2.95 -14.44
C ILE A 58 -3.68 2.26 -13.79
N ARG A 59 -4.23 1.25 -14.45
CA ARG A 59 -5.40 0.55 -13.93
C ARG A 59 -5.09 -0.24 -12.67
N GLU A 60 -3.96 -0.91 -12.65
CA GLU A 60 -3.57 -1.65 -11.46
C GLU A 60 -3.12 -0.72 -10.35
N LEU A 61 -2.48 0.38 -10.73
CA LEU A 61 -2.03 1.37 -9.78
C LEU A 61 -3.24 1.96 -9.06
N ASP A 62 -4.27 2.27 -9.83
CA ASP A 62 -5.52 2.84 -9.32
C ASP A 62 -6.23 1.89 -8.35
N VAL A 63 -6.38 0.63 -8.74
CA VAL A 63 -7.11 -0.34 -7.91
C VAL A 63 -6.41 -0.54 -6.56
N VAL A 64 -5.09 -0.51 -6.56
CA VAL A 64 -4.33 -0.66 -5.34
C VAL A 64 -4.43 0.60 -4.49
N CYS A 65 -4.42 1.76 -5.14
CA CYS A 65 -4.53 3.02 -4.43
C CYS A 65 -5.87 3.10 -3.72
N ALA A 66 -6.91 2.65 -4.40
CA ALA A 66 -8.26 2.70 -3.88
C ALA A 66 -8.42 1.79 -2.67
N MET A 67 -7.90 0.57 -2.76
CA MET A 67 -8.01 -0.36 -1.65
C MET A 67 -7.16 0.12 -0.47
N ILE A 68 -6.03 0.73 -0.77
CA ILE A 68 -5.14 1.26 0.25
C ILE A 68 -5.76 2.47 0.93
N GLU A 69 -6.33 3.38 0.14
CA GLU A 69 -6.95 4.58 0.68
C GLU A 69 -8.18 4.23 1.50
N GLY A 70 -8.90 3.20 1.05
CA GLY A 70 -10.08 2.75 1.74
C GLY A 70 -9.77 2.12 3.09
N ALA A 71 -8.77 1.24 3.10
CA ALA A 71 -8.38 0.55 4.32
C ALA A 71 -7.71 1.50 5.30
N GLN A 72 -6.85 2.39 4.78
CA GLN A 72 -6.17 3.34 5.66
C GLN A 72 -7.19 4.26 6.32
N GLY A 73 -8.21 4.65 5.55
CA GLY A 73 -9.24 5.53 6.06
C GLY A 73 -10.03 4.86 7.16
N ALA A 74 -10.31 3.58 6.95
CA ALA A 74 -11.04 2.79 7.92
C ALA A 74 -10.21 2.65 9.18
N LEU A 75 -8.97 2.21 8.99
CA LEU A 75 -8.02 2.03 10.08
C LEU A 75 -7.85 3.29 10.87
N GLU A 76 -7.58 4.40 10.19
CA GLU A 76 -7.32 5.67 10.86
C GLU A 76 -8.45 6.04 11.83
N ARG A 77 -9.69 6.02 11.31
CA ARG A 77 -10.85 6.35 12.14
C ARG A 77 -10.97 5.40 13.34
N GLU A 78 -10.69 4.13 13.12
CA GLU A 78 -10.77 3.12 14.16
C GLU A 78 -9.66 3.27 15.19
N LEU A 79 -8.42 3.27 14.74
CA LEU A 79 -7.28 3.40 15.66
C LEU A 79 -7.34 4.66 16.48
N LYS A 80 -8.08 5.66 16.02
CA LYS A 80 -8.22 6.89 16.75
C LYS A 80 -9.00 6.71 18.06
N ARG A 81 -9.69 5.58 18.19
CA ARG A 81 -10.49 5.27 19.38
C ARG A 81 -9.59 4.85 20.54
N THR A 82 -8.38 4.44 20.21
CA THR A 82 -7.42 3.98 21.19
C THR A 82 -6.77 5.15 21.92
N ASP A 83 -6.60 5.02 23.23
CA ASP A 83 -5.92 6.03 24.03
C ASP A 83 -4.54 6.29 23.45
N LEU A 84 -4.15 7.56 23.39
CA LEU A 84 -2.86 7.90 22.84
C LEU A 84 -1.72 7.57 23.80
N ASN A 85 -1.45 6.30 23.92
CA ASN A 85 -0.39 5.84 24.77
C ASN A 85 0.96 6.13 24.14
N ILE A 86 2.03 5.97 24.90
CA ILE A 86 3.37 6.27 24.43
C ILE A 86 3.69 5.51 23.13
N LEU A 87 3.54 4.20 23.17
CA LEU A 87 3.85 3.37 22.01
C LEU A 87 2.77 3.58 20.94
N GLU A 88 1.51 3.61 21.37
CA GLU A 88 0.38 3.79 20.46
C GLU A 88 0.57 5.05 19.61
N ARG A 89 0.76 6.18 20.25
CA ARG A 89 0.90 7.44 19.54
C ARG A 89 2.09 7.41 18.59
N PHE A 90 3.22 6.92 19.09
CA PHE A 90 4.45 6.85 18.30
C PHE A 90 4.29 5.95 17.07
N ASN A 91 3.66 4.80 17.27
CA ASN A 91 3.47 3.84 16.19
C ASN A 91 2.47 4.38 15.16
N TYR A 92 1.34 4.88 15.64
CA TYR A 92 0.30 5.46 14.77
C TYR A 92 0.90 6.55 13.88
N GLU A 93 1.57 7.51 14.51
CA GLU A 93 2.22 8.60 13.79
C GLU A 93 3.24 8.08 12.79
N GLU A 94 3.92 6.99 13.14
CA GLU A 94 4.92 6.40 12.28
C GLU A 94 4.29 5.71 11.07
N ALA A 95 3.25 4.92 11.33
CA ALA A 95 2.57 4.19 10.27
C ALA A 95 1.95 5.17 9.30
N GLN A 96 1.37 6.22 9.86
CA GLN A 96 0.75 7.28 9.09
C GLN A 96 1.79 7.99 8.24
N THR A 97 2.97 8.17 8.82
CA THR A 97 4.07 8.74 8.10
C THR A 97 4.42 7.90 6.88
N LEU A 98 4.52 6.58 7.07
CA LEU A 98 4.88 5.71 5.97
C LEU A 98 3.79 5.63 4.92
N SER A 99 2.53 5.59 5.37
CA SER A 99 1.41 5.47 4.45
C SER A 99 1.36 6.66 3.49
N LYS A 100 1.48 7.87 4.04
CA LYS A 100 1.44 9.08 3.23
C LYS A 100 2.61 9.10 2.25
N ILE A 101 3.77 8.63 2.69
CA ILE A 101 4.93 8.57 1.81
C ILE A 101 4.66 7.62 0.64
N LEU A 102 4.03 6.49 0.95
CA LEU A 102 3.67 5.50 -0.06
C LEU A 102 2.72 6.11 -1.08
N LEU A 103 1.67 6.77 -0.59
CA LEU A 103 0.69 7.42 -1.45
C LEU A 103 1.36 8.45 -2.35
N LYS A 104 2.27 9.24 -1.81
CA LYS A 104 3.00 10.22 -2.61
C LYS A 104 3.77 9.54 -3.73
N ASP A 105 4.44 8.43 -3.43
CA ASP A 105 5.21 7.74 -4.45
C ASP A 105 4.30 7.13 -5.51
N LEU A 106 3.12 6.62 -5.11
CA LEU A 106 2.15 6.09 -6.08
C LEU A 106 1.69 7.21 -7.00
N LYS A 107 1.35 8.36 -6.42
CA LYS A 107 0.94 9.53 -7.19
C LYS A 107 2.04 9.93 -8.17
N GLU A 108 3.28 9.77 -7.76
CA GLU A 108 4.40 10.09 -8.62
C GLU A 108 4.52 9.08 -9.77
N THR A 109 4.36 7.80 -9.46
CA THR A 109 4.47 6.77 -10.48
C THR A 109 3.39 6.90 -11.53
N GLU A 110 2.12 6.95 -11.10
CA GLU A 110 1.00 7.12 -12.03
C GLU A 110 1.22 8.31 -12.94
N GLN A 111 1.59 9.45 -12.34
CA GLN A 111 1.88 10.69 -13.07
C GLN A 111 2.97 10.46 -14.12
N LYS A 112 4.04 9.76 -13.74
CA LYS A 112 5.13 9.47 -14.67
C LYS A 112 4.66 8.54 -15.80
N VAL A 113 3.85 7.54 -15.41
CA VAL A 113 3.28 6.60 -16.36
C VAL A 113 2.45 7.34 -17.41
N LYS A 114 1.55 8.19 -16.93
CA LYS A 114 0.69 8.97 -17.82
C LYS A 114 1.47 10.11 -18.49
N ASP A 115 2.66 10.38 -17.97
CA ASP A 115 3.53 11.39 -18.54
C ASP A 115 4.15 10.89 -19.84
N ILE A 116 4.32 9.57 -19.94
CA ILE A 116 4.83 8.96 -21.15
C ILE A 116 3.76 9.03 -22.23
N GLN A 117 4.09 9.67 -23.34
CA GLN A 117 3.15 9.78 -24.45
C GLN A 117 3.06 8.47 -25.20
N THR A 118 1.86 7.97 -25.35
CA THR A 118 1.65 6.75 -26.07
C THR A 118 0.78 6.99 -27.29
N GLN A 119 0.40 5.93 -27.97
CA GLN A 119 -0.41 6.04 -29.16
C GLN A 119 -1.73 5.31 -28.97
N GLN A 3 -10.69 -18.69 14.76
CA GLN A 3 -9.50 -18.63 13.89
C GLN A 3 -9.47 -17.31 13.15
N GLU A 4 -8.42 -17.11 12.38
CA GLU A 4 -8.28 -15.92 11.55
C GLU A 4 -8.75 -16.25 10.13
N HIS A 5 -9.20 -15.24 9.39
CA HIS A 5 -9.62 -15.45 8.01
C HIS A 5 -8.39 -15.72 7.15
N LYS A 6 -7.35 -14.97 7.39
CA LYS A 6 -6.09 -15.16 6.70
C LYS A 6 -5.11 -15.86 7.63
N PRO A 7 -4.10 -16.55 7.07
CA PRO A 7 -3.09 -17.26 7.87
C PRO A 7 -2.15 -16.31 8.62
N LYS A 8 -2.73 -15.38 9.39
CA LYS A 8 -1.98 -14.35 10.11
C LYS A 8 -1.20 -13.44 9.13
N LYS A 9 -0.39 -12.55 9.66
CA LYS A 9 0.39 -11.66 8.81
C LYS A 9 1.51 -12.42 8.12
N ASP A 10 2.38 -13.02 8.91
CA ASP A 10 3.52 -13.77 8.41
C ASP A 10 4.16 -14.54 9.57
N ASP A 11 5.46 -14.36 9.77
CA ASP A 11 6.16 -15.02 10.86
C ASP A 11 6.59 -13.96 11.86
N PHE A 12 6.39 -12.71 11.47
CA PHE A 12 6.79 -11.57 12.25
C PHE A 12 5.69 -10.51 12.26
N ARG A 13 5.63 -9.74 13.34
CA ARG A 13 4.63 -8.69 13.54
C ARG A 13 3.22 -9.29 13.53
N ASN A 14 2.99 -10.19 14.46
CA ASN A 14 1.71 -10.84 14.64
C ASN A 14 1.70 -11.49 16.00
N GLU A 15 1.03 -10.87 16.95
CA GLU A 15 1.08 -11.38 18.31
C GLU A 15 -0.28 -11.80 18.86
N PHE A 16 -1.33 -11.17 18.38
CA PHE A 16 -2.68 -11.54 18.79
C PHE A 16 -3.44 -12.02 17.55
N ASP A 17 -4.76 -11.93 17.59
CA ASP A 17 -5.55 -12.25 16.41
C ASP A 17 -5.23 -11.28 15.33
N HIS A 18 -5.35 -9.99 15.66
CA HIS A 18 -5.00 -8.86 14.79
C HIS A 18 -5.22 -7.57 15.53
N LEU A 19 -4.21 -6.73 15.52
CA LEU A 19 -4.30 -5.41 16.12
C LEU A 19 -4.45 -4.38 15.03
N LEU A 20 -4.72 -3.14 15.41
CA LEU A 20 -4.88 -2.07 14.44
C LEU A 20 -3.58 -1.87 13.69
N ILE A 21 -2.48 -1.85 14.43
CA ILE A 21 -1.18 -1.68 13.84
C ILE A 21 -0.78 -2.89 13.01
N GLU A 22 -1.19 -4.09 13.43
CA GLU A 22 -0.89 -5.30 12.65
C GLU A 22 -1.44 -5.17 11.23
N GLN A 23 -2.66 -4.64 11.13
CA GLN A 23 -3.30 -4.46 9.83
C GLN A 23 -2.56 -3.41 9.01
N ALA A 24 -2.36 -2.22 9.60
CA ALA A 24 -1.65 -1.13 8.94
C ALA A 24 -0.26 -1.56 8.50
N ASN A 25 0.45 -2.19 9.43
CA ASN A 25 1.81 -2.66 9.20
C ASN A 25 1.86 -3.60 8.01
N HIS A 26 0.87 -4.48 7.92
CA HIS A 26 0.83 -5.43 6.83
C HIS A 26 0.49 -4.72 5.52
N ALA A 27 -0.45 -3.78 5.57
CA ALA A 27 -0.85 -3.06 4.37
C ALA A 27 0.27 -2.19 3.82
N ILE A 28 0.95 -1.46 4.69
CA ILE A 28 2.04 -0.60 4.24
C ILE A 28 3.21 -1.44 3.71
N GLU A 29 3.41 -2.60 4.32
CA GLU A 29 4.44 -3.52 3.88
C GLU A 29 4.11 -4.02 2.47
N LYS A 30 2.85 -4.37 2.26
CA LYS A 30 2.39 -4.83 0.96
C LYS A 30 2.46 -3.68 -0.04
N GLY A 31 2.04 -2.49 0.40
CA GLY A 31 2.08 -1.32 -0.45
C GLY A 31 3.48 -0.98 -0.91
N GLU A 32 4.40 -1.03 0.03
CA GLU A 32 5.80 -0.74 -0.24
C GLU A 32 6.34 -1.65 -1.33
N HIS A 33 6.07 -2.95 -1.18
CA HIS A 33 6.55 -3.93 -2.13
C HIS A 33 5.90 -3.75 -3.51
N GLN A 34 4.59 -3.48 -3.52
CA GLN A 34 3.88 -3.29 -4.79
C GLN A 34 4.28 -1.98 -5.46
N LEU A 35 4.67 -1.00 -4.67
CA LEU A 35 5.17 0.27 -5.21
C LEU A 35 6.47 0.02 -5.92
N LEU A 36 7.33 -0.78 -5.31
CA LEU A 36 8.61 -1.14 -5.89
C LEU A 36 8.37 -1.96 -7.16
N TYR A 37 7.28 -2.72 -7.15
CA TYR A 37 6.90 -3.53 -8.28
C TYR A 37 6.46 -2.67 -9.45
N LEU A 38 5.47 -1.79 -9.21
CA LEU A 38 4.94 -0.89 -10.24
C LEU A 38 6.04 0.02 -10.78
N GLN A 39 6.95 0.40 -9.89
CA GLN A 39 8.07 1.26 -10.26
C GLN A 39 8.91 0.58 -11.34
N HIS A 40 9.01 -0.74 -11.26
CA HIS A 40 9.73 -1.52 -12.25
C HIS A 40 8.99 -1.49 -13.58
N GLN A 41 7.67 -1.65 -13.51
CA GLN A 41 6.82 -1.59 -14.69
C GLN A 41 6.97 -0.24 -15.39
N LEU A 42 6.95 0.84 -14.59
CA LEU A 42 7.16 2.19 -15.09
C LEU A 42 8.44 2.27 -15.92
N ASP A 43 9.54 1.75 -15.36
CA ASP A 43 10.83 1.75 -16.05
C ASP A 43 10.73 1.03 -17.39
N GLU A 44 9.97 -0.05 -17.38
CA GLU A 44 9.73 -0.86 -18.57
C GLU A 44 8.97 -0.05 -19.63
N LEU A 45 7.95 0.69 -19.18
CA LEU A 45 7.10 1.47 -20.08
C LEU A 45 7.88 2.58 -20.78
N ASN A 46 8.86 3.14 -20.09
CA ASN A 46 9.67 4.25 -20.65
C ASN A 46 10.36 3.83 -21.93
N GLU A 47 10.74 2.57 -22.00
CA GLU A 47 11.44 2.05 -23.17
C GLU A 47 10.46 1.57 -24.25
N ASN A 48 9.42 0.87 -23.85
CA ASN A 48 8.46 0.29 -24.79
C ASN A 48 7.47 1.32 -25.32
N LYS A 49 7.09 2.26 -24.44
CA LYS A 49 6.07 3.29 -24.77
C LYS A 49 4.74 2.63 -25.17
N SER A 50 4.60 1.37 -24.79
CA SER A 50 3.43 0.56 -25.12
C SER A 50 2.18 1.10 -24.45
N LYS A 51 1.21 1.48 -25.28
CA LYS A 51 -0.06 2.00 -24.83
C LYS A 51 -0.80 1.02 -23.91
N GLU A 52 -0.86 -0.24 -24.34
CA GLU A 52 -1.54 -1.28 -23.59
C GLU A 52 -0.85 -1.52 -22.25
N LEU A 53 0.47 -1.43 -22.25
CA LEU A 53 1.23 -1.59 -21.02
C LEU A 53 0.90 -0.44 -20.09
N GLN A 54 0.85 0.76 -20.67
CA GLN A 54 0.51 1.96 -19.92
C GLN A 54 -0.85 1.84 -19.26
N GLU A 55 -1.84 1.38 -20.03
CA GLU A 55 -3.19 1.22 -19.53
C GLU A 55 -3.25 0.21 -18.40
N LYS A 56 -2.57 -0.92 -18.57
CA LYS A 56 -2.51 -1.94 -17.53
C LYS A 56 -1.89 -1.37 -16.25
N ILE A 57 -0.79 -0.67 -16.43
CA ILE A 57 -0.08 -0.07 -15.31
C ILE A 57 -0.98 0.89 -14.53
N ILE A 58 -1.58 1.85 -15.24
CA ILE A 58 -2.40 2.86 -14.59
C ILE A 58 -3.73 2.28 -14.04
N ARG A 59 -4.30 1.29 -14.74
CA ARG A 59 -5.55 0.67 -14.31
C ARG A 59 -5.36 -0.12 -13.03
N GLU A 60 -4.37 -1.00 -13.00
CA GLU A 60 -4.13 -1.83 -11.84
C GLU A 60 -3.57 -0.99 -10.69
N LEU A 61 -2.80 0.05 -11.03
CA LEU A 61 -2.27 0.96 -10.04
C LEU A 61 -3.41 1.64 -9.30
N ASP A 62 -4.40 2.07 -10.08
CA ASP A 62 -5.58 2.76 -9.56
C ASP A 62 -6.36 1.87 -8.58
N VAL A 63 -6.54 0.60 -8.95
CA VAL A 63 -7.26 -0.35 -8.11
C VAL A 63 -6.57 -0.52 -6.75
N VAL A 64 -5.25 -0.64 -6.78
CA VAL A 64 -4.47 -0.80 -5.56
C VAL A 64 -4.52 0.47 -4.73
N CYS A 65 -4.47 1.61 -5.40
CA CYS A 65 -4.53 2.89 -4.70
C CYS A 65 -5.87 3.04 -3.97
N ALA A 66 -6.94 2.62 -4.65
CA ALA A 66 -8.28 2.72 -4.10
C ALA A 66 -8.47 1.84 -2.86
N MET A 67 -8.08 0.58 -2.96
CA MET A 67 -8.24 -0.34 -1.83
C MET A 67 -7.40 0.12 -0.64
N ILE A 68 -6.24 0.69 -0.93
CA ILE A 68 -5.34 1.20 0.10
C ILE A 68 -5.96 2.41 0.80
N GLU A 69 -6.55 3.32 0.04
CA GLU A 69 -7.17 4.52 0.60
C GLU A 69 -8.36 4.19 1.48
N GLY A 70 -9.13 3.19 1.06
CA GLY A 70 -10.31 2.80 1.79
C GLY A 70 -9.97 2.18 3.12
N ALA A 71 -9.03 1.24 3.12
CA ALA A 71 -8.64 0.55 4.33
C ALA A 71 -7.90 1.48 5.29
N GLN A 72 -7.01 2.29 4.75
CA GLN A 72 -6.24 3.20 5.60
C GLN A 72 -7.16 4.22 6.28
N GLY A 73 -8.18 4.66 5.54
CA GLY A 73 -9.13 5.62 6.07
C GLY A 73 -10.02 5.00 7.14
N ALA A 74 -10.47 3.78 6.87
CA ALA A 74 -11.34 3.05 7.77
C ALA A 74 -10.62 2.73 9.06
N LEU A 75 -9.47 2.08 8.93
CA LEU A 75 -8.64 1.71 10.05
C LEU A 75 -8.27 2.93 10.89
N GLU A 76 -7.92 4.03 10.22
CA GLU A 76 -7.54 5.28 10.89
C GLU A 76 -8.64 5.70 11.86
N ARG A 77 -9.86 5.73 11.36
CA ARG A 77 -11.03 6.10 12.16
C ARG A 77 -11.15 5.19 13.40
N GLU A 78 -10.94 3.90 13.19
CA GLU A 78 -11.05 2.94 14.28
C GLU A 78 -9.89 3.05 15.26
N LEU A 79 -8.66 2.95 14.77
CA LEU A 79 -7.47 3.01 15.64
C LEU A 79 -7.39 4.28 16.44
N LYS A 80 -8.09 5.31 16.00
CA LYS A 80 -8.07 6.59 16.67
C LYS A 80 -8.65 6.50 18.08
N ARG A 81 -9.27 5.36 18.38
CA ARG A 81 -9.89 5.12 19.68
C ARG A 81 -8.85 5.21 20.80
N THR A 82 -7.59 4.97 20.48
CA THR A 82 -6.53 5.04 21.46
C THR A 82 -6.20 6.50 21.80
N ASP A 83 -6.77 6.96 22.89
CA ASP A 83 -6.57 8.33 23.36
C ASP A 83 -5.13 8.57 23.79
N LEU A 84 -4.58 7.63 24.54
CA LEU A 84 -3.23 7.79 25.03
C LEU A 84 -2.52 6.45 25.16
N ASN A 85 -1.26 6.43 24.73
CA ASN A 85 -0.40 5.25 24.75
C ASN A 85 0.87 5.59 24.00
N ILE A 86 1.99 5.59 24.72
CA ILE A 86 3.28 5.98 24.15
C ILE A 86 3.64 5.15 22.91
N LEU A 87 3.45 3.85 23.02
CA LEU A 87 3.81 2.93 21.95
C LEU A 87 2.87 3.09 20.77
N GLU A 88 1.57 3.06 21.07
CA GLU A 88 0.54 3.17 20.03
C GLU A 88 0.64 4.49 19.30
N ARG A 89 0.89 5.58 20.02
CA ARG A 89 1.04 6.88 19.38
C ARG A 89 2.18 6.84 18.37
N PHE A 90 3.32 6.31 18.81
CA PHE A 90 4.50 6.18 17.97
C PHE A 90 4.19 5.30 16.75
N ASN A 91 3.45 4.23 16.99
CA ASN A 91 3.09 3.31 15.92
C ASN A 91 2.17 4.00 14.90
N TYR A 92 1.11 4.63 15.40
CA TYR A 92 0.15 5.34 14.55
C TYR A 92 0.83 6.38 13.69
N GLU A 93 1.57 7.28 14.34
CA GLU A 93 2.26 8.35 13.65
C GLU A 93 3.25 7.81 12.63
N GLU A 94 3.95 6.73 12.99
CA GLU A 94 4.92 6.12 12.10
C GLU A 94 4.24 5.53 10.88
N ALA A 95 3.17 4.77 11.11
CA ALA A 95 2.43 4.15 10.02
C ALA A 95 1.91 5.20 9.05
N GLN A 96 1.37 6.29 9.60
CA GLN A 96 0.86 7.38 8.79
C GLN A 96 1.99 8.09 8.05
N THR A 97 3.15 8.14 8.68
CA THR A 97 4.33 8.70 8.05
C THR A 97 4.67 7.90 6.79
N LEU A 98 4.72 6.57 6.95
CA LEU A 98 5.06 5.70 5.84
C LEU A 98 3.94 5.69 4.82
N SER A 99 2.70 5.76 5.31
CA SER A 99 1.52 5.79 4.46
C SER A 99 1.61 6.93 3.46
N LYS A 100 1.87 8.13 3.97
CA LYS A 100 1.96 9.32 3.13
C LYS A 100 3.13 9.21 2.16
N ILE A 101 4.21 8.58 2.59
CA ILE A 101 5.37 8.39 1.73
C ILE A 101 5.00 7.49 0.56
N LEU A 102 4.29 6.40 0.87
CA LEU A 102 3.85 5.45 -0.13
C LEU A 102 2.87 6.10 -1.11
N LEU A 103 1.96 6.90 -0.57
CA LEU A 103 0.99 7.62 -1.38
C LEU A 103 1.70 8.59 -2.31
N LYS A 104 2.70 9.27 -1.79
CA LYS A 104 3.49 10.19 -2.58
C LYS A 104 4.22 9.44 -3.71
N ASP A 105 4.71 8.24 -3.41
CA ASP A 105 5.42 7.45 -4.42
C ASP A 105 4.45 6.91 -5.45
N LEU A 106 3.23 6.55 -5.05
CA LEU A 106 2.22 6.11 -6.01
C LEU A 106 1.91 7.24 -6.97
N LYS A 107 1.72 8.43 -6.40
CA LYS A 107 1.48 9.64 -7.17
C LYS A 107 2.60 9.91 -8.16
N GLU A 108 3.82 9.52 -7.81
CA GLU A 108 4.95 9.65 -8.72
C GLU A 108 4.79 8.71 -9.89
N THR A 109 4.34 7.50 -9.59
CA THR A 109 4.19 6.48 -10.61
C THR A 109 3.10 6.86 -11.59
N GLU A 110 1.89 7.14 -11.08
CA GLU A 110 0.77 7.52 -11.95
C GLU A 110 1.11 8.71 -12.84
N GLN A 111 1.64 9.78 -12.24
CA GLN A 111 1.99 10.98 -13.00
C GLN A 111 3.07 10.69 -14.03
N LYS A 112 4.02 9.83 -13.68
CA LYS A 112 5.10 9.47 -14.60
C LYS A 112 4.55 8.66 -15.77
N VAL A 113 3.66 7.72 -15.46
CA VAL A 113 3.01 6.89 -16.47
C VAL A 113 2.21 7.76 -17.42
N LYS A 114 1.50 8.74 -16.86
CA LYS A 114 0.73 9.68 -17.65
C LYS A 114 1.66 10.57 -18.47
N ASP A 115 2.89 10.73 -18.00
CA ASP A 115 3.87 11.56 -18.67
C ASP A 115 4.42 10.90 -19.93
N ILE A 116 4.39 9.56 -19.98
CA ILE A 116 4.86 8.84 -21.17
C ILE A 116 3.82 8.97 -22.29
N GLN A 117 4.25 9.52 -23.41
CA GLN A 117 3.39 9.69 -24.58
C GLN A 117 3.19 8.37 -25.31
N THR A 118 1.96 7.94 -25.42
CA THR A 118 1.63 6.70 -26.10
C THR A 118 0.77 6.95 -27.33
N GLN A 119 0.34 5.84 -27.96
CA GLN A 119 -0.49 5.87 -29.16
C GLN A 119 0.25 6.45 -30.36
N GLN A 3 16.12 -33.69 12.58
CA GLN A 3 15.03 -32.68 12.58
C GLN A 3 15.33 -31.61 13.59
N GLU A 4 16.06 -30.60 13.16
CA GLU A 4 16.45 -29.53 14.06
C GLU A 4 15.52 -28.33 13.89
N HIS A 5 14.83 -28.32 12.76
CA HIS A 5 13.86 -27.27 12.47
C HIS A 5 12.87 -27.75 11.41
N LYS A 6 11.71 -27.14 11.40
CA LYS A 6 10.65 -27.53 10.48
C LYS A 6 10.33 -26.41 9.51
N PRO A 7 9.82 -26.75 8.31
CA PRO A 7 9.44 -25.77 7.30
C PRO A 7 8.30 -24.88 7.78
N LYS A 8 8.60 -23.60 7.90
CA LYS A 8 7.64 -22.58 8.32
C LYS A 8 8.05 -21.24 7.74
N LYS A 9 7.08 -20.50 7.22
CA LYS A 9 7.36 -19.21 6.63
C LYS A 9 7.11 -18.08 7.63
N ASP A 10 8.10 -17.24 7.79
CA ASP A 10 8.02 -16.12 8.73
C ASP A 10 7.07 -15.04 8.25
N ASP A 11 6.92 -14.94 6.94
CA ASP A 11 6.06 -13.91 6.32
C ASP A 11 4.60 -14.11 6.70
N PHE A 12 4.23 -15.34 6.96
CA PHE A 12 2.85 -15.68 7.27
C PHE A 12 2.57 -15.56 8.77
N ARG A 13 3.62 -15.53 9.59
CA ARG A 13 3.46 -15.49 11.02
C ARG A 13 3.05 -14.09 11.48
N ASN A 14 1.77 -13.92 11.77
CA ASN A 14 1.28 -12.66 12.31
C ASN A 14 1.59 -12.61 13.79
N GLU A 15 1.82 -11.42 14.31
CA GLU A 15 2.19 -11.24 15.71
C GLU A 15 1.19 -11.90 16.65
N PHE A 16 -0.07 -11.50 16.54
CA PHE A 16 -1.12 -12.04 17.40
C PHE A 16 -2.41 -12.17 16.62
N ASP A 17 -3.44 -12.70 17.27
CA ASP A 17 -4.75 -12.86 16.64
C ASP A 17 -5.37 -11.50 16.36
N HIS A 18 -5.07 -10.56 17.23
CA HIS A 18 -5.55 -9.20 17.09
C HIS A 18 -4.40 -8.24 17.33
N LEU A 19 -4.22 -7.28 16.45
CA LEU A 19 -3.17 -6.28 16.56
C LEU A 19 -3.39 -5.23 15.47
N LEU A 20 -3.85 -4.06 15.87
CA LEU A 20 -4.19 -2.97 14.94
C LEU A 20 -3.03 -2.60 14.01
N ILE A 21 -1.89 -2.29 14.60
CA ILE A 21 -0.71 -1.93 13.83
C ILE A 21 -0.31 -3.03 12.87
N GLU A 22 -0.46 -4.28 13.30
CA GLU A 22 -0.12 -5.45 12.48
C GLU A 22 -0.92 -5.42 11.16
N GLN A 23 -2.21 -5.09 11.28
CA GLN A 23 -3.09 -5.01 10.12
C GLN A 23 -2.59 -3.93 9.15
N ALA A 24 -2.31 -2.74 9.68
CA ALA A 24 -1.86 -1.63 8.85
C ALA A 24 -0.46 -1.88 8.30
N ASN A 25 0.35 -2.50 9.15
CA ASN A 25 1.74 -2.83 8.86
C ASN A 25 1.84 -3.74 7.65
N HIS A 26 0.96 -4.73 7.57
CA HIS A 26 1.00 -5.63 6.45
C HIS A 26 0.41 -5.04 5.19
N ALA A 27 -0.59 -4.16 5.31
CA ALA A 27 -1.13 -3.51 4.13
C ALA A 27 -0.09 -2.63 3.45
N ILE A 28 0.66 -1.85 4.24
CA ILE A 28 1.71 -1.01 3.67
C ILE A 28 2.83 -1.87 3.11
N GLU A 29 3.04 -3.03 3.74
CA GLU A 29 4.02 -4.01 3.27
C GLU A 29 3.65 -4.45 1.85
N LYS A 30 2.37 -4.71 1.64
CA LYS A 30 1.87 -5.07 0.33
C LYS A 30 2.05 -3.91 -0.64
N GLY A 31 1.70 -2.71 -0.17
CA GLY A 31 1.81 -1.52 -0.98
C GLY A 31 3.22 -1.24 -1.46
N GLU A 32 4.19 -1.33 -0.54
CA GLU A 32 5.58 -1.06 -0.89
C GLU A 32 6.09 -2.06 -1.91
N HIS A 33 5.66 -3.31 -1.74
CA HIS A 33 6.06 -4.38 -2.64
C HIS A 33 5.50 -4.16 -4.06
N GLN A 34 4.21 -3.85 -4.13
CA GLN A 34 3.57 -3.61 -5.42
C GLN A 34 4.12 -2.31 -6.04
N LEU A 35 4.45 -1.34 -5.20
CA LEU A 35 4.99 -0.07 -5.66
C LEU A 35 6.32 -0.29 -6.37
N LEU A 36 7.25 -0.99 -5.73
CA LEU A 36 8.55 -1.23 -6.33
C LEU A 36 8.41 -2.11 -7.56
N TYR A 37 7.36 -2.95 -7.55
CA TYR A 37 7.08 -3.84 -8.66
C TYR A 37 6.69 -3.01 -9.89
N LEU A 38 5.70 -2.15 -9.72
CA LEU A 38 5.22 -1.30 -10.79
C LEU A 38 6.27 -0.30 -11.23
N GLN A 39 7.13 0.13 -10.29
CA GLN A 39 8.22 1.05 -10.61
C GLN A 39 9.15 0.44 -11.66
N HIS A 40 9.40 -0.86 -11.52
CA HIS A 40 10.22 -1.59 -12.50
C HIS A 40 9.52 -1.63 -13.84
N GLN A 41 8.19 -1.72 -13.78
CA GLN A 41 7.39 -1.76 -14.98
C GLN A 41 7.44 -0.42 -15.68
N LEU A 42 7.36 0.65 -14.88
CA LEU A 42 7.49 2.02 -15.38
C LEU A 42 8.75 2.18 -16.23
N ASP A 43 9.88 1.68 -15.73
CA ASP A 43 11.13 1.74 -16.47
C ASP A 43 10.97 1.06 -17.84
N GLU A 44 10.31 -0.08 -17.84
CA GLU A 44 10.05 -0.81 -19.07
C GLU A 44 9.13 -0.01 -19.98
N LEU A 45 8.08 0.54 -19.38
CA LEU A 45 7.11 1.36 -20.09
C LEU A 45 7.79 2.54 -20.78
N ASN A 46 8.74 3.15 -20.10
CA ASN A 46 9.51 4.27 -20.67
C ASN A 46 10.22 3.87 -21.94
N GLU A 47 10.77 2.68 -21.95
CA GLU A 47 11.56 2.18 -23.06
C GLU A 47 10.68 1.65 -24.19
N ASN A 48 9.69 0.84 -23.84
CA ASN A 48 8.79 0.24 -24.84
C ASN A 48 7.78 1.27 -25.36
N LYS A 49 7.42 2.21 -24.47
CA LYS A 49 6.45 3.28 -24.77
C LYS A 49 5.09 2.68 -25.23
N SER A 50 4.81 1.46 -24.76
CA SER A 50 3.58 0.76 -25.12
C SER A 50 2.34 1.44 -24.54
N LYS A 51 1.42 1.83 -25.42
CA LYS A 51 0.16 2.47 -25.00
C LYS A 51 -0.69 1.53 -24.16
N GLU A 52 -0.86 0.31 -24.61
CA GLU A 52 -1.66 -0.67 -23.90
C GLU A 52 -1.04 -0.99 -22.54
N LEU A 53 0.27 -1.10 -22.50
CA LEU A 53 0.97 -1.35 -21.25
C LEU A 53 0.70 -0.20 -20.28
N GLN A 54 0.76 1.03 -20.77
CA GLN A 54 0.51 2.21 -19.96
C GLN A 54 -0.89 2.15 -19.34
N GLU A 55 -1.87 1.79 -20.16
CA GLU A 55 -3.24 1.72 -19.75
C GLU A 55 -3.44 0.69 -18.64
N LYS A 56 -2.85 -0.49 -18.82
CA LYS A 56 -2.96 -1.55 -17.81
C LYS A 56 -2.25 -1.12 -16.52
N ILE A 57 -1.08 -0.53 -16.68
CA ILE A 57 -0.29 -0.09 -15.53
C ILE A 57 -1.06 0.94 -14.70
N ILE A 58 -1.57 1.98 -15.35
CA ILE A 58 -2.31 3.03 -14.65
C ILE A 58 -3.62 2.49 -14.08
N ARG A 59 -4.22 1.52 -14.76
CA ARG A 59 -5.47 0.95 -14.33
C ARG A 59 -5.30 0.15 -13.05
N GLU A 60 -4.36 -0.79 -13.06
CA GLU A 60 -4.11 -1.62 -11.91
C GLU A 60 -3.60 -0.76 -10.75
N LEU A 61 -2.85 0.27 -11.10
CA LEU A 61 -2.29 1.20 -10.12
C LEU A 61 -3.43 1.88 -9.36
N ASP A 62 -4.41 2.35 -10.11
CA ASP A 62 -5.56 3.06 -9.56
C ASP A 62 -6.40 2.17 -8.65
N VAL A 63 -6.64 0.93 -9.09
CA VAL A 63 -7.47 -0.01 -8.32
C VAL A 63 -6.83 -0.33 -6.96
N VAL A 64 -5.55 -0.66 -6.97
CA VAL A 64 -4.82 -0.97 -5.75
C VAL A 64 -4.72 0.26 -4.87
N CYS A 65 -4.60 1.42 -5.48
CA CYS A 65 -4.53 2.67 -4.73
C CYS A 65 -5.86 2.91 -4.02
N ALA A 66 -6.95 2.64 -4.74
CA ALA A 66 -8.29 2.88 -4.24
C ALA A 66 -8.61 1.98 -3.06
N MET A 67 -8.27 0.71 -3.15
CA MET A 67 -8.53 -0.23 -2.07
C MET A 67 -7.70 0.14 -0.84
N ILE A 68 -6.48 0.60 -1.08
CA ILE A 68 -5.60 1.01 0.00
C ILE A 68 -6.13 2.26 0.70
N GLU A 69 -6.62 3.22 -0.08
CA GLU A 69 -7.15 4.46 0.46
C GLU A 69 -8.41 4.20 1.26
N GLY A 70 -9.19 3.23 0.80
CA GLY A 70 -10.42 2.88 1.48
C GLY A 70 -10.16 2.25 2.84
N ALA A 71 -9.26 1.28 2.85
CA ALA A 71 -8.90 0.57 4.08
C ALA A 71 -8.15 1.50 5.02
N GLN A 72 -7.27 2.32 4.45
CA GLN A 72 -6.49 3.28 5.24
C GLN A 72 -7.43 4.21 6.00
N GLY A 73 -8.43 4.68 5.29
CA GLY A 73 -9.41 5.59 5.86
C GLY A 73 -10.19 4.95 7.00
N ALA A 74 -10.55 3.69 6.78
CA ALA A 74 -11.34 2.94 7.72
C ALA A 74 -10.57 2.67 9.00
N LEU A 75 -9.40 2.03 8.87
CA LEU A 75 -8.59 1.68 10.01
C LEU A 75 -8.09 2.91 10.76
N GLU A 76 -7.73 3.96 10.03
CA GLU A 76 -7.23 5.21 10.62
C GLU A 76 -8.24 5.76 11.64
N ARG A 77 -9.48 5.94 11.19
CA ARG A 77 -10.52 6.47 12.07
C ARG A 77 -10.80 5.55 13.25
N GLU A 78 -10.68 4.25 13.03
CA GLU A 78 -10.95 3.29 14.09
C GLU A 78 -9.80 3.23 15.10
N LEU A 79 -8.57 2.98 14.63
CA LEU A 79 -7.41 2.87 15.51
C LEU A 79 -7.21 4.12 16.35
N LYS A 80 -7.69 5.24 15.86
CA LYS A 80 -7.51 6.48 16.56
C LYS A 80 -8.34 6.52 17.85
N ARG A 81 -9.47 5.85 17.82
CA ARG A 81 -10.40 5.86 18.94
C ARG A 81 -9.85 5.05 20.12
N THR A 82 -9.06 4.03 19.81
CA THR A 82 -8.48 3.19 20.84
C THR A 82 -7.08 3.65 21.22
N ASP A 83 -6.60 4.70 20.57
CA ASP A 83 -5.26 5.22 20.84
C ASP A 83 -5.32 6.30 21.91
N LEU A 84 -4.34 6.28 22.82
CA LEU A 84 -4.33 7.23 23.95
C LEU A 84 -3.00 7.28 24.66
N ASN A 85 -2.27 6.23 24.55
CA ASN A 85 -1.01 6.11 25.24
C ASN A 85 0.14 6.72 24.48
N ILE A 86 1.18 7.12 25.20
CA ILE A 86 2.32 7.83 24.64
C ILE A 86 3.05 7.02 23.56
N LEU A 87 3.33 5.74 23.85
CA LEU A 87 4.08 4.90 22.93
C LEU A 87 3.22 4.55 21.73
N GLU A 88 2.00 4.15 22.01
CA GLU A 88 1.04 3.80 20.98
C GLU A 88 0.80 4.97 20.02
N ARG A 89 0.67 6.17 20.58
CA ARG A 89 0.46 7.37 19.76
C ARG A 89 1.61 7.57 18.80
N PHE A 90 2.82 7.41 19.33
CA PHE A 90 4.05 7.56 18.54
C PHE A 90 4.14 6.48 17.45
N ASN A 91 3.73 5.26 17.79
CA ASN A 91 3.76 4.16 16.83
C ASN A 91 2.79 4.40 15.69
N TYR A 92 1.56 4.74 16.05
CA TYR A 92 0.52 5.06 15.07
C TYR A 92 0.99 6.18 14.14
N GLU A 93 1.52 7.25 14.74
CA GLU A 93 2.02 8.40 14.00
C GLU A 93 3.11 7.96 13.02
N GLU A 94 3.99 7.07 13.46
CA GLU A 94 5.07 6.60 12.62
C GLU A 94 4.54 5.77 11.46
N ALA A 95 3.48 4.99 11.73
CA ALA A 95 2.84 4.19 10.70
C ALA A 95 2.22 5.11 9.66
N GLN A 96 1.62 6.19 10.15
CA GLN A 96 1.04 7.21 9.28
C GLN A 96 2.12 7.83 8.43
N THR A 97 3.28 8.04 9.03
CA THR A 97 4.41 8.60 8.34
C THR A 97 4.76 7.76 7.11
N LEU A 98 4.89 6.45 7.30
CA LEU A 98 5.29 5.55 6.22
C LEU A 98 4.21 5.45 5.16
N SER A 99 2.94 5.41 5.59
CA SER A 99 1.85 5.29 4.65
C SER A 99 1.78 6.51 3.74
N LYS A 100 1.99 7.69 4.32
CA LYS A 100 2.00 8.94 3.56
C LYS A 100 3.07 8.90 2.50
N ILE A 101 4.25 8.43 2.89
CA ILE A 101 5.36 8.29 1.98
C ILE A 101 4.98 7.35 0.83
N LEU A 102 4.35 6.24 1.20
CA LEU A 102 3.91 5.22 0.26
C LEU A 102 2.93 5.76 -0.78
N LEU A 103 1.87 6.43 -0.31
CA LEU A 103 0.86 7.00 -1.20
C LEU A 103 1.46 8.08 -2.08
N LYS A 104 2.35 8.88 -1.51
CA LYS A 104 3.03 9.93 -2.27
C LYS A 104 3.86 9.31 -3.39
N ASP A 105 4.69 8.32 -3.06
CA ASP A 105 5.54 7.68 -4.07
C ASP A 105 4.66 6.99 -5.10
N LEU A 106 3.53 6.45 -4.65
CA LEU A 106 2.58 5.78 -5.51
C LEU A 106 2.01 6.77 -6.54
N LYS A 107 1.50 7.89 -6.04
CA LYS A 107 0.94 8.94 -6.90
C LYS A 107 2.00 9.51 -7.84
N GLU A 108 3.25 9.55 -7.39
CA GLU A 108 4.33 10.03 -8.23
C GLU A 108 4.51 9.07 -9.41
N THR A 109 4.30 7.79 -9.15
CA THR A 109 4.38 6.77 -10.16
C THR A 109 3.26 6.99 -11.19
N GLU A 110 2.05 7.21 -10.67
CA GLU A 110 0.86 7.52 -11.48
C GLU A 110 1.14 8.67 -12.44
N GLN A 111 1.70 9.75 -11.91
CA GLN A 111 2.05 10.89 -12.73
C GLN A 111 3.05 10.52 -13.82
N LYS A 112 4.00 9.67 -13.48
CA LYS A 112 5.04 9.27 -14.41
C LYS A 112 4.52 8.36 -15.52
N VAL A 113 3.68 7.38 -15.15
CA VAL A 113 3.10 6.49 -16.14
C VAL A 113 2.23 7.26 -17.13
N LYS A 114 1.47 8.23 -16.62
CA LYS A 114 0.63 9.08 -17.46
C LYS A 114 1.49 10.14 -18.18
N ASP A 115 2.71 10.31 -17.71
CA ASP A 115 3.66 11.27 -18.29
C ASP A 115 4.21 10.76 -19.60
N ILE A 116 4.31 9.43 -19.73
CA ILE A 116 4.79 8.81 -20.97
C ILE A 116 3.79 9.06 -22.11
N GLN A 117 4.26 9.65 -23.20
CA GLN A 117 3.42 9.90 -24.36
C GLN A 117 3.26 8.62 -25.18
N THR A 118 2.05 8.18 -25.37
CA THR A 118 1.78 6.99 -26.12
C THR A 118 0.75 7.26 -27.23
N GLN A 119 0.18 6.20 -27.80
CA GLN A 119 -0.83 6.34 -28.83
C GLN A 119 -2.22 6.25 -28.23
N GLN A 3 -8.58 -32.74 14.96
CA GLN A 3 -7.68 -32.70 13.78
C GLN A 3 -7.56 -31.26 13.23
N GLU A 4 -8.01 -30.29 14.01
CA GLU A 4 -7.99 -28.90 13.58
C GLU A 4 -7.38 -28.00 14.65
N HIS A 5 -6.26 -27.37 14.33
CA HIS A 5 -5.61 -26.44 15.24
C HIS A 5 -4.92 -25.31 14.47
N LYS A 6 -5.70 -24.35 13.99
CA LYS A 6 -5.16 -23.23 13.25
C LYS A 6 -5.19 -21.96 14.08
N PRO A 7 -4.20 -21.06 13.87
CA PRO A 7 -4.15 -19.78 14.56
C PRO A 7 -5.17 -18.78 13.98
N LYS A 8 -5.46 -18.92 12.68
CA LYS A 8 -6.43 -18.03 12.05
C LYS A 8 -7.86 -18.36 12.48
N LYS A 9 -8.28 -17.75 13.56
CA LYS A 9 -9.63 -17.92 14.07
C LYS A 9 -10.56 -16.90 13.42
N ASP A 10 -10.02 -15.72 13.16
CA ASP A 10 -10.79 -14.63 12.61
C ASP A 10 -10.69 -14.59 11.09
N ASP A 11 -11.24 -15.60 10.45
CA ASP A 11 -11.23 -15.68 9.00
C ASP A 11 -12.34 -14.82 8.41
N PHE A 12 -13.51 -14.89 9.01
CA PHE A 12 -14.66 -14.12 8.56
C PHE A 12 -15.10 -13.16 9.68
N ARG A 13 -14.13 -12.47 10.25
CA ARG A 13 -14.38 -11.53 11.32
C ARG A 13 -13.60 -10.25 11.13
N ASN A 14 -14.27 -9.24 10.59
CA ASN A 14 -13.65 -7.93 10.38
C ASN A 14 -13.81 -7.08 11.64
N GLU A 15 -14.57 -7.60 12.59
CA GLU A 15 -14.84 -6.90 13.82
C GLU A 15 -13.66 -7.03 14.78
N PHE A 16 -12.69 -6.11 14.61
CA PHE A 16 -11.46 -6.08 15.38
C PHE A 16 -10.79 -7.46 15.47
N ASP A 17 -10.19 -7.88 14.37
CA ASP A 17 -9.55 -9.19 14.30
C ASP A 17 -8.25 -9.21 15.10
N HIS A 18 -7.44 -8.15 14.95
CA HIS A 18 -6.19 -8.03 15.69
C HIS A 18 -5.67 -6.60 15.58
N LEU A 19 -4.70 -6.24 16.45
CA LEU A 19 -4.08 -4.92 16.51
C LEU A 19 -4.13 -4.16 15.19
N LEU A 20 -4.79 -3.01 15.23
CA LEU A 20 -4.99 -2.16 14.06
C LEU A 20 -3.65 -1.75 13.45
N ILE A 21 -2.66 -1.48 14.31
CA ILE A 21 -1.33 -1.10 13.85
C ILE A 21 -0.70 -2.24 13.05
N GLU A 22 -0.81 -3.46 13.59
CA GLU A 22 -0.28 -4.63 12.93
C GLU A 22 -0.89 -4.81 11.55
N GLN A 23 -2.16 -4.47 11.44
CA GLN A 23 -2.87 -4.56 10.17
C GLN A 23 -2.32 -3.52 9.20
N ALA A 24 -2.23 -2.27 9.68
CA ALA A 24 -1.71 -1.15 8.87
C ALA A 24 -0.27 -1.41 8.43
N ASN A 25 0.52 -1.97 9.33
CA ASN A 25 1.93 -2.26 9.08
C ASN A 25 2.07 -3.32 8.00
N HIS A 26 1.16 -4.28 7.99
CA HIS A 26 1.21 -5.33 6.99
C HIS A 26 0.83 -4.75 5.62
N ALA A 27 -0.14 -3.84 5.61
CA ALA A 27 -0.55 -3.19 4.38
C ALA A 27 0.60 -2.42 3.73
N ILE A 28 1.33 -1.63 4.52
CA ILE A 28 2.45 -0.86 3.97
C ILE A 28 3.57 -1.78 3.47
N GLU A 29 3.75 -2.93 4.16
CA GLU A 29 4.72 -3.94 3.72
C GLU A 29 4.42 -4.34 2.29
N LYS A 30 3.17 -4.72 2.04
CA LYS A 30 2.73 -5.11 0.72
C LYS A 30 2.88 -3.95 -0.26
N GLY A 31 2.48 -2.76 0.19
CA GLY A 31 2.57 -1.57 -0.65
C GLY A 31 3.97 -1.32 -1.14
N GLU A 32 4.94 -1.44 -0.24
CA GLU A 32 6.33 -1.21 -0.58
C GLU A 32 6.80 -2.19 -1.64
N HIS A 33 6.40 -3.44 -1.49
CA HIS A 33 6.80 -4.49 -2.41
C HIS A 33 6.20 -4.27 -3.81
N GLN A 34 4.90 -4.00 -3.85
CA GLN A 34 4.21 -3.80 -5.12
C GLN A 34 4.62 -2.47 -5.79
N LEU A 35 4.93 -1.47 -4.98
CA LEU A 35 5.36 -0.18 -5.50
C LEU A 35 6.72 -0.30 -6.17
N LEU A 36 7.67 -0.93 -5.50
CA LEU A 36 9.00 -1.10 -6.05
C LEU A 36 8.95 -1.98 -7.28
N TYR A 37 8.00 -2.92 -7.27
CA TYR A 37 7.80 -3.82 -8.38
C TYR A 37 7.31 -3.07 -9.62
N LEU A 38 6.20 -2.34 -9.45
CA LEU A 38 5.59 -1.60 -10.56
C LEU A 38 6.54 -0.56 -11.15
N GLN A 39 7.44 -0.02 -10.32
CA GLN A 39 8.43 0.93 -10.80
C GLN A 39 9.27 0.32 -11.93
N HIS A 40 9.48 -1.00 -11.88
CA HIS A 40 10.23 -1.69 -12.91
C HIS A 40 9.44 -1.67 -14.22
N GLN A 41 8.13 -1.93 -14.10
CA GLN A 41 7.25 -1.86 -15.26
C GLN A 41 7.28 -0.48 -15.89
N LEU A 42 7.24 0.56 -15.05
CA LEU A 42 7.38 1.95 -15.50
C LEU A 42 8.60 2.12 -16.40
N ASP A 43 9.74 1.61 -15.95
CA ASP A 43 10.98 1.70 -16.72
C ASP A 43 10.80 1.08 -18.10
N GLU A 44 10.09 -0.05 -18.14
CA GLU A 44 9.81 -0.73 -19.39
C GLU A 44 8.85 0.09 -20.25
N LEU A 45 7.85 0.67 -19.60
CA LEU A 45 6.88 1.54 -20.27
C LEU A 45 7.59 2.69 -20.97
N ASN A 46 8.61 3.24 -20.32
CA ASN A 46 9.41 4.32 -20.90
C ASN A 46 10.02 3.89 -22.23
N GLU A 47 10.37 2.62 -22.32
CA GLU A 47 10.97 2.05 -23.52
C GLU A 47 9.93 1.73 -24.59
N ASN A 48 8.83 1.12 -24.20
CA ASN A 48 7.80 0.69 -25.15
C ASN A 48 6.91 1.85 -25.59
N LYS A 49 6.60 2.75 -24.64
CA LYS A 49 5.66 3.87 -24.87
C LYS A 49 4.29 3.30 -25.28
N SER A 50 4.05 2.05 -24.92
CA SER A 50 2.84 1.33 -25.27
C SER A 50 1.61 1.89 -24.59
N LYS A 51 0.60 2.24 -25.38
CA LYS A 51 -0.67 2.72 -24.86
C LYS A 51 -1.34 1.63 -24.03
N GLU A 52 -1.29 0.38 -24.51
CA GLU A 52 -1.89 -0.74 -23.80
C GLU A 52 -1.20 -1.00 -22.48
N LEU A 53 0.13 -1.01 -22.49
CA LEU A 53 0.88 -1.23 -21.26
C LEU A 53 0.60 -0.12 -20.28
N GLN A 54 0.56 1.11 -20.79
CA GLN A 54 0.24 2.27 -19.96
C GLN A 54 -1.11 2.10 -19.30
N GLU A 55 -2.07 1.63 -20.07
CA GLU A 55 -3.41 1.41 -19.61
C GLU A 55 -3.45 0.38 -18.47
N LYS A 56 -2.79 -0.74 -18.68
CA LYS A 56 -2.78 -1.82 -17.67
C LYS A 56 -2.08 -1.35 -16.41
N ILE A 57 -0.97 -0.65 -16.58
CA ILE A 57 -0.21 -0.13 -15.46
C ILE A 57 -1.06 0.84 -14.63
N ILE A 58 -1.66 1.82 -15.28
CA ILE A 58 -2.49 2.80 -14.57
C ILE A 58 -3.76 2.16 -13.99
N ARG A 59 -4.29 1.15 -14.69
CA ARG A 59 -5.50 0.46 -14.24
C ARG A 59 -5.24 -0.30 -12.96
N GLU A 60 -4.19 -1.13 -12.95
CA GLU A 60 -3.87 -1.90 -11.77
C GLU A 60 -3.43 -0.97 -10.64
N LEU A 61 -2.73 0.11 -11.00
CA LEU A 61 -2.26 1.08 -10.04
C LEU A 61 -3.45 1.72 -9.34
N ASP A 62 -4.46 2.07 -10.14
CA ASP A 62 -5.69 2.68 -9.66
C ASP A 62 -6.41 1.77 -8.67
N VAL A 63 -6.52 0.50 -9.01
CA VAL A 63 -7.20 -0.48 -8.16
C VAL A 63 -6.48 -0.61 -6.81
N VAL A 64 -5.16 -0.78 -6.87
CA VAL A 64 -4.35 -0.91 -5.66
C VAL A 64 -4.40 0.39 -4.84
N CYS A 65 -4.34 1.52 -5.52
CA CYS A 65 -4.38 2.81 -4.84
C CYS A 65 -5.73 2.98 -4.13
N ALA A 66 -6.80 2.57 -4.81
CA ALA A 66 -8.14 2.68 -4.29
C ALA A 66 -8.34 1.84 -3.04
N MET A 67 -7.97 0.57 -3.10
CA MET A 67 -8.14 -0.32 -1.95
C MET A 67 -7.30 0.16 -0.77
N ILE A 68 -6.11 0.65 -1.07
CA ILE A 68 -5.21 1.15 -0.04
C ILE A 68 -5.78 2.41 0.63
N GLU A 69 -6.29 3.35 -0.16
CA GLU A 69 -6.85 4.59 0.37
C GLU A 69 -8.12 4.32 1.17
N GLY A 70 -8.94 3.40 0.68
CA GLY A 70 -10.17 3.06 1.35
C GLY A 70 -9.93 2.44 2.71
N ALA A 71 -8.96 1.55 2.75
CA ALA A 71 -8.60 0.89 3.99
C ALA A 71 -7.89 1.87 4.93
N GLN A 72 -7.05 2.72 4.36
CA GLN A 72 -6.30 3.69 5.13
C GLN A 72 -7.25 4.67 5.83
N GLY A 73 -8.21 5.18 5.06
CA GLY A 73 -9.17 6.14 5.58
C GLY A 73 -10.09 5.55 6.63
N ALA A 74 -10.56 4.33 6.34
CA ALA A 74 -11.47 3.63 7.23
C ALA A 74 -10.78 3.31 8.55
N LEU A 75 -9.62 2.66 8.43
CA LEU A 75 -8.83 2.27 9.58
C LEU A 75 -8.51 3.49 10.43
N GLU A 76 -8.15 4.61 9.78
CA GLU A 76 -7.83 5.86 10.48
C GLU A 76 -8.95 6.28 11.41
N ARG A 77 -10.17 6.36 10.89
CA ARG A 77 -11.32 6.77 11.70
C ARG A 77 -11.49 5.86 12.92
N GLU A 78 -11.33 4.57 12.71
CA GLU A 78 -11.50 3.59 13.78
C GLU A 78 -10.34 3.64 14.78
N LEU A 79 -9.11 3.52 14.29
CA LEU A 79 -7.93 3.52 15.16
C LEU A 79 -7.80 4.79 15.98
N LYS A 80 -8.36 5.88 15.49
CA LYS A 80 -8.26 7.15 16.19
C LYS A 80 -8.97 7.08 17.53
N ARG A 81 -9.93 6.19 17.61
CA ARG A 81 -10.74 6.00 18.81
C ARG A 81 -10.15 4.94 19.73
N THR A 82 -9.18 4.19 19.24
CA THR A 82 -8.63 3.10 20.01
C THR A 82 -7.11 3.16 20.12
N ASP A 83 -6.59 4.04 20.95
CA ASP A 83 -5.15 4.15 21.17
C ASP A 83 -4.93 4.73 22.54
N LEU A 84 -3.98 4.20 23.29
CA LEU A 84 -3.73 4.72 24.63
C LEU A 84 -2.37 4.33 25.14
N ASN A 85 -1.49 5.33 25.25
CA ASN A 85 -0.16 5.24 25.89
C ASN A 85 0.97 5.58 24.94
N ILE A 86 2.14 5.77 25.52
CA ILE A 86 3.34 6.20 24.81
C ILE A 86 3.66 5.36 23.56
N LEU A 87 3.58 4.03 23.68
CA LEU A 87 3.90 3.16 22.56
C LEU A 87 2.85 3.24 21.48
N GLU A 88 1.59 3.20 21.89
CA GLU A 88 0.48 3.27 20.95
C GLU A 88 0.55 4.55 20.15
N ARG A 89 0.77 5.66 20.85
CA ARG A 89 0.89 6.96 20.22
C ARG A 89 2.01 6.96 19.18
N PHE A 90 3.13 6.35 19.55
CA PHE A 90 4.30 6.26 18.69
C PHE A 90 4.01 5.37 17.47
N ASN A 91 3.38 4.23 17.72
CA ASN A 91 3.02 3.29 16.65
C ASN A 91 2.16 4.00 15.63
N TYR A 92 1.09 4.61 16.12
CA TYR A 92 0.16 5.35 15.29
C TYR A 92 0.87 6.42 14.47
N GLU A 93 1.62 7.27 15.16
CA GLU A 93 2.36 8.35 14.54
C GLU A 93 3.26 7.82 13.40
N GLU A 94 4.03 6.80 13.71
CA GLU A 94 4.97 6.25 12.73
C GLU A 94 4.26 5.60 11.54
N ALA A 95 3.26 4.74 11.80
CA ALA A 95 2.54 4.06 10.72
C ALA A 95 1.91 5.06 9.77
N GLN A 96 1.30 6.10 10.33
CA GLN A 96 0.67 7.15 9.53
C GLN A 96 1.72 7.86 8.70
N THR A 97 2.90 8.05 9.27
CA THR A 97 4.00 8.66 8.56
C THR A 97 4.38 7.85 7.32
N LEU A 98 4.58 6.54 7.50
CA LEU A 98 5.02 5.68 6.42
C LEU A 98 3.94 5.54 5.35
N SER A 99 2.69 5.40 5.79
CA SER A 99 1.58 5.25 4.87
C SER A 99 1.45 6.43 3.92
N LYS A 100 1.52 7.64 4.48
CA LYS A 100 1.44 8.87 3.69
C LYS A 100 2.56 8.93 2.66
N ILE A 101 3.77 8.56 3.08
CA ILE A 101 4.89 8.56 2.18
C ILE A 101 4.66 7.58 1.03
N LEU A 102 4.16 6.40 1.39
CA LEU A 102 3.87 5.34 0.44
C LEU A 102 2.90 5.81 -0.64
N LEU A 103 1.78 6.40 -0.23
CA LEU A 103 0.78 6.88 -1.18
C LEU A 103 1.34 7.94 -2.12
N LYS A 104 2.18 8.82 -1.60
CA LYS A 104 2.78 9.85 -2.41
C LYS A 104 3.71 9.26 -3.47
N ASP A 105 4.36 8.15 -3.15
CA ASP A 105 5.25 7.51 -4.11
C ASP A 105 4.43 6.85 -5.21
N LEU A 106 3.30 6.26 -4.84
CA LEU A 106 2.41 5.62 -5.81
C LEU A 106 1.87 6.65 -6.80
N LYS A 107 1.37 7.75 -6.26
CA LYS A 107 0.82 8.82 -7.09
C LYS A 107 1.86 9.44 -8.01
N GLU A 108 3.11 9.53 -7.55
CA GLU A 108 4.15 10.06 -8.40
C GLU A 108 4.39 9.10 -9.56
N THR A 109 4.30 7.81 -9.26
CA THR A 109 4.47 6.77 -10.27
C THR A 109 3.39 6.93 -11.34
N GLU A 110 2.15 7.07 -10.88
CA GLU A 110 1.01 7.32 -11.76
C GLU A 110 1.29 8.51 -12.67
N GLN A 111 1.78 9.59 -12.09
CA GLN A 111 2.09 10.78 -12.85
C GLN A 111 3.12 10.50 -13.93
N LYS A 112 4.14 9.71 -13.59
CA LYS A 112 5.20 9.40 -14.54
C LYS A 112 4.66 8.59 -15.71
N VAL A 113 3.90 7.54 -15.40
CA VAL A 113 3.37 6.65 -16.40
C VAL A 113 2.38 7.36 -17.30
N LYS A 114 1.52 8.20 -16.72
CA LYS A 114 0.54 8.96 -17.49
C LYS A 114 1.22 10.11 -18.23
N ASP A 115 2.43 10.43 -17.83
CA ASP A 115 3.21 11.48 -18.47
C ASP A 115 3.83 10.98 -19.77
N ILE A 116 4.02 9.66 -19.87
CA ILE A 116 4.53 9.06 -21.11
C ILE A 116 3.46 9.20 -22.21
N GLN A 117 3.81 9.88 -23.29
CA GLN A 117 2.90 10.06 -24.40
C GLN A 117 2.70 8.76 -25.17
N THR A 118 1.48 8.35 -25.31
CA THR A 118 1.15 7.15 -26.03
C THR A 118 0.18 7.47 -27.18
N GLN A 119 -0.47 6.45 -27.72
CA GLN A 119 -1.47 6.68 -28.75
C GLN A 119 -2.82 6.89 -28.10
N GLN A 3 18.93 -9.29 -5.20
CA GLN A 3 19.18 -7.89 -4.79
C GLN A 3 18.00 -6.98 -5.15
N GLU A 4 16.97 -7.53 -5.78
CA GLU A 4 15.80 -6.74 -6.14
C GLU A 4 15.12 -6.25 -4.88
N HIS A 5 14.75 -7.17 -4.00
CA HIS A 5 14.11 -6.81 -2.75
C HIS A 5 15.13 -6.67 -1.62
N LYS A 6 15.42 -5.42 -1.27
CA LYS A 6 16.33 -5.08 -0.18
C LYS A 6 15.80 -5.59 1.16
N PRO A 7 16.66 -5.62 2.23
CA PRO A 7 16.24 -6.02 3.58
C PRO A 7 14.97 -5.28 4.03
N LYS A 8 14.27 -5.84 4.98
CA LYS A 8 12.99 -5.28 5.36
C LYS A 8 13.14 -4.32 6.53
N LYS A 9 12.48 -3.17 6.41
CA LYS A 9 12.49 -2.17 7.46
C LYS A 9 11.83 -2.72 8.72
N ASP A 10 10.74 -3.44 8.51
CA ASP A 10 9.96 -4.02 9.59
C ASP A 10 10.59 -5.33 10.02
N ASP A 11 10.60 -5.59 11.31
CA ASP A 11 11.20 -6.79 11.84
C ASP A 11 10.14 -7.79 12.30
N PHE A 12 9.01 -7.81 11.57
CA PHE A 12 7.92 -8.73 11.88
C PHE A 12 8.39 -10.18 11.88
N ARG A 13 7.65 -11.03 12.57
CA ARG A 13 8.04 -12.42 12.77
C ARG A 13 6.83 -13.32 12.76
N ASN A 14 6.96 -14.51 13.32
CA ASN A 14 5.87 -15.49 13.37
C ASN A 14 4.87 -15.16 14.49
N GLU A 15 4.81 -13.89 14.84
CA GLU A 15 3.90 -13.41 15.88
C GLU A 15 2.65 -12.84 15.23
N PHE A 16 1.52 -13.43 15.55
CA PHE A 16 0.25 -13.01 15.00
C PHE A 16 -0.60 -12.32 16.05
N ASP A 17 -0.26 -11.08 16.37
CA ASP A 17 -1.03 -10.29 17.33
C ASP A 17 -2.34 -9.87 16.71
N HIS A 18 -2.34 -9.71 15.38
CA HIS A 18 -3.50 -9.30 14.59
C HIS A 18 -4.31 -8.17 15.26
N LEU A 19 -3.70 -7.00 15.27
CA LEU A 19 -4.31 -5.81 15.83
C LEU A 19 -4.29 -4.67 14.80
N LEU A 20 -4.53 -3.47 15.27
CA LEU A 20 -4.64 -2.28 14.43
C LEU A 20 -3.36 -2.04 13.59
N ILE A 21 -2.24 -1.84 14.25
CA ILE A 21 -0.99 -1.55 13.57
C ILE A 21 -0.51 -2.75 12.76
N GLU A 22 -0.73 -3.94 13.29
CA GLU A 22 -0.35 -5.16 12.59
C GLU A 22 -1.01 -5.23 11.22
N GLN A 23 -2.30 -4.90 11.17
CA GLN A 23 -3.03 -4.91 9.90
C GLN A 23 -2.53 -3.81 8.98
N ALA A 24 -2.25 -2.63 9.54
CA ALA A 24 -1.75 -1.50 8.74
C ALA A 24 -0.36 -1.80 8.24
N ASN A 25 0.42 -2.45 9.08
CA ASN A 25 1.78 -2.80 8.76
C ASN A 25 1.77 -3.84 7.67
N HIS A 26 0.81 -4.75 7.73
CA HIS A 26 0.66 -5.78 6.73
C HIS A 26 0.34 -5.12 5.39
N ALA A 27 -0.55 -4.14 5.42
CA ALA A 27 -0.92 -3.39 4.22
C ALA A 27 0.27 -2.65 3.61
N ILE A 28 1.01 -1.90 4.42
CA ILE A 28 2.17 -1.15 3.91
C ILE A 28 3.28 -2.10 3.45
N GLU A 29 3.38 -3.24 4.11
CA GLU A 29 4.33 -4.28 3.72
C GLU A 29 4.04 -4.71 2.28
N LYS A 30 2.80 -5.12 2.05
CA LYS A 30 2.37 -5.55 0.74
C LYS A 30 2.46 -4.38 -0.25
N GLY A 31 2.11 -3.19 0.23
CA GLY A 31 2.18 -1.99 -0.59
C GLY A 31 3.58 -1.68 -1.04
N GLU A 32 4.53 -1.81 -0.12
CA GLU A 32 5.93 -1.54 -0.39
C GLU A 32 6.45 -2.46 -1.50
N HIS A 33 6.14 -3.74 -1.37
CA HIS A 33 6.60 -4.74 -2.31
C HIS A 33 6.02 -4.50 -3.72
N GLN A 34 4.71 -4.28 -3.78
CA GLN A 34 4.05 -4.04 -5.06
C GLN A 34 4.46 -2.69 -5.66
N LEU A 35 4.74 -1.70 -4.83
CA LEU A 35 5.19 -0.40 -5.30
C LEU A 35 6.53 -0.53 -6.00
N LEU A 36 7.44 -1.24 -5.36
CA LEU A 36 8.77 -1.46 -5.95
C LEU A 36 8.64 -2.26 -7.23
N TYR A 37 7.63 -3.13 -7.28
CA TYR A 37 7.35 -3.93 -8.45
C TYR A 37 6.86 -3.06 -9.60
N LEU A 38 5.81 -2.27 -9.33
CA LEU A 38 5.20 -1.42 -10.35
C LEU A 38 6.17 -0.39 -10.90
N GLN A 39 7.09 0.08 -10.05
CA GLN A 39 8.09 1.04 -10.49
C GLN A 39 8.97 0.41 -11.57
N HIS A 40 9.15 -0.91 -11.49
CA HIS A 40 9.90 -1.62 -12.49
C HIS A 40 9.11 -1.72 -13.78
N GLN A 41 7.78 -1.81 -13.65
CA GLN A 41 6.91 -1.85 -14.80
C GLN A 41 6.97 -0.52 -15.52
N LEU A 42 6.90 0.56 -14.73
CA LEU A 42 7.04 1.91 -15.23
C LEU A 42 8.31 2.06 -16.04
N ASP A 43 9.42 1.56 -15.50
CA ASP A 43 10.72 1.63 -16.17
C ASP A 43 10.64 0.92 -17.51
N GLU A 44 9.97 -0.22 -17.51
CA GLU A 44 9.77 -1.00 -18.71
C GLU A 44 8.94 -0.21 -19.73
N LEU A 45 7.87 0.45 -19.25
CA LEU A 45 6.98 1.22 -20.11
C LEU A 45 7.69 2.41 -20.77
N ASN A 46 8.62 3.01 -20.03
CA ASN A 46 9.34 4.18 -20.53
C ASN A 46 10.11 3.84 -21.79
N GLU A 47 10.67 2.64 -21.81
CA GLU A 47 11.46 2.18 -22.94
C GLU A 47 10.60 1.47 -23.97
N ASN A 48 9.64 0.69 -23.50
CA ASN A 48 8.78 -0.12 -24.38
C ASN A 48 7.79 0.75 -25.16
N LYS A 49 7.26 1.80 -24.53
CA LYS A 49 6.23 2.67 -25.14
C LYS A 49 5.03 1.84 -25.66
N SER A 50 3.98 1.87 -24.89
CA SER A 50 2.77 1.12 -25.18
C SER A 50 1.57 1.71 -24.53
N LYS A 51 0.60 2.15 -25.34
CA LYS A 51 -0.63 2.70 -24.81
C LYS A 51 -1.36 1.65 -23.97
N GLU A 52 -1.38 0.41 -24.47
CA GLU A 52 -2.01 -0.71 -23.78
C GLU A 52 -1.30 -1.02 -22.45
N LEU A 53 0.01 -0.92 -22.47
CA LEU A 53 0.81 -1.18 -21.28
C LEU A 53 0.56 -0.07 -20.28
N GLN A 54 0.45 1.14 -20.80
CA GLN A 54 0.15 2.31 -20.01
C GLN A 54 -1.20 2.15 -19.30
N GLU A 55 -2.19 1.67 -20.04
CA GLU A 55 -3.52 1.44 -19.50
C GLU A 55 -3.48 0.44 -18.34
N LYS A 56 -2.75 -0.66 -18.51
CA LYS A 56 -2.63 -1.68 -17.46
C LYS A 56 -2.01 -1.08 -16.20
N ILE A 57 -0.95 -0.32 -16.39
CA ILE A 57 -0.23 0.28 -15.29
C ILE A 57 -1.13 1.23 -14.49
N ILE A 58 -1.75 2.19 -15.18
CA ILE A 58 -2.60 3.16 -14.50
C ILE A 58 -3.85 2.49 -13.89
N ARG A 59 -4.38 1.48 -14.57
CA ARG A 59 -5.56 0.76 -14.09
C ARG A 59 -5.28 -0.01 -12.81
N GLU A 60 -4.18 -0.77 -12.80
CA GLU A 60 -3.84 -1.51 -11.61
C GLU A 60 -3.36 -0.58 -10.50
N LEU A 61 -2.67 0.49 -10.87
CA LEU A 61 -2.18 1.45 -9.92
C LEU A 61 -3.36 2.10 -9.18
N ASP A 62 -4.35 2.51 -9.97
CA ASP A 62 -5.56 3.14 -9.47
C ASP A 62 -6.33 2.23 -8.51
N VAL A 63 -6.53 0.98 -8.93
CA VAL A 63 -7.28 0.04 -8.10
C VAL A 63 -6.54 -0.25 -6.78
N VAL A 64 -5.21 -0.28 -6.84
CA VAL A 64 -4.39 -0.46 -5.64
C VAL A 64 -4.48 0.77 -4.76
N CYS A 65 -4.47 1.94 -5.38
CA CYS A 65 -4.55 3.18 -4.65
C CYS A 65 -5.89 3.26 -3.91
N ALA A 66 -6.95 2.79 -4.58
CA ALA A 66 -8.29 2.80 -4.02
C ALA A 66 -8.42 1.83 -2.84
N MET A 67 -7.91 0.61 -2.99
CA MET A 67 -8.02 -0.37 -1.92
C MET A 67 -7.18 0.04 -0.72
N ILE A 68 -6.04 0.65 -0.99
CA ILE A 68 -5.16 1.14 0.04
C ILE A 68 -5.82 2.31 0.80
N GLU A 69 -6.44 3.22 0.07
CA GLU A 69 -7.08 4.38 0.67
C GLU A 69 -8.33 4.00 1.47
N GLY A 70 -9.08 3.03 0.95
CA GLY A 70 -10.28 2.59 1.62
C GLY A 70 -9.96 1.95 2.96
N ALA A 71 -8.98 1.05 2.96
CA ALA A 71 -8.55 0.38 4.17
C ALA A 71 -7.92 1.37 5.13
N GLN A 72 -7.16 2.33 4.59
CA GLN A 72 -6.53 3.35 5.41
C GLN A 72 -7.55 4.19 6.11
N GLY A 73 -8.59 4.59 5.38
CA GLY A 73 -9.62 5.43 5.95
C GLY A 73 -10.40 4.73 7.04
N ALA A 74 -10.75 3.48 6.77
CA ALA A 74 -11.52 2.68 7.70
C ALA A 74 -10.75 2.44 8.98
N LEU A 75 -9.56 1.88 8.83
CA LEU A 75 -8.71 1.56 9.96
C LEU A 75 -8.33 2.81 10.75
N GLU A 76 -8.08 3.91 10.04
CA GLU A 76 -7.71 5.18 10.67
C GLU A 76 -8.76 5.58 11.69
N ARG A 77 -10.01 5.61 11.26
CA ARG A 77 -11.12 5.97 12.13
C ARG A 77 -11.21 5.03 13.33
N GLU A 78 -10.95 3.75 13.09
CA GLU A 78 -11.00 2.75 14.15
C GLU A 78 -9.85 2.92 15.14
N LEU A 79 -8.62 2.93 14.64
CA LEU A 79 -7.46 3.08 15.51
C LEU A 79 -7.48 4.40 16.28
N LYS A 80 -8.19 5.38 15.74
CA LYS A 80 -8.27 6.68 16.38
C LYS A 80 -9.09 6.61 17.65
N ARG A 81 -9.89 5.57 17.77
CA ARG A 81 -10.78 5.39 18.90
C ARG A 81 -10.02 4.85 20.11
N THR A 82 -8.83 4.36 19.87
CA THR A 82 -8.00 3.83 20.93
C THR A 82 -7.25 4.97 21.61
N ASP A 83 -7.14 4.90 22.93
CA ASP A 83 -6.44 5.93 23.73
C ASP A 83 -5.08 6.24 23.15
N LEU A 84 -4.74 7.52 23.11
CA LEU A 84 -3.45 7.95 22.62
C LEU A 84 -2.31 7.61 23.59
N ASN A 85 -1.99 6.35 23.64
CA ASN A 85 -0.97 5.85 24.52
C ASN A 85 0.40 6.16 23.98
N ILE A 86 1.42 6.06 24.81
CA ILE A 86 2.78 6.42 24.41
C ILE A 86 3.23 5.63 23.17
N LEU A 87 3.16 4.30 23.26
CA LEU A 87 3.59 3.44 22.17
C LEU A 87 2.63 3.55 21.00
N GLU A 88 1.34 3.38 21.27
CA GLU A 88 0.32 3.43 20.24
C GLU A 88 0.37 4.74 19.47
N ARG A 89 0.45 5.87 20.16
CA ARG A 89 0.45 7.18 19.50
C ARG A 89 1.66 7.31 18.59
N PHE A 90 2.81 6.85 19.09
CA PHE A 90 4.05 6.90 18.32
C PHE A 90 3.94 6.00 17.07
N ASN A 91 3.42 4.80 17.27
CA ASN A 91 3.24 3.85 16.18
C ASN A 91 2.32 4.44 15.12
N TYR A 92 1.20 5.00 15.57
CA TYR A 92 0.25 5.66 14.68
C TYR A 92 0.94 6.75 13.87
N GLU A 93 1.66 7.61 14.58
CA GLU A 93 2.38 8.73 13.97
C GLU A 93 3.36 8.23 12.91
N GLU A 94 4.17 7.24 13.26
CA GLU A 94 5.17 6.72 12.34
C GLU A 94 4.53 6.02 11.15
N ALA A 95 3.46 5.27 11.41
CA ALA A 95 2.73 4.56 10.36
C ALA A 95 2.14 5.56 9.39
N GLN A 96 1.55 6.61 9.94
CA GLN A 96 0.97 7.68 9.14
C GLN A 96 2.04 8.41 8.34
N THR A 97 3.22 8.53 8.93
CA THR A 97 4.34 9.13 8.24
C THR A 97 4.72 8.31 7.01
N LEU A 98 4.87 7.00 7.19
CA LEU A 98 5.30 6.14 6.11
C LEU A 98 4.23 6.00 5.05
N SER A 99 2.97 5.93 5.48
CA SER A 99 1.86 5.79 4.55
C SER A 99 1.78 6.99 3.63
N LYS A 100 1.93 8.20 4.20
CA LYS A 100 1.93 9.43 3.41
C LYS A 100 3.07 9.44 2.41
N ILE A 101 4.20 8.83 2.79
CA ILE A 101 5.34 8.75 1.91
C ILE A 101 5.01 7.85 0.73
N LEU A 102 4.46 6.68 1.04
CA LEU A 102 4.09 5.69 0.03
C LEU A 102 3.11 6.27 -0.95
N LEU A 103 2.04 6.89 -0.43
CA LEU A 103 1.02 7.51 -1.27
C LEU A 103 1.63 8.53 -2.24
N LYS A 104 2.58 9.30 -1.74
CA LYS A 104 3.26 10.29 -2.57
C LYS A 104 4.12 9.60 -3.62
N ASP A 105 4.71 8.46 -3.29
CA ASP A 105 5.57 7.76 -4.24
C ASP A 105 4.73 7.07 -5.31
N LEU A 106 3.58 6.52 -4.91
CA LEU A 106 2.64 5.92 -5.85
C LEU A 106 2.14 6.99 -6.83
N LYS A 107 1.69 8.11 -6.27
CA LYS A 107 1.18 9.22 -7.05
C LYS A 107 2.23 9.74 -8.02
N GLU A 108 3.50 9.68 -7.63
CA GLU A 108 4.58 10.10 -8.51
C GLU A 108 4.68 9.15 -9.69
N THR A 109 4.49 7.87 -9.41
CA THR A 109 4.56 6.85 -10.43
C THR A 109 3.43 7.08 -11.44
N GLU A 110 2.23 7.33 -10.94
CA GLU A 110 1.05 7.65 -11.76
C GLU A 110 1.37 8.76 -12.77
N GLN A 111 1.96 9.83 -12.27
CA GLN A 111 2.31 10.98 -13.11
C GLN A 111 3.30 10.60 -14.21
N LYS A 112 4.26 9.72 -13.89
CA LYS A 112 5.29 9.33 -14.86
C LYS A 112 4.70 8.56 -16.05
N VAL A 113 3.88 7.57 -15.74
CA VAL A 113 3.27 6.75 -16.76
C VAL A 113 2.31 7.57 -17.62
N LYS A 114 1.57 8.47 -16.98
CA LYS A 114 0.69 9.39 -17.69
C LYS A 114 1.48 10.43 -18.46
N ASP A 115 2.76 10.56 -18.13
CA ASP A 115 3.63 11.52 -18.81
C ASP A 115 4.19 10.93 -20.11
N ILE A 116 4.21 9.60 -20.21
CA ILE A 116 4.64 8.94 -21.44
C ILE A 116 3.55 9.05 -22.52
N GLN A 117 3.92 9.62 -23.65
CA GLN A 117 3.03 9.74 -24.78
C GLN A 117 3.02 8.42 -25.57
N THR A 118 1.84 7.86 -25.75
CA THR A 118 1.70 6.60 -26.45
C THR A 118 0.71 6.70 -27.59
N GLN A 119 0.59 5.61 -28.34
CA GLN A 119 -0.31 5.52 -29.49
C GLN A 119 0.03 6.58 -30.54
N GLN A 3 16.78 -27.56 19.88
CA GLN A 3 17.37 -26.41 19.17
C GLN A 3 17.94 -25.41 20.16
N GLU A 4 18.71 -24.46 19.67
CA GLU A 4 19.31 -23.46 20.54
C GLU A 4 18.45 -22.21 20.59
N HIS A 5 18.50 -21.42 19.53
CA HIS A 5 17.78 -20.15 19.50
C HIS A 5 16.64 -20.21 18.50
N LYS A 6 15.60 -20.99 18.84
CA LYS A 6 14.38 -21.02 18.02
C LYS A 6 13.96 -19.62 17.62
N PRO A 7 13.81 -19.44 16.30
CA PRO A 7 13.51 -18.14 15.69
C PRO A 7 12.19 -17.54 16.12
N LYS A 8 12.14 -16.23 16.06
CA LYS A 8 10.95 -15.46 16.33
C LYS A 8 10.94 -14.28 15.39
N LYS A 9 9.85 -13.55 15.35
CA LYS A 9 9.79 -12.40 14.48
C LYS A 9 9.37 -11.18 15.27
N ASP A 10 9.76 -10.02 14.79
CA ASP A 10 9.43 -8.75 15.41
C ASP A 10 7.93 -8.62 15.54
N ASP A 11 7.48 -8.19 16.70
CA ASP A 11 6.04 -8.06 16.96
C ASP A 11 5.51 -6.76 16.38
N PHE A 12 6.41 -5.97 15.83
CA PHE A 12 6.06 -4.72 15.18
C PHE A 12 5.61 -5.00 13.75
N ARG A 13 5.74 -6.24 13.33
CA ARG A 13 5.38 -6.64 11.97
C ARG A 13 4.22 -7.60 11.99
N ASN A 14 3.83 -8.04 10.79
CA ASN A 14 2.71 -8.95 10.62
C ASN A 14 3.03 -10.34 11.19
N GLU A 15 2.39 -10.65 12.30
CA GLU A 15 2.53 -11.95 12.95
C GLU A 15 1.15 -12.53 13.25
N PHE A 16 0.15 -11.98 12.54
CA PHE A 16 -1.24 -12.40 12.65
C PHE A 16 -1.78 -12.25 14.08
N ASP A 17 -1.30 -11.24 14.78
CA ASP A 17 -1.76 -10.98 16.14
C ASP A 17 -3.16 -10.38 16.09
N HIS A 18 -3.50 -9.80 14.93
CA HIS A 18 -4.80 -9.17 14.67
C HIS A 18 -4.85 -7.82 15.37
N LEU A 19 -3.75 -7.10 15.27
CA LEU A 19 -3.62 -5.77 15.83
C LEU A 19 -3.84 -4.72 14.73
N LEU A 20 -4.48 -3.61 15.10
CA LEU A 20 -4.78 -2.50 14.16
C LEU A 20 -3.54 -2.06 13.38
N ILE A 21 -2.52 -1.62 14.11
CA ILE A 21 -1.28 -1.15 13.50
C ILE A 21 -0.61 -2.27 12.70
N GLU A 22 -0.76 -3.48 13.20
CA GLU A 22 -0.17 -4.64 12.56
C GLU A 22 -0.74 -4.84 11.15
N GLN A 23 -2.07 -4.81 11.05
CA GLN A 23 -2.72 -4.97 9.76
C GLN A 23 -2.31 -3.86 8.80
N ALA A 24 -2.35 -2.62 9.30
CA ALA A 24 -1.91 -1.45 8.51
C ALA A 24 -0.47 -1.61 8.06
N ASN A 25 0.37 -2.09 8.96
CA ASN A 25 1.77 -2.31 8.66
C ASN A 25 1.89 -3.37 7.58
N HIS A 26 1.07 -4.39 7.69
CA HIS A 26 1.02 -5.45 6.70
C HIS A 26 0.60 -4.89 5.34
N ALA A 27 -0.39 -4.01 5.33
CA ALA A 27 -0.86 -3.38 4.11
C ALA A 27 0.22 -2.53 3.47
N ILE A 28 0.89 -1.70 4.28
CA ILE A 28 1.94 -0.83 3.74
C ILE A 28 3.13 -1.64 3.25
N GLU A 29 3.44 -2.76 3.93
CA GLU A 29 4.50 -3.65 3.46
C GLU A 29 4.16 -4.17 2.07
N LYS A 30 2.89 -4.53 1.87
CA LYS A 30 2.42 -5.00 0.57
C LYS A 30 2.46 -3.86 -0.44
N GLY A 31 1.96 -2.70 -0.04
CA GLY A 31 1.93 -1.55 -0.92
C GLY A 31 3.31 -1.14 -1.37
N GLU A 32 4.23 -1.13 -0.43
CA GLU A 32 5.61 -0.77 -0.70
C GLU A 32 6.20 -1.71 -1.74
N HIS A 33 5.94 -3.01 -1.57
CA HIS A 33 6.47 -4.02 -2.47
C HIS A 33 5.84 -3.90 -3.87
N GLN A 34 4.54 -3.70 -3.93
CA GLN A 34 3.85 -3.57 -5.21
C GLN A 34 4.24 -2.25 -5.89
N LEU A 35 4.51 -1.24 -5.10
CA LEU A 35 4.96 0.06 -5.62
C LEU A 35 6.33 -0.10 -6.26
N LEU A 36 7.23 -0.77 -5.56
CA LEU A 36 8.57 -1.00 -6.09
C LEU A 36 8.49 -1.86 -7.33
N TYR A 37 7.53 -2.77 -7.35
CA TYR A 37 7.33 -3.65 -8.47
C TYR A 37 6.84 -2.86 -9.69
N LEU A 38 5.78 -2.07 -9.48
CA LEU A 38 5.17 -1.28 -10.55
C LEU A 38 6.16 -0.26 -11.12
N GLN A 39 7.02 0.28 -10.28
CA GLN A 39 8.01 1.25 -10.74
C GLN A 39 9.00 0.58 -11.70
N HIS A 40 9.18 -0.73 -11.54
CA HIS A 40 10.02 -1.50 -12.44
C HIS A 40 9.32 -1.66 -13.77
N GLN A 41 7.99 -1.75 -13.73
CA GLN A 41 7.18 -1.86 -14.91
C GLN A 41 7.25 -0.55 -15.68
N LEU A 42 7.20 0.55 -14.92
CA LEU A 42 7.38 1.89 -15.46
C LEU A 42 8.67 1.96 -16.27
N ASP A 43 9.75 1.39 -15.73
CA ASP A 43 11.04 1.37 -16.43
C ASP A 43 10.89 0.70 -17.79
N GLU A 44 10.14 -0.40 -17.81
CA GLU A 44 9.87 -1.13 -19.04
C GLU A 44 9.00 -0.28 -19.98
N LEU A 45 7.95 0.31 -19.41
CA LEU A 45 7.03 1.17 -20.15
C LEU A 45 7.77 2.33 -20.85
N ASN A 46 8.72 2.91 -20.15
CA ASN A 46 9.51 4.04 -20.67
C ASN A 46 10.27 3.63 -21.95
N GLU A 47 10.66 2.38 -21.99
CA GLU A 47 11.40 1.84 -23.13
C GLU A 47 10.47 1.40 -24.26
N ASN A 48 9.41 0.70 -23.91
CA ASN A 48 8.48 0.16 -24.89
C ASN A 48 7.52 1.23 -25.42
N LYS A 49 7.16 2.18 -24.55
CA LYS A 49 6.18 3.24 -24.87
C LYS A 49 4.83 2.60 -25.29
N SER A 50 4.64 1.35 -24.91
CA SER A 50 3.43 0.61 -25.27
C SER A 50 2.19 1.21 -24.63
N LYS A 51 1.25 1.65 -25.46
CA LYS A 51 0.02 2.26 -24.96
C LYS A 51 -0.81 1.28 -24.13
N GLU A 52 -0.92 0.04 -24.60
CA GLU A 52 -1.68 -0.98 -23.87
C GLU A 52 -1.05 -1.24 -22.50
N LEU A 53 0.27 -1.34 -22.47
CA LEU A 53 0.98 -1.53 -21.21
C LEU A 53 0.69 -0.36 -20.27
N GLN A 54 0.69 0.85 -20.83
CA GLN A 54 0.39 2.05 -20.07
C GLN A 54 -1.01 1.94 -19.43
N GLU A 55 -1.97 1.48 -20.23
CA GLU A 55 -3.35 1.30 -19.78
C GLU A 55 -3.41 0.34 -18.59
N LYS A 56 -2.78 -0.82 -18.74
CA LYS A 56 -2.77 -1.84 -17.69
C LYS A 56 -2.12 -1.30 -16.42
N ILE A 57 -0.97 -0.66 -16.60
CA ILE A 57 -0.21 -0.13 -15.47
C ILE A 57 -1.01 0.91 -14.68
N ILE A 58 -1.55 1.90 -15.36
CA ILE A 58 -2.29 2.96 -14.69
C ILE A 58 -3.63 2.45 -14.10
N ARG A 59 -4.28 1.52 -14.80
CA ARG A 59 -5.57 0.98 -14.33
C ARG A 59 -5.41 0.19 -13.04
N GLU A 60 -4.49 -0.76 -13.04
CA GLU A 60 -4.28 -1.58 -11.87
C GLU A 60 -3.72 -0.73 -10.73
N LEU A 61 -2.91 0.26 -11.08
CA LEU A 61 -2.33 1.16 -10.10
C LEU A 61 -3.43 1.93 -9.37
N ASP A 62 -4.42 2.41 -10.13
CA ASP A 62 -5.56 3.14 -9.58
C ASP A 62 -6.37 2.26 -8.63
N VAL A 63 -6.52 1.01 -8.98
CA VAL A 63 -7.26 0.06 -8.14
C VAL A 63 -6.54 -0.15 -6.80
N VAL A 64 -5.23 -0.36 -6.86
CA VAL A 64 -4.43 -0.60 -5.66
C VAL A 64 -4.43 0.62 -4.73
N CYS A 65 -4.31 1.80 -5.29
CA CYS A 65 -4.26 2.99 -4.45
C CYS A 65 -5.64 3.27 -3.84
N ALA A 66 -6.69 2.89 -4.56
CA ALA A 66 -8.06 3.06 -4.09
C ALA A 66 -8.37 2.13 -2.92
N MET A 67 -8.03 0.86 -3.06
CA MET A 67 -8.28 -0.10 -2.00
C MET A 67 -7.49 0.27 -0.74
N ILE A 68 -6.29 0.80 -0.95
CA ILE A 68 -5.44 1.25 0.14
C ILE A 68 -6.07 2.46 0.85
N GLU A 69 -6.66 3.37 0.06
CA GLU A 69 -7.31 4.56 0.59
C GLU A 69 -8.53 4.18 1.42
N GLY A 70 -9.23 3.13 0.98
CA GLY A 70 -10.40 2.65 1.67
C GLY A 70 -10.05 2.08 3.03
N ALA A 71 -9.04 1.22 3.05
CA ALA A 71 -8.59 0.60 4.28
C ALA A 71 -7.97 1.63 5.20
N GLN A 72 -7.22 2.56 4.61
CA GLN A 72 -6.57 3.63 5.38
C GLN A 72 -7.61 4.43 6.14
N GLY A 73 -8.73 4.70 5.47
CA GLY A 73 -9.80 5.45 6.08
C GLY A 73 -10.45 4.70 7.22
N ALA A 74 -10.68 3.41 7.01
CA ALA A 74 -11.36 2.56 7.99
C ALA A 74 -10.52 2.40 9.26
N LEU A 75 -9.32 1.84 9.09
CA LEU A 75 -8.44 1.58 10.22
C LEU A 75 -8.10 2.86 10.98
N GLU A 76 -7.98 3.96 10.24
CA GLU A 76 -7.66 5.25 10.84
C GLU A 76 -8.73 5.66 11.84
N ARG A 77 -9.99 5.65 11.41
CA ARG A 77 -11.11 6.00 12.29
C ARG A 77 -11.16 5.10 13.52
N GLU A 78 -10.83 3.84 13.32
CA GLU A 78 -10.83 2.88 14.41
C GLU A 78 -9.71 3.16 15.40
N LEU A 79 -8.48 3.23 14.92
CA LEU A 79 -7.33 3.49 15.79
C LEU A 79 -7.45 4.85 16.49
N LYS A 80 -8.25 5.73 15.91
CA LYS A 80 -8.42 7.06 16.46
C LYS A 80 -9.30 7.02 17.71
N ARG A 81 -9.92 5.86 17.96
CA ARG A 81 -10.87 5.68 19.06
C ARG A 81 -10.32 6.15 20.40
N THR A 82 -9.22 5.58 20.85
CA THR A 82 -8.63 5.97 22.13
C THR A 82 -7.15 5.57 22.20
N ASP A 83 -6.28 6.27 21.46
CA ASP A 83 -4.85 6.01 21.51
C ASP A 83 -4.20 6.57 22.77
N LEU A 84 -4.72 6.23 23.92
CA LEU A 84 -4.13 6.70 25.17
C LEU A 84 -3.00 5.75 25.55
N ASN A 85 -1.79 6.08 25.11
CA ASN A 85 -0.60 5.26 25.33
C ASN A 85 0.56 5.82 24.52
N ILE A 86 1.67 6.06 25.17
CA ILE A 86 2.84 6.65 24.53
C ILE A 86 3.34 5.80 23.36
N LEU A 87 3.33 4.48 23.54
CA LEU A 87 3.84 3.56 22.53
C LEU A 87 2.88 3.50 21.35
N GLU A 88 1.59 3.34 21.65
CA GLU A 88 0.58 3.29 20.59
C GLU A 88 0.62 4.54 19.74
N ARG A 89 0.72 5.70 20.39
CA ARG A 89 0.75 6.97 19.67
C ARG A 89 1.96 7.05 18.74
N PHE A 90 3.09 6.57 19.24
CA PHE A 90 4.33 6.54 18.47
C PHE A 90 4.18 5.64 17.24
N ASN A 91 3.57 4.49 17.44
CA ASN A 91 3.33 3.54 16.37
C ASN A 91 2.34 4.10 15.34
N TYR A 92 1.24 4.65 15.84
CA TYR A 92 0.22 5.28 14.99
C TYR A 92 0.84 6.36 14.11
N GLU A 93 1.53 7.29 14.75
CA GLU A 93 2.19 8.38 14.07
C GLU A 93 3.19 7.87 13.04
N GLU A 94 4.02 6.92 13.44
CA GLU A 94 5.03 6.38 12.54
C GLU A 94 4.41 5.67 11.34
N ALA A 95 3.41 4.81 11.60
CA ALA A 95 2.74 4.10 10.53
C ALA A 95 2.14 5.06 9.52
N GLN A 96 1.46 6.09 10.02
CA GLN A 96 0.87 7.08 9.15
C GLN A 96 1.94 7.85 8.40
N THR A 97 3.06 8.10 9.05
CA THR A 97 4.18 8.77 8.41
C THR A 97 4.63 7.97 7.19
N LEU A 98 4.74 6.66 7.37
CA LEU A 98 5.16 5.78 6.29
C LEU A 98 4.06 5.68 5.24
N SER A 99 2.81 5.67 5.72
CA SER A 99 1.65 5.58 4.84
C SER A 99 1.61 6.74 3.87
N LYS A 100 1.72 7.96 4.42
CA LYS A 100 1.66 9.18 3.63
C LYS A 100 2.78 9.23 2.61
N ILE A 101 3.98 8.83 3.04
CA ILE A 101 5.14 8.80 2.15
C ILE A 101 4.90 7.84 0.99
N LEU A 102 4.35 6.67 1.30
CA LEU A 102 4.07 5.66 0.28
C LEU A 102 3.02 6.15 -0.69
N LEU A 103 1.95 6.73 -0.16
CA LEU A 103 0.87 7.27 -0.99
C LEU A 103 1.41 8.31 -1.95
N LYS A 104 2.33 9.14 -1.46
CA LYS A 104 2.96 10.15 -2.29
C LYS A 104 3.71 9.50 -3.43
N ASP A 105 4.51 8.47 -3.13
CA ASP A 105 5.32 7.82 -4.16
C ASP A 105 4.44 7.10 -5.18
N LEU A 106 3.27 6.61 -4.77
CA LEU A 106 2.33 5.99 -5.70
C LEU A 106 1.86 7.01 -6.73
N LYS A 107 1.40 8.16 -6.23
CA LYS A 107 0.93 9.24 -7.10
C LYS A 107 2.05 9.75 -8.01
N GLU A 108 3.28 9.66 -7.54
CA GLU A 108 4.44 10.07 -8.31
C GLU A 108 4.64 9.11 -9.49
N THR A 109 4.44 7.83 -9.19
CA THR A 109 4.57 6.79 -10.19
C THR A 109 3.54 6.96 -11.31
N GLU A 110 2.24 7.09 -10.95
CA GLU A 110 1.20 7.29 -11.96
C GLU A 110 1.51 8.50 -12.85
N GLN A 111 2.03 9.57 -12.24
CA GLN A 111 2.40 10.77 -12.98
C GLN A 111 3.41 10.45 -14.07
N LYS A 112 4.35 9.58 -13.75
CA LYS A 112 5.35 9.15 -14.72
C LYS A 112 4.72 8.29 -15.81
N VAL A 113 3.82 7.40 -15.39
CA VAL A 113 3.11 6.53 -16.32
C VAL A 113 2.33 7.35 -17.32
N LYS A 114 1.56 8.30 -16.81
CA LYS A 114 0.74 9.18 -17.65
C LYS A 114 1.62 10.19 -18.40
N ASP A 115 2.87 10.30 -17.95
CA ASP A 115 3.84 11.19 -18.58
C ASP A 115 4.40 10.58 -19.86
N ILE A 116 4.43 9.26 -19.93
CA ILE A 116 4.95 8.58 -21.11
C ILE A 116 3.96 8.70 -22.29
N GLN A 117 4.46 9.31 -23.34
CA GLN A 117 3.68 9.45 -24.56
C GLN A 117 3.64 8.11 -25.28
N THR A 118 2.45 7.61 -25.47
CA THR A 118 2.31 6.34 -26.12
C THR A 118 1.65 6.47 -27.48
N GLN A 119 1.55 5.36 -28.18
CA GLN A 119 0.99 5.35 -29.51
C GLN A 119 -0.54 5.29 -29.45
N GLN A 3 -34.64 -23.77 32.06
CA GLN A 3 -33.32 -23.40 31.52
C GLN A 3 -33.43 -22.06 30.81
N GLU A 4 -32.50 -21.16 31.11
CA GLU A 4 -32.50 -19.84 30.50
C GLU A 4 -32.38 -19.95 28.99
N HIS A 5 -33.28 -19.30 28.29
CA HIS A 5 -33.28 -19.35 26.85
C HIS A 5 -32.41 -18.27 26.24
N LYS A 6 -31.11 -18.39 26.46
CA LYS A 6 -30.16 -17.46 25.91
C LYS A 6 -30.07 -17.64 24.41
N PRO A 7 -30.09 -16.53 23.65
CA PRO A 7 -30.04 -16.57 22.19
C PRO A 7 -28.76 -17.19 21.65
N LYS A 8 -28.82 -18.50 21.40
CA LYS A 8 -27.71 -19.23 20.82
C LYS A 8 -27.27 -18.65 19.49
N LYS A 9 -26.20 -17.91 19.52
CA LYS A 9 -25.64 -17.33 18.34
C LYS A 9 -24.59 -18.30 17.77
N ASP A 10 -23.93 -17.91 16.70
CA ASP A 10 -22.91 -18.74 16.07
C ASP A 10 -21.81 -19.10 17.05
N ASP A 11 -21.15 -20.21 16.82
CA ASP A 11 -20.05 -20.64 17.69
C ASP A 11 -18.80 -19.82 17.40
N PHE A 12 -18.80 -19.14 16.26
CA PHE A 12 -17.70 -18.27 15.89
C PHE A 12 -18.09 -16.82 16.15
N ARG A 13 -17.85 -16.35 17.36
CA ARG A 13 -18.21 -14.99 17.75
C ARG A 13 -17.07 -14.33 18.49
N ASN A 14 -16.73 -13.11 18.07
CA ASN A 14 -15.64 -12.32 18.69
C ASN A 14 -14.31 -13.02 18.52
N GLU A 15 -14.23 -13.90 17.54
CA GLU A 15 -13.01 -14.64 17.28
C GLU A 15 -12.22 -13.96 16.16
N PHE A 16 -12.73 -12.80 15.72
CA PHE A 16 -12.10 -12.03 14.68
C PHE A 16 -10.64 -11.74 15.04
N ASP A 17 -9.80 -11.60 14.01
CA ASP A 17 -8.36 -11.39 14.19
C ASP A 17 -8.09 -10.25 15.16
N HIS A 18 -8.68 -9.08 14.89
CA HIS A 18 -8.51 -7.89 15.75
C HIS A 18 -7.03 -7.52 15.86
N LEU A 19 -6.54 -6.73 14.92
CA LEU A 19 -5.14 -6.36 14.88
C LEU A 19 -4.96 -5.04 14.10
N LEU A 20 -5.04 -3.94 14.83
CA LEU A 20 -4.99 -2.59 14.24
C LEU A 20 -3.66 -2.31 13.53
N ILE A 21 -2.64 -1.98 14.30
CA ILE A 21 -1.33 -1.66 13.73
C ILE A 21 -0.73 -2.86 13.02
N GLU A 22 -1.04 -4.05 13.49
CA GLU A 22 -0.54 -5.28 12.88
C GLU A 22 -0.91 -5.34 11.41
N GLN A 23 -2.18 -5.06 11.11
CA GLN A 23 -2.65 -5.08 9.74
C GLN A 23 -2.04 -3.92 8.95
N ALA A 24 -1.97 -2.75 9.58
CA ALA A 24 -1.35 -1.58 8.98
C ALA A 24 0.07 -1.87 8.52
N ASN A 25 0.85 -2.49 9.41
CA ASN A 25 2.22 -2.88 9.12
C ASN A 25 2.27 -3.86 7.98
N HIS A 26 1.29 -4.75 7.92
CA HIS A 26 1.22 -5.72 6.85
C HIS A 26 0.83 -5.04 5.54
N ALA A 27 -0.08 -4.07 5.60
CA ALA A 27 -0.52 -3.35 4.43
C ALA A 27 0.59 -2.52 3.81
N ILE A 28 1.33 -1.80 4.65
CA ILE A 28 2.44 -0.99 4.15
C ILE A 28 3.52 -1.88 3.55
N GLU A 29 3.69 -3.07 4.11
CA GLU A 29 4.63 -4.05 3.58
C GLU A 29 4.18 -4.44 2.16
N LYS A 30 2.89 -4.70 2.02
CA LYS A 30 2.32 -5.11 0.74
C LYS A 30 2.42 -3.95 -0.26
N GLY A 31 2.03 -2.76 0.18
CA GLY A 31 2.08 -1.58 -0.67
C GLY A 31 3.47 -1.28 -1.14
N GLU A 32 4.43 -1.36 -0.23
CA GLU A 32 5.82 -1.08 -0.56
C GLU A 32 6.30 -1.98 -1.68
N HIS A 33 6.04 -3.27 -1.56
CA HIS A 33 6.51 -4.22 -2.56
C HIS A 33 5.81 -4.02 -3.91
N GLN A 34 4.50 -3.75 -3.88
CA GLN A 34 3.76 -3.56 -5.12
C GLN A 34 4.14 -2.23 -5.78
N LEU A 35 4.44 -1.23 -4.98
CA LEU A 35 4.88 0.06 -5.50
C LEU A 35 6.23 -0.09 -6.17
N LEU A 36 7.13 -0.79 -5.50
CA LEU A 36 8.46 -1.01 -6.04
C LEU A 36 8.37 -1.86 -7.30
N TYR A 37 7.41 -2.78 -7.32
CA TYR A 37 7.20 -3.62 -8.48
C TYR A 37 6.66 -2.81 -9.65
N LEU A 38 5.60 -2.03 -9.39
CA LEU A 38 4.95 -1.21 -10.41
C LEU A 38 5.92 -0.17 -10.96
N GLN A 39 6.79 0.34 -10.08
CA GLN A 39 7.78 1.33 -10.48
C GLN A 39 8.72 0.71 -11.52
N HIS A 40 8.98 -0.59 -11.38
CA HIS A 40 9.81 -1.31 -12.34
C HIS A 40 9.08 -1.41 -13.68
N GLN A 41 7.78 -1.71 -13.60
CA GLN A 41 6.93 -1.77 -14.79
C GLN A 41 6.93 -0.42 -15.50
N LEU A 42 6.84 0.65 -14.72
CA LEU A 42 6.95 2.02 -15.22
C LEU A 42 8.21 2.18 -16.07
N ASP A 43 9.33 1.66 -15.57
CA ASP A 43 10.59 1.71 -16.29
C ASP A 43 10.47 1.00 -17.63
N GLU A 44 9.75 -0.11 -17.60
CA GLU A 44 9.52 -0.91 -18.80
C GLU A 44 8.70 -0.12 -19.81
N LEU A 45 7.70 0.61 -19.34
CA LEU A 45 6.87 1.41 -20.21
C LEU A 45 7.67 2.55 -20.84
N ASN A 46 8.64 3.06 -20.10
CA ASN A 46 9.47 4.17 -20.58
C ASN A 46 10.22 3.77 -21.84
N GLU A 47 10.65 2.54 -21.88
CA GLU A 47 11.38 2.02 -23.01
C GLU A 47 10.45 1.41 -24.07
N ASN A 48 9.42 0.70 -23.63
CA ASN A 48 8.51 0.02 -24.55
C ASN A 48 7.48 0.99 -25.18
N LYS A 49 7.05 2.01 -24.40
CA LYS A 49 6.04 3.02 -24.85
C LYS A 49 4.72 2.38 -25.34
N SER A 50 4.50 1.11 -25.02
CA SER A 50 3.28 0.41 -25.42
C SER A 50 2.04 1.02 -24.77
N LYS A 51 1.09 1.45 -25.59
CA LYS A 51 -0.15 2.03 -25.09
C LYS A 51 -0.95 1.01 -24.27
N GLU A 52 -0.98 -0.22 -24.73
CA GLU A 52 -1.67 -1.30 -24.01
C GLU A 52 -1.04 -1.49 -22.64
N LEU A 53 0.29 -1.51 -22.60
CA LEU A 53 1.00 -1.63 -21.35
C LEU A 53 0.67 -0.44 -20.45
N GLN A 54 0.60 0.73 -21.07
CA GLN A 54 0.22 1.96 -20.38
C GLN A 54 -1.11 1.80 -19.65
N GLU A 55 -2.13 1.36 -20.37
CA GLU A 55 -3.46 1.19 -19.81
C GLU A 55 -3.46 0.23 -18.64
N LYS A 56 -2.79 -0.90 -18.79
CA LYS A 56 -2.73 -1.91 -17.73
C LYS A 56 -2.02 -1.36 -16.48
N ILE A 57 -0.91 -0.69 -16.69
CA ILE A 57 -0.12 -0.14 -15.59
C ILE A 57 -0.92 0.91 -14.79
N ILE A 58 -1.48 1.90 -15.49
CA ILE A 58 -2.23 2.95 -14.81
C ILE A 58 -3.52 2.42 -14.18
N ARG A 59 -4.17 1.46 -14.83
CA ARG A 59 -5.41 0.87 -14.31
C ARG A 59 -5.15 0.10 -13.02
N GLU A 60 -4.14 -0.74 -13.00
CA GLU A 60 -3.83 -1.52 -11.81
C GLU A 60 -3.32 -0.64 -10.69
N LEU A 61 -2.57 0.40 -11.03
CA LEU A 61 -2.05 1.32 -10.04
C LEU A 61 -3.22 2.01 -9.32
N ASP A 62 -4.18 2.47 -10.11
CA ASP A 62 -5.35 3.18 -9.59
C ASP A 62 -6.19 2.32 -8.65
N VAL A 63 -6.50 1.09 -9.08
CA VAL A 63 -7.33 0.19 -8.27
C VAL A 63 -6.65 -0.15 -6.92
N VAL A 64 -5.32 -0.31 -6.95
CA VAL A 64 -4.58 -0.60 -5.74
C VAL A 64 -4.50 0.63 -4.86
N CYS A 65 -4.38 1.79 -5.48
CA CYS A 65 -4.32 3.03 -4.75
C CYS A 65 -5.64 3.28 -4.03
N ALA A 66 -6.75 2.95 -4.69
CA ALA A 66 -8.07 3.12 -4.13
C ALA A 66 -8.32 2.19 -2.95
N MET A 67 -7.99 0.90 -3.11
CA MET A 67 -8.21 -0.06 -2.03
C MET A 67 -7.35 0.31 -0.81
N ILE A 68 -6.14 0.78 -1.08
CA ILE A 68 -5.23 1.20 -0.03
C ILE A 68 -5.78 2.41 0.72
N GLU A 69 -6.35 3.36 -0.03
CA GLU A 69 -6.90 4.57 0.57
C GLU A 69 -8.12 4.25 1.43
N GLY A 70 -8.94 3.32 0.95
CA GLY A 70 -10.14 2.94 1.67
C GLY A 70 -9.82 2.28 2.99
N ALA A 71 -8.89 1.34 2.95
CA ALA A 71 -8.48 0.64 4.15
C ALA A 71 -7.77 1.58 5.10
N GLN A 72 -6.94 2.46 4.55
CA GLN A 72 -6.20 3.42 5.37
C GLN A 72 -7.15 4.35 6.09
N GLY A 73 -8.14 4.87 5.36
CA GLY A 73 -9.07 5.82 5.94
C GLY A 73 -9.92 5.18 7.01
N ALA A 74 -10.37 3.96 6.75
CA ALA A 74 -11.20 3.22 7.67
C ALA A 74 -10.43 2.87 8.93
N LEU A 75 -9.29 2.21 8.74
CA LEU A 75 -8.45 1.80 9.85
C LEU A 75 -8.01 3.00 10.69
N GLU A 76 -7.66 4.10 10.02
CA GLU A 76 -7.26 5.34 10.69
C GLU A 76 -8.32 5.79 11.67
N ARG A 77 -9.56 5.89 11.21
CA ARG A 77 -10.68 6.33 12.04
C ARG A 77 -10.83 5.40 13.26
N GLU A 78 -10.69 4.11 13.02
CA GLU A 78 -10.82 3.11 14.08
C GLU A 78 -9.67 3.18 15.07
N LEU A 79 -8.45 3.09 14.57
CA LEU A 79 -7.29 3.13 15.44
C LEU A 79 -7.21 4.42 16.22
N LYS A 80 -7.83 5.47 15.70
CA LYS A 80 -7.79 6.75 16.35
C LYS A 80 -8.61 6.75 17.65
N ARG A 81 -9.46 5.74 17.79
CA ARG A 81 -10.28 5.57 18.98
C ARG A 81 -9.46 4.87 20.07
N THR A 82 -8.47 4.12 19.66
CA THR A 82 -7.58 3.42 20.58
C THR A 82 -6.35 4.28 20.85
N ASP A 83 -6.25 5.35 20.05
CA ASP A 83 -5.19 6.38 20.18
C ASP A 83 -5.05 6.85 21.63
N LEU A 84 -4.18 6.19 22.36
CA LEU A 84 -3.86 6.49 23.72
C LEU A 84 -2.55 5.81 24.06
N ASN A 85 -1.86 6.32 25.07
CA ASN A 85 -0.58 5.76 25.51
C ASN A 85 0.57 6.20 24.62
N ILE A 86 1.72 6.36 25.22
CA ILE A 86 2.90 6.84 24.54
C ILE A 86 3.32 5.96 23.35
N LEU A 87 3.20 4.64 23.52
CA LEU A 87 3.65 3.72 22.48
C LEU A 87 2.65 3.69 21.33
N GLU A 88 1.37 3.49 21.66
CA GLU A 88 0.32 3.44 20.65
C GLU A 88 0.30 4.71 19.83
N ARG A 89 0.35 5.86 20.50
CA ARG A 89 0.30 7.13 19.82
C ARG A 89 1.49 7.27 18.86
N PHE A 90 2.68 6.89 19.35
CA PHE A 90 3.90 6.94 18.56
C PHE A 90 3.83 5.99 17.36
N ASN A 91 3.32 4.79 17.61
CA ASN A 91 3.18 3.76 16.58
C ASN A 91 2.27 4.26 15.45
N TYR A 92 1.12 4.79 15.84
CA TYR A 92 0.15 5.36 14.89
C TYR A 92 0.79 6.42 14.02
N GLU A 93 1.52 7.34 14.67
CA GLU A 93 2.21 8.41 13.96
C GLU A 93 3.18 7.84 12.93
N GLU A 94 3.89 6.80 13.32
CA GLU A 94 4.91 6.20 12.48
C GLU A 94 4.28 5.53 11.27
N ALA A 95 3.28 4.66 11.50
CA ALA A 95 2.60 3.97 10.42
C ALA A 95 1.96 4.97 9.45
N GLN A 96 1.39 6.03 10.02
CA GLN A 96 0.80 7.09 9.23
C GLN A 96 1.87 7.74 8.37
N THR A 97 3.04 7.94 8.95
CA THR A 97 4.15 8.54 8.25
C THR A 97 4.57 7.70 7.03
N LEU A 98 4.66 6.38 7.22
CA LEU A 98 5.09 5.50 6.14
C LEU A 98 4.02 5.41 5.06
N SER A 99 2.77 5.32 5.48
CA SER A 99 1.67 5.21 4.53
C SER A 99 1.60 6.44 3.63
N LYS A 100 1.84 7.62 4.24
CA LYS A 100 1.86 8.88 3.50
C LYS A 100 2.97 8.87 2.46
N ILE A 101 4.11 8.27 2.82
CA ILE A 101 5.23 8.14 1.89
C ILE A 101 4.82 7.31 0.68
N LEU A 102 4.12 6.21 0.95
CA LEU A 102 3.66 5.30 -0.09
C LEU A 102 2.68 6.00 -1.03
N LEU A 103 1.73 6.73 -0.44
CA LEU A 103 0.72 7.46 -1.21
C LEU A 103 1.37 8.46 -2.15
N LYS A 104 2.35 9.20 -1.63
CA LYS A 104 3.06 10.17 -2.44
C LYS A 104 3.81 9.50 -3.58
N ASP A 105 4.48 8.39 -3.30
CA ASP A 105 5.23 7.71 -4.35
C ASP A 105 4.29 7.12 -5.40
N LEU A 106 3.10 6.69 -4.97
CA LEU A 106 2.11 6.18 -5.92
C LEU A 106 1.72 7.27 -6.90
N LYS A 107 1.37 8.43 -6.37
CA LYS A 107 0.98 9.58 -7.19
C LYS A 107 2.13 10.06 -8.07
N GLU A 108 3.36 9.89 -7.59
CA GLU A 108 4.54 10.25 -8.37
C GLU A 108 4.68 9.29 -9.54
N THR A 109 4.43 8.02 -9.27
CA THR A 109 4.49 6.99 -10.28
C THR A 109 3.37 7.18 -11.31
N GLU A 110 2.14 7.38 -10.81
CA GLU A 110 0.98 7.67 -11.67
C GLU A 110 1.28 8.82 -12.62
N GLN A 111 1.83 9.88 -12.06
CA GLN A 111 2.23 11.04 -12.82
C GLN A 111 3.24 10.68 -13.92
N LYS A 112 4.19 9.82 -13.57
CA LYS A 112 5.23 9.41 -14.51
C LYS A 112 4.66 8.56 -15.64
N VAL A 113 3.89 7.56 -15.25
CA VAL A 113 3.31 6.63 -16.19
C VAL A 113 2.39 7.34 -17.18
N LYS A 114 1.56 8.26 -16.66
CA LYS A 114 0.68 9.03 -17.50
C LYS A 114 1.48 10.06 -18.31
N ASP A 115 2.71 10.35 -17.87
CA ASP A 115 3.59 11.28 -18.56
C ASP A 115 4.14 10.65 -19.85
N ILE A 116 4.17 9.32 -19.90
CA ILE A 116 4.65 8.62 -21.10
C ILE A 116 3.61 8.75 -22.22
N GLN A 117 4.04 9.31 -23.34
CA GLN A 117 3.18 9.48 -24.49
C GLN A 117 2.99 8.16 -25.25
N THR A 118 1.76 7.72 -25.35
CA THR A 118 1.44 6.48 -26.03
C THR A 118 0.40 6.73 -27.12
N GLN A 119 0.38 5.89 -28.15
CA GLN A 119 -0.64 6.01 -29.19
C GLN A 119 -2.03 5.77 -28.62
N GLN A 3 13.93 -30.52 -12.27
CA GLN A 3 14.36 -29.47 -11.33
C GLN A 3 13.31 -28.37 -11.24
N GLU A 4 12.19 -28.59 -11.91
CA GLU A 4 11.13 -27.61 -11.99
C GLU A 4 10.41 -27.47 -10.66
N HIS A 5 10.27 -28.56 -9.94
CA HIS A 5 9.60 -28.52 -8.66
C HIS A 5 10.56 -28.23 -7.55
N LYS A 6 10.80 -26.95 -7.30
CA LYS A 6 11.65 -26.54 -6.19
C LYS A 6 11.11 -27.08 -4.87
N PRO A 7 11.95 -27.11 -3.82
CA PRO A 7 11.56 -27.63 -2.50
C PRO A 7 10.37 -26.87 -1.88
N LYS A 8 9.17 -27.29 -2.24
CA LYS A 8 7.95 -26.73 -1.70
C LYS A 8 7.93 -26.82 -0.19
N LYS A 9 7.85 -25.69 0.46
CA LYS A 9 7.80 -25.63 1.90
C LYS A 9 6.34 -25.75 2.36
N ASP A 10 6.08 -25.42 3.61
CA ASP A 10 4.73 -25.48 4.15
C ASP A 10 3.86 -24.40 3.50
N ASP A 11 2.55 -24.51 3.69
CA ASP A 11 1.59 -23.55 3.15
C ASP A 11 1.90 -22.16 3.68
N PHE A 12 2.28 -22.11 4.97
CA PHE A 12 2.60 -20.86 5.65
C PHE A 12 1.42 -19.89 5.57
N ARG A 13 0.41 -20.16 6.38
CA ARG A 13 -0.78 -19.34 6.41
C ARG A 13 -0.52 -18.05 7.18
N ASN A 14 -1.06 -16.95 6.70
CA ASN A 14 -0.95 -15.67 7.37
C ASN A 14 -1.70 -15.73 8.70
N GLU A 15 -1.02 -15.36 9.77
CA GLU A 15 -1.60 -15.42 11.10
C GLU A 15 -2.87 -14.57 11.21
N PHE A 16 -2.78 -13.34 10.68
CA PHE A 16 -3.90 -12.40 10.65
C PHE A 16 -4.64 -12.34 11.98
N ASP A 17 -4.00 -11.74 12.97
CA ASP A 17 -4.58 -11.62 14.31
C ASP A 17 -5.70 -10.61 14.33
N HIS A 18 -5.72 -9.73 13.32
CA HIS A 18 -6.76 -8.71 13.16
C HIS A 18 -6.66 -7.62 14.24
N LEU A 19 -5.47 -7.07 14.43
CA LEU A 19 -5.30 -5.96 15.35
C LEU A 19 -5.24 -4.67 14.55
N LEU A 20 -5.22 -3.54 15.23
CA LEU A 20 -5.18 -2.25 14.56
C LEU A 20 -3.89 -2.07 13.75
N ILE A 21 -2.79 -1.84 14.45
CA ILE A 21 -1.50 -1.64 13.79
C ILE A 21 -1.05 -2.89 13.02
N GLU A 22 -1.55 -4.05 13.44
CA GLU A 22 -1.21 -5.30 12.77
C GLU A 22 -1.71 -5.28 11.32
N GLN A 23 -2.95 -4.85 11.14
CA GLN A 23 -3.53 -4.78 9.81
C GLN A 23 -2.90 -3.63 9.01
N ALA A 24 -2.41 -2.62 9.74
CA ALA A 24 -1.82 -1.45 9.12
C ALA A 24 -0.43 -1.76 8.59
N ASN A 25 0.38 -2.40 9.43
CA ASN A 25 1.76 -2.73 9.05
C ASN A 25 1.77 -3.75 7.93
N HIS A 26 0.76 -4.61 7.90
CA HIS A 26 0.68 -5.60 6.84
C HIS A 26 0.32 -4.93 5.51
N ALA A 27 -0.60 -3.98 5.54
CA ALA A 27 -1.00 -3.27 4.33
C ALA A 27 0.16 -2.46 3.74
N ILE A 28 0.85 -1.69 4.59
CA ILE A 28 1.97 -0.87 4.12
C ILE A 28 3.11 -1.74 3.60
N GLU A 29 3.27 -2.92 4.20
CA GLU A 29 4.27 -3.88 3.74
C GLU A 29 3.96 -4.29 2.31
N LYS A 30 2.70 -4.61 2.06
CA LYS A 30 2.26 -4.99 0.74
C LYS A 30 2.43 -3.81 -0.21
N GLY A 31 2.13 -2.60 0.28
CA GLY A 31 2.27 -1.40 -0.51
C GLY A 31 3.71 -1.19 -0.96
N GLU A 32 4.63 -1.40 -0.03
CA GLU A 32 6.05 -1.26 -0.28
C GLU A 32 6.45 -2.17 -1.45
N HIS A 33 5.98 -3.40 -1.39
CA HIS A 33 6.32 -4.41 -2.39
C HIS A 33 5.72 -4.07 -3.76
N GLN A 34 4.45 -3.71 -3.79
CA GLN A 34 3.79 -3.41 -5.06
C GLN A 34 4.29 -2.08 -5.66
N LEU A 35 4.76 -1.19 -4.81
CA LEU A 35 5.30 0.07 -5.29
C LEU A 35 6.63 -0.15 -6.00
N LEU A 36 7.55 -0.88 -5.36
CA LEU A 36 8.85 -1.14 -5.99
C LEU A 36 8.67 -2.02 -7.21
N TYR A 37 7.59 -2.79 -7.20
CA TYR A 37 7.24 -3.67 -8.30
C TYR A 37 6.83 -2.86 -9.52
N LEU A 38 5.82 -2.01 -9.35
CA LEU A 38 5.30 -1.19 -10.43
C LEU A 38 6.34 -0.22 -10.96
N GLN A 39 7.25 0.23 -10.08
CA GLN A 39 8.33 1.13 -10.52
C GLN A 39 9.14 0.47 -11.62
N HIS A 40 9.34 -0.84 -11.49
CA HIS A 40 10.06 -1.61 -12.50
C HIS A 40 9.30 -1.63 -13.80
N GLN A 41 7.98 -1.70 -13.72
CA GLN A 41 7.16 -1.76 -14.91
C GLN A 41 7.12 -0.41 -15.58
N LEU A 42 7.02 0.65 -14.78
CA LEU A 42 7.11 2.02 -15.27
C LEU A 42 8.39 2.20 -16.09
N ASP A 43 9.50 1.66 -15.59
CA ASP A 43 10.79 1.72 -16.28
C ASP A 43 10.68 1.07 -17.66
N GLU A 44 10.00 -0.05 -17.70
CA GLU A 44 9.77 -0.78 -18.92
C GLU A 44 8.84 0.03 -19.84
N LEU A 45 7.76 0.52 -19.26
CA LEU A 45 6.73 1.31 -19.96
C LEU A 45 7.33 2.54 -20.67
N ASN A 46 8.12 3.34 -19.94
CA ASN A 46 8.68 4.59 -20.52
C ASN A 46 9.60 4.30 -21.68
N GLU A 47 10.23 3.15 -21.65
CA GLU A 47 11.11 2.73 -22.72
C GLU A 47 10.33 2.05 -23.85
N ASN A 48 9.37 1.23 -23.48
CA ASN A 48 8.58 0.46 -24.44
C ASN A 48 7.52 1.33 -25.14
N LYS A 49 7.03 2.39 -24.46
CA LYS A 49 6.01 3.33 -25.01
C LYS A 49 4.71 2.66 -25.51
N SER A 50 4.49 1.42 -25.13
CA SER A 50 3.30 0.69 -25.55
C SER A 50 2.02 1.27 -24.90
N LYS A 51 1.07 1.65 -25.74
CA LYS A 51 -0.22 2.21 -25.31
C LYS A 51 -1.02 1.22 -24.45
N GLU A 52 -1.11 -0.03 -24.90
CA GLU A 52 -1.85 -1.06 -24.17
C GLU A 52 -1.22 -1.33 -22.81
N LEU A 53 0.11 -1.39 -22.78
CA LEU A 53 0.83 -1.56 -21.52
C LEU A 53 0.53 -0.37 -20.60
N GLN A 54 0.49 0.81 -21.19
CA GLN A 54 0.16 2.04 -20.49
C GLN A 54 -1.17 1.90 -19.75
N GLU A 55 -2.18 1.45 -20.49
CA GLU A 55 -3.53 1.29 -19.97
C GLU A 55 -3.57 0.32 -18.79
N LYS A 56 -2.88 -0.81 -18.90
CA LYS A 56 -2.88 -1.80 -17.84
C LYS A 56 -2.14 -1.32 -16.58
N ILE A 57 -0.96 -0.70 -16.77
CA ILE A 57 -0.17 -0.20 -15.64
C ILE A 57 -0.97 0.79 -14.79
N ILE A 58 -1.58 1.77 -15.44
CA ILE A 58 -2.38 2.77 -14.74
C ILE A 58 -3.62 2.12 -14.15
N ARG A 59 -4.11 1.10 -14.80
CA ARG A 59 -5.28 0.43 -14.35
C ARG A 59 -5.04 -0.29 -13.03
N GLU A 60 -4.02 -1.12 -12.97
CA GLU A 60 -3.73 -1.86 -11.75
C GLU A 60 -3.30 -0.91 -10.64
N LEU A 61 -2.62 0.17 -11.01
CA LEU A 61 -2.18 1.17 -10.05
C LEU A 61 -3.38 1.82 -9.38
N ASP A 62 -4.38 2.16 -10.19
CA ASP A 62 -5.62 2.78 -9.72
C ASP A 62 -6.34 1.87 -8.72
N VAL A 63 -6.41 0.58 -9.03
CA VAL A 63 -7.05 -0.39 -8.16
C VAL A 63 -6.34 -0.49 -6.80
N VAL A 64 -5.02 -0.61 -6.84
CA VAL A 64 -4.22 -0.74 -5.63
C VAL A 64 -4.27 0.51 -4.76
N CYS A 65 -4.18 1.68 -5.37
CA CYS A 65 -4.20 2.91 -4.60
C CYS A 65 -5.56 3.09 -3.93
N ALA A 66 -6.62 2.63 -4.60
CA ALA A 66 -7.97 2.70 -4.06
C ALA A 66 -8.12 1.83 -2.81
N MET A 67 -7.72 0.56 -2.91
CA MET A 67 -7.85 -0.35 -1.77
C MET A 67 -7.01 0.11 -0.59
N ILE A 68 -5.82 0.63 -0.90
CA ILE A 68 -4.92 1.13 0.14
C ILE A 68 -5.51 2.35 0.86
N GLU A 69 -6.05 3.29 0.10
CA GLU A 69 -6.60 4.50 0.70
C GLU A 69 -7.87 4.21 1.47
N GLY A 70 -8.67 3.27 0.98
CA GLY A 70 -9.90 2.92 1.64
C GLY A 70 -9.68 2.29 3.00
N ALA A 71 -8.77 1.31 3.03
CA ALA A 71 -8.44 0.61 4.26
C ALA A 71 -7.70 1.54 5.20
N GLN A 72 -6.83 2.39 4.64
CA GLN A 72 -6.06 3.33 5.43
C GLN A 72 -7.00 4.27 6.19
N GLY A 73 -8.01 4.75 5.46
CA GLY A 73 -8.96 5.68 6.03
C GLY A 73 -9.85 5.05 7.08
N ALA A 74 -10.31 3.84 6.79
CA ALA A 74 -11.22 3.12 7.66
C ALA A 74 -10.54 2.76 8.98
N LEU A 75 -9.39 2.10 8.86
CA LEU A 75 -8.63 1.69 10.02
C LEU A 75 -8.21 2.90 10.86
N GLU A 76 -7.81 3.98 10.19
CA GLU A 76 -7.39 5.21 10.86
C GLU A 76 -8.47 5.70 11.83
N ARG A 77 -9.68 5.83 11.31
CA ARG A 77 -10.82 6.28 12.11
C ARG A 77 -11.04 5.36 13.31
N GLU A 78 -10.91 4.08 13.09
CA GLU A 78 -11.11 3.08 14.15
C GLU A 78 -9.99 3.13 15.19
N LEU A 79 -8.74 2.97 14.74
CA LEU A 79 -7.59 2.97 15.65
C LEU A 79 -7.46 4.27 16.44
N LYS A 80 -8.04 5.34 15.91
CA LYS A 80 -7.96 6.64 16.55
C LYS A 80 -8.77 6.70 17.85
N ARG A 81 -9.60 5.67 18.07
CA ARG A 81 -10.46 5.63 19.25
C ARG A 81 -9.64 5.75 20.53
N THR A 82 -8.60 4.96 20.63
CA THR A 82 -7.74 4.98 21.79
C THR A 82 -6.31 5.33 21.37
N ASP A 83 -5.85 6.51 21.74
CA ASP A 83 -4.51 6.95 21.36
C ASP A 83 -3.82 7.61 22.54
N LEU A 84 -4.25 7.27 23.75
CA LEU A 84 -3.69 7.88 24.96
C LEU A 84 -2.38 7.24 25.34
N ASN A 85 -2.21 6.07 24.88
CA ASN A 85 -1.05 5.30 25.20
C ASN A 85 0.16 5.78 24.41
N ILE A 86 1.27 5.97 25.12
CA ILE A 86 2.50 6.50 24.53
C ILE A 86 2.99 5.70 23.32
N LEU A 87 2.98 4.36 23.45
CA LEU A 87 3.46 3.50 22.37
C LEU A 87 2.54 3.63 21.17
N GLU A 88 1.23 3.62 21.42
CA GLU A 88 0.26 3.71 20.36
C GLU A 88 0.42 5.02 19.61
N ARG A 89 0.69 6.11 20.34
CA ARG A 89 0.90 7.41 19.70
C ARG A 89 2.05 7.33 18.72
N PHE A 90 3.17 6.81 19.22
CA PHE A 90 4.39 6.65 18.45
C PHE A 90 4.15 5.74 17.25
N ASN A 91 3.43 4.66 17.48
CA ASN A 91 3.15 3.68 16.43
C ASN A 91 2.28 4.33 15.35
N TYR A 92 1.20 4.97 15.77
CA TYR A 92 0.29 5.67 14.86
C TYR A 92 1.05 6.70 14.03
N GLU A 93 1.84 7.52 14.71
CA GLU A 93 2.64 8.56 14.09
C GLU A 93 3.55 7.97 13.00
N GLU A 94 4.27 6.91 13.33
CA GLU A 94 5.20 6.31 12.40
C GLU A 94 4.49 5.64 11.23
N ALA A 95 3.38 4.96 11.53
CA ALA A 95 2.64 4.25 10.50
C ALA A 95 2.10 5.22 9.46
N GLN A 96 1.51 6.31 9.94
CA GLN A 96 0.94 7.33 9.06
C GLN A 96 2.05 8.01 8.27
N THR A 97 3.22 8.12 8.87
CA THR A 97 4.36 8.67 8.18
C THR A 97 4.72 7.82 6.96
N LEU A 98 4.78 6.50 7.14
CA LEU A 98 5.14 5.60 6.07
C LEU A 98 4.07 5.55 5.00
N SER A 99 2.80 5.58 5.42
CA SER A 99 1.70 5.53 4.49
C SER A 99 1.71 6.73 3.54
N LYS A 100 1.98 7.92 4.10
CA LYS A 100 2.09 9.14 3.31
C LYS A 100 3.22 9.03 2.31
N ILE A 101 4.31 8.40 2.72
CA ILE A 101 5.44 8.20 1.84
C ILE A 101 5.04 7.32 0.66
N LEU A 102 4.38 6.21 0.97
CA LEU A 102 3.93 5.24 -0.03
C LEU A 102 2.96 5.87 -1.02
N LEU A 103 1.98 6.61 -0.51
CA LEU A 103 1.01 7.27 -1.35
C LEU A 103 1.68 8.29 -2.26
N LYS A 104 2.64 9.03 -1.72
CA LYS A 104 3.41 9.96 -2.53
C LYS A 104 4.06 9.23 -3.69
N ASP A 105 4.76 8.16 -3.40
CA ASP A 105 5.44 7.38 -4.43
C ASP A 105 4.46 6.78 -5.44
N LEU A 106 3.28 6.35 -5.00
CA LEU A 106 2.28 5.83 -5.93
C LEU A 106 1.82 6.95 -6.85
N LYS A 107 1.43 8.08 -6.26
CA LYS A 107 0.99 9.25 -7.02
C LYS A 107 2.08 9.73 -7.97
N GLU A 108 3.32 9.60 -7.56
CA GLU A 108 4.44 9.97 -8.41
C GLU A 108 4.52 9.04 -9.62
N THR A 109 4.26 7.76 -9.37
CA THR A 109 4.29 6.76 -10.43
C THR A 109 3.25 7.07 -11.51
N GLU A 110 1.99 7.26 -11.10
CA GLU A 110 0.91 7.60 -12.04
C GLU A 110 1.25 8.86 -12.85
N GLN A 111 1.87 9.85 -12.20
CA GLN A 111 2.30 11.07 -12.89
C GLN A 111 3.21 10.73 -14.06
N LYS A 112 4.19 9.88 -13.80
CA LYS A 112 5.15 9.47 -14.82
C LYS A 112 4.50 8.64 -15.90
N VAL A 113 3.61 7.74 -15.48
CA VAL A 113 2.86 6.91 -16.41
C VAL A 113 2.10 7.79 -17.37
N LYS A 114 1.33 8.72 -16.80
CA LYS A 114 0.53 9.65 -17.57
C LYS A 114 1.41 10.60 -18.36
N ASP A 115 2.66 10.74 -17.96
CA ASP A 115 3.61 11.61 -18.64
C ASP A 115 4.02 11.01 -19.97
N ILE A 116 4.03 9.67 -20.06
CA ILE A 116 4.42 8.99 -21.29
C ILE A 116 3.31 9.13 -22.34
N GLN A 117 3.65 9.74 -23.45
CA GLN A 117 2.74 9.89 -24.57
C GLN A 117 2.58 8.56 -25.32
N THR A 118 1.35 8.10 -25.43
CA THR A 118 1.06 6.88 -26.15
C THR A 118 0.02 7.13 -27.22
N GLN A 119 -0.04 6.29 -28.23
CA GLN A 119 -1.04 6.43 -29.28
C GLN A 119 -2.44 6.20 -28.73
N GLN A 3 1.47 -28.03 -8.44
CA GLN A 3 1.24 -26.61 -8.12
C GLN A 3 -0.08 -26.12 -8.73
N GLU A 4 -0.84 -27.05 -9.30
CA GLU A 4 -2.12 -26.72 -9.92
C GLU A 4 -3.11 -26.26 -8.86
N HIS A 5 -3.25 -27.04 -7.81
CA HIS A 5 -4.11 -26.69 -6.70
C HIS A 5 -3.30 -26.46 -5.45
N LYS A 6 -3.87 -25.78 -4.48
CA LYS A 6 -3.18 -25.47 -3.26
C LYS A 6 -4.01 -25.96 -2.08
N PRO A 7 -3.40 -26.23 -0.92
CA PRO A 7 -4.10 -26.74 0.26
C PRO A 7 -5.14 -25.75 0.82
N LYS A 8 -4.82 -25.09 1.93
CA LYS A 8 -5.72 -24.10 2.49
C LYS A 8 -5.25 -22.69 2.16
N LYS A 9 -6.00 -21.69 2.61
CA LYS A 9 -5.67 -20.30 2.37
C LYS A 9 -4.48 -19.86 3.22
N ASP A 10 -4.35 -20.48 4.38
CA ASP A 10 -3.31 -20.10 5.31
C ASP A 10 -2.10 -20.99 5.13
N ASP A 11 -1.12 -20.82 5.99
CA ASP A 11 0.12 -21.58 5.93
C ASP A 11 0.07 -22.68 6.98
N PHE A 12 -1.15 -23.11 7.33
CA PHE A 12 -1.37 -24.09 8.39
C PHE A 12 -0.85 -23.51 9.70
N ARG A 13 -1.08 -22.22 9.85
CA ARG A 13 -0.61 -21.47 10.99
C ARG A 13 -1.39 -20.17 11.04
N ASN A 14 -1.90 -19.84 12.20
CA ASN A 14 -2.64 -18.60 12.36
C ASN A 14 -1.76 -17.55 13.01
N GLU A 15 -1.87 -16.33 12.53
CA GLU A 15 -1.11 -15.22 13.08
C GLU A 15 -1.56 -14.89 14.50
N PHE A 16 -2.89 -14.86 14.72
CA PHE A 16 -3.48 -14.66 16.06
C PHE A 16 -3.41 -13.21 16.54
N ASP A 17 -2.46 -12.43 16.03
CA ASP A 17 -2.27 -11.04 16.47
C ASP A 17 -3.56 -10.25 16.39
N HIS A 18 -4.11 -10.12 15.19
CA HIS A 18 -5.37 -9.39 14.97
C HIS A 18 -5.30 -7.98 15.55
N LEU A 19 -4.15 -7.32 15.46
CA LEU A 19 -4.00 -5.97 15.96
C LEU A 19 -4.13 -4.99 14.81
N LEU A 20 -4.59 -3.79 15.13
CA LEU A 20 -4.78 -2.74 14.13
C LEU A 20 -3.46 -2.40 13.43
N ILE A 21 -2.41 -2.24 14.22
CA ILE A 21 -1.09 -1.91 13.67
C ILE A 21 -0.53 -3.08 12.87
N GLU A 22 -0.66 -4.29 13.41
CA GLU A 22 -0.19 -5.49 12.72
C GLU A 22 -0.84 -5.61 11.34
N GLN A 23 -2.13 -5.32 11.27
CA GLN A 23 -2.84 -5.37 10.00
C GLN A 23 -2.29 -4.32 9.03
N ALA A 24 -2.19 -3.07 9.50
CA ALA A 24 -1.67 -1.97 8.70
C ALA A 24 -0.24 -2.24 8.24
N ASN A 25 0.54 -2.84 9.13
CA ASN A 25 1.93 -3.18 8.83
C ASN A 25 2.01 -4.13 7.65
N HIS A 26 1.05 -5.03 7.56
CA HIS A 26 0.98 -5.96 6.46
C HIS A 26 0.61 -5.25 5.16
N ALA A 27 -0.36 -4.35 5.21
CA ALA A 27 -0.80 -3.65 4.01
C ALA A 27 0.28 -2.73 3.46
N ILE A 28 0.96 -1.98 4.33
CA ILE A 28 2.00 -1.08 3.87
C ILE A 28 3.19 -1.85 3.29
N GLU A 29 3.50 -2.99 3.89
CA GLU A 29 4.57 -3.86 3.39
C GLU A 29 4.20 -4.36 2.00
N LYS A 30 2.94 -4.70 1.82
CA LYS A 30 2.44 -5.20 0.54
C LYS A 30 2.45 -4.08 -0.49
N GLY A 31 1.94 -2.92 -0.10
CA GLY A 31 1.88 -1.78 -1.00
C GLY A 31 3.24 -1.34 -1.46
N GLU A 32 4.18 -1.30 -0.52
CA GLU A 32 5.54 -0.89 -0.82
C GLU A 32 6.15 -1.83 -1.85
N HIS A 33 5.95 -3.12 -1.65
CA HIS A 33 6.50 -4.14 -2.52
C HIS A 33 5.94 -4.01 -3.94
N GLN A 34 4.64 -3.79 -4.05
CA GLN A 34 4.01 -3.63 -5.36
C GLN A 34 4.43 -2.31 -6.01
N LEU A 35 4.83 -1.34 -5.20
CA LEU A 35 5.30 -0.06 -5.70
C LEU A 35 6.64 -0.26 -6.41
N LEU A 36 7.54 -1.01 -5.77
CA LEU A 36 8.83 -1.31 -6.37
C LEU A 36 8.62 -2.17 -7.61
N TYR A 37 7.54 -2.93 -7.59
CA TYR A 37 7.19 -3.80 -8.68
C TYR A 37 6.76 -2.99 -9.91
N LEU A 38 5.72 -2.17 -9.74
CA LEU A 38 5.17 -1.35 -10.82
C LEU A 38 6.19 -0.32 -11.32
N GLN A 39 7.02 0.18 -10.41
CA GLN A 39 8.04 1.17 -10.76
C GLN A 39 8.97 0.60 -11.83
N HIS A 40 9.25 -0.70 -11.74
CA HIS A 40 10.07 -1.35 -12.75
C HIS A 40 9.33 -1.42 -14.07
N GLN A 41 8.04 -1.72 -14.00
CA GLN A 41 7.20 -1.75 -15.20
C GLN A 41 7.21 -0.39 -15.89
N LEU A 42 7.13 0.68 -15.08
CA LEU A 42 7.26 2.06 -15.57
C LEU A 42 8.53 2.22 -16.40
N ASP A 43 9.65 1.72 -15.87
CA ASP A 43 10.93 1.79 -16.57
C ASP A 43 10.83 1.10 -17.94
N GLU A 44 10.11 -0.01 -17.97
CA GLU A 44 9.87 -0.76 -19.20
C GLU A 44 8.97 0.06 -20.14
N LEU A 45 7.93 0.66 -19.57
CA LEU A 45 6.98 1.50 -20.30
C LEU A 45 7.70 2.62 -21.06
N ASN A 46 8.73 3.18 -20.44
CA ASN A 46 9.54 4.24 -21.06
C ASN A 46 10.12 3.78 -22.38
N GLU A 47 10.49 2.52 -22.44
CA GLU A 47 11.11 1.94 -23.61
C GLU A 47 10.08 1.52 -24.66
N ASN A 48 9.02 0.85 -24.22
CA ASN A 48 8.02 0.32 -25.15
C ASN A 48 7.06 1.41 -25.63
N LYS A 49 6.73 2.33 -24.72
CA LYS A 49 5.72 3.38 -24.98
C LYS A 49 4.35 2.71 -25.25
N SER A 50 4.23 1.47 -24.77
CA SER A 50 3.04 0.65 -24.97
C SER A 50 1.81 1.25 -24.29
N LYS A 51 0.83 1.60 -25.10
CA LYS A 51 -0.42 2.11 -24.61
C LYS A 51 -1.12 1.06 -23.72
N GLU A 52 -1.00 -0.21 -24.10
CA GLU A 52 -1.58 -1.31 -23.34
C GLU A 52 -0.91 -1.41 -21.98
N LEU A 53 0.41 -1.34 -21.94
CA LEU A 53 1.13 -1.39 -20.68
C LEU A 53 0.73 -0.19 -19.83
N GLN A 54 0.59 0.97 -20.47
CA GLN A 54 0.14 2.18 -19.77
C GLN A 54 -1.23 1.93 -19.14
N GLU A 55 -2.14 1.38 -19.95
CA GLU A 55 -3.49 1.07 -19.52
C GLU A 55 -3.50 0.15 -18.30
N LYS A 56 -2.73 -0.93 -18.36
CA LYS A 56 -2.66 -1.88 -17.26
C LYS A 56 -2.09 -1.23 -16.01
N ILE A 57 -1.01 -0.49 -16.17
CA ILE A 57 -0.36 0.17 -15.04
C ILE A 57 -1.31 1.17 -14.38
N ILE A 58 -1.91 2.03 -15.18
CA ILE A 58 -2.87 3.03 -14.67
C ILE A 58 -4.03 2.35 -13.96
N ARG A 59 -4.58 1.32 -14.57
CA ARG A 59 -5.75 0.64 -14.03
C ARG A 59 -5.43 -0.10 -12.73
N GLU A 60 -4.39 -0.93 -12.74
CA GLU A 60 -4.06 -1.69 -11.54
C GLU A 60 -3.51 -0.79 -10.43
N LEU A 61 -2.78 0.24 -10.79
CA LEU A 61 -2.25 1.17 -9.81
C LEU A 61 -3.40 1.90 -9.11
N ASP A 62 -4.35 2.39 -9.91
CA ASP A 62 -5.51 3.13 -9.40
C ASP A 62 -6.35 2.29 -8.44
N VAL A 63 -6.62 1.05 -8.83
CA VAL A 63 -7.44 0.17 -7.98
C VAL A 63 -6.74 -0.12 -6.66
N VAL A 64 -5.43 -0.28 -6.70
CA VAL A 64 -4.66 -0.54 -5.48
C VAL A 64 -4.62 0.73 -4.64
N CYS A 65 -4.49 1.88 -5.29
CA CYS A 65 -4.47 3.15 -4.58
C CYS A 65 -5.80 3.34 -3.86
N ALA A 66 -6.87 2.98 -4.53
CA ALA A 66 -8.22 3.13 -3.98
C ALA A 66 -8.42 2.21 -2.78
N MET A 67 -8.09 0.93 -2.92
CA MET A 67 -8.27 -0.02 -1.82
C MET A 67 -7.34 0.32 -0.65
N ILE A 68 -6.15 0.81 -0.96
CA ILE A 68 -5.19 1.23 0.07
C ILE A 68 -5.69 2.47 0.80
N GLU A 69 -6.21 3.44 0.04
CA GLU A 69 -6.75 4.67 0.63
C GLU A 69 -7.97 4.33 1.47
N GLY A 70 -8.71 3.33 1.02
CA GLY A 70 -9.89 2.91 1.72
C GLY A 70 -9.56 2.31 3.07
N ALA A 71 -8.57 1.43 3.08
CA ALA A 71 -8.14 0.76 4.29
C ALA A 71 -7.42 1.73 5.22
N GLN A 72 -6.48 2.51 4.68
CA GLN A 72 -5.70 3.43 5.51
C GLN A 72 -6.61 4.44 6.19
N GLY A 73 -7.63 4.89 5.45
CA GLY A 73 -8.59 5.84 5.98
C GLY A 73 -9.47 5.22 7.05
N ALA A 74 -9.89 3.98 6.78
CA ALA A 74 -10.77 3.25 7.67
C ALA A 74 -10.08 2.94 9.00
N LEU A 75 -8.93 2.28 8.92
CA LEU A 75 -8.20 1.91 10.12
C LEU A 75 -7.75 3.14 10.90
N GLU A 76 -7.38 4.21 10.18
CA GLU A 76 -6.94 5.46 10.80
C GLU A 76 -8.01 5.98 11.76
N ARG A 77 -9.22 6.11 11.24
CA ARG A 77 -10.35 6.61 12.03
C ARG A 77 -10.64 5.70 13.23
N GLU A 78 -10.52 4.41 13.03
CA GLU A 78 -10.78 3.45 14.09
C GLU A 78 -9.66 3.45 15.12
N LEU A 79 -8.42 3.24 14.67
CA LEU A 79 -7.29 3.19 15.59
C LEU A 79 -7.14 4.47 16.40
N LYS A 80 -7.66 5.56 15.87
CA LYS A 80 -7.49 6.82 16.55
C LYS A 80 -8.34 6.88 17.82
N ARG A 81 -9.35 6.02 17.89
CA ARG A 81 -10.21 5.93 19.06
C ARG A 81 -9.63 4.97 20.06
N THR A 82 -9.00 3.92 19.56
CA THR A 82 -8.44 2.89 20.42
C THR A 82 -7.11 3.33 21.02
N ASP A 83 -6.64 4.52 20.65
CA ASP A 83 -5.40 5.05 21.18
C ASP A 83 -5.54 5.37 22.65
N LEU A 84 -4.77 4.69 23.47
CA LEU A 84 -4.72 4.94 24.88
C LEU A 84 -3.38 4.45 25.40
N ASN A 85 -2.32 5.17 25.05
CA ASN A 85 -0.95 4.82 25.41
C ASN A 85 0.04 5.66 24.61
N ILE A 86 1.07 6.15 25.28
CA ILE A 86 2.11 6.96 24.64
C ILE A 86 2.79 6.20 23.48
N LEU A 87 2.95 4.89 23.67
CA LEU A 87 3.61 4.06 22.67
C LEU A 87 2.71 3.91 21.45
N GLU A 88 1.46 3.55 21.69
CA GLU A 88 0.50 3.38 20.61
C GLU A 88 0.33 4.66 19.83
N ARG A 89 0.35 5.81 20.52
CA ARG A 89 0.25 7.10 19.87
C ARG A 89 1.38 7.25 18.85
N PHE A 90 2.60 6.96 19.32
CA PHE A 90 3.77 7.03 18.47
C PHE A 90 3.66 6.05 17.31
N ASN A 91 3.22 4.83 17.61
CA ASN A 91 3.05 3.79 16.60
C ASN A 91 2.09 4.23 15.52
N TYR A 92 0.90 4.67 15.93
CA TYR A 92 -0.13 5.15 15.02
C TYR A 92 0.39 6.28 14.13
N GLU A 93 0.93 7.30 14.78
CA GLU A 93 1.47 8.47 14.08
C GLU A 93 2.59 8.07 13.12
N GLU A 94 3.42 7.12 13.53
CA GLU A 94 4.51 6.64 12.69
C GLU A 94 3.96 5.91 11.47
N ALA A 95 2.99 5.02 11.70
CA ALA A 95 2.36 4.29 10.61
C ALA A 95 1.71 5.26 9.62
N GLN A 96 1.07 6.29 10.18
CA GLN A 96 0.45 7.33 9.37
C GLN A 96 1.50 8.03 8.52
N THR A 97 2.64 8.27 9.13
CA THR A 97 3.74 8.90 8.44
C THR A 97 4.20 8.07 7.24
N LEU A 98 4.43 6.78 7.47
CA LEU A 98 4.93 5.91 6.42
C LEU A 98 3.89 5.69 5.34
N SER A 99 2.63 5.53 5.75
CA SER A 99 1.55 5.27 4.81
C SER A 99 1.38 6.40 3.81
N LYS A 100 1.31 7.65 4.31
CA LYS A 100 1.13 8.80 3.43
C LYS A 100 2.34 9.00 2.53
N ILE A 101 3.53 8.62 3.00
CA ILE A 101 4.72 8.69 2.17
C ILE A 101 4.58 7.73 0.99
N LEU A 102 4.07 6.53 1.27
CA LEU A 102 3.87 5.51 0.25
C LEU A 102 2.87 6.01 -0.78
N LEU A 103 1.77 6.60 -0.30
CA LEU A 103 0.74 7.16 -1.18
C LEU A 103 1.34 8.17 -2.15
N LYS A 104 2.27 8.99 -1.67
CA LYS A 104 2.93 9.98 -2.50
C LYS A 104 3.83 9.32 -3.54
N ASP A 105 4.47 8.22 -3.19
CA ASP A 105 5.36 7.54 -4.14
C ASP A 105 4.54 6.89 -5.25
N LEU A 106 3.36 6.37 -4.91
CA LEU A 106 2.48 5.80 -5.92
C LEU A 106 2.03 6.88 -6.89
N LYS A 107 1.68 8.05 -6.33
CA LYS A 107 1.27 9.20 -7.13
C LYS A 107 2.39 9.70 -8.03
N GLU A 108 3.62 9.52 -7.58
CA GLU A 108 4.78 9.88 -8.36
C GLU A 108 4.88 8.95 -9.57
N THR A 109 4.60 7.68 -9.32
CA THR A 109 4.64 6.66 -10.34
C THR A 109 3.56 6.88 -11.42
N GLU A 110 2.28 7.02 -11.01
CA GLU A 110 1.20 7.28 -11.98
C GLU A 110 1.49 8.53 -12.81
N GLN A 111 2.07 9.54 -12.19
CA GLN A 111 2.44 10.76 -12.89
C GLN A 111 3.38 10.45 -14.05
N LYS A 112 4.42 9.69 -13.76
CA LYS A 112 5.44 9.36 -14.75
C LYS A 112 4.91 8.52 -15.93
N VAL A 113 4.05 7.56 -15.63
CA VAL A 113 3.49 6.74 -16.68
C VAL A 113 2.60 7.59 -17.58
N LYS A 114 1.92 8.56 -16.97
CA LYS A 114 1.10 9.52 -17.71
C LYS A 114 1.97 10.51 -18.46
N ASP A 115 3.24 10.60 -18.08
CA ASP A 115 4.18 11.46 -18.76
C ASP A 115 4.62 10.84 -20.06
N ILE A 116 4.62 9.52 -20.13
CA ILE A 116 4.96 8.82 -21.35
C ILE A 116 3.79 8.90 -22.34
N GLN A 117 3.99 9.61 -23.43
CA GLN A 117 2.98 9.69 -24.47
C GLN A 117 2.88 8.35 -25.17
N THR A 118 1.69 7.82 -25.25
CA THR A 118 1.47 6.55 -25.86
C THR A 118 0.59 6.67 -27.09
N GLN A 119 0.42 5.54 -27.78
CA GLN A 119 -0.39 5.44 -28.97
C GLN A 119 0.05 6.46 -30.04
N GLN A 3 -2.81 -24.93 18.73
CA GLN A 3 -2.74 -23.52 19.19
C GLN A 3 -3.96 -22.73 18.73
N GLU A 4 -4.52 -23.13 17.61
CA GLU A 4 -5.68 -22.46 17.02
C GLU A 4 -6.87 -22.54 17.96
N HIS A 5 -7.62 -21.45 18.02
CA HIS A 5 -8.82 -21.41 18.82
C HIS A 5 -10.04 -21.44 17.92
N LYS A 6 -10.68 -22.59 17.87
CA LYS A 6 -11.84 -22.80 17.01
C LYS A 6 -13.06 -22.09 17.57
N PRO A 7 -13.91 -21.56 16.69
CA PRO A 7 -15.16 -20.93 17.09
C PRO A 7 -16.20 -21.99 17.46
N LYS A 8 -16.12 -22.50 18.67
CA LYS A 8 -17.01 -23.56 19.10
C LYS A 8 -18.14 -22.99 19.95
N LYS A 9 -19.16 -23.80 20.23
CA LYS A 9 -20.29 -23.34 21.03
C LYS A 9 -19.96 -23.34 22.53
N ASP A 10 -19.29 -22.30 22.99
CA ASP A 10 -18.94 -22.19 24.39
C ASP A 10 -18.46 -20.79 24.76
N ASP A 11 -18.26 -20.59 26.05
CA ASP A 11 -17.89 -19.29 26.62
C ASP A 11 -16.49 -18.80 26.22
N PHE A 12 -15.66 -19.66 25.65
CA PHE A 12 -14.32 -19.24 25.27
C PHE A 12 -14.36 -18.37 24.02
N ARG A 13 -13.53 -17.33 23.99
CA ARG A 13 -13.50 -16.40 22.89
C ARG A 13 -12.12 -15.77 22.81
N ASN A 14 -11.81 -15.18 21.66
CA ASN A 14 -10.51 -14.55 21.45
C ASN A 14 -10.50 -13.12 21.97
N GLU A 15 -9.32 -12.61 22.29
CA GLU A 15 -9.21 -11.26 22.82
C GLU A 15 -8.13 -10.45 22.09
N PHE A 16 -6.87 -10.63 22.48
CA PHE A 16 -5.77 -9.86 21.90
C PHE A 16 -5.25 -10.49 20.62
N ASP A 17 -6.09 -11.27 19.98
CA ASP A 17 -5.74 -11.92 18.71
C ASP A 17 -5.69 -10.92 17.59
N HIS A 18 -6.34 -9.80 17.78
CA HIS A 18 -6.34 -8.74 16.80
C HIS A 18 -5.22 -7.76 17.13
N LEU A 19 -5.08 -6.71 16.33
CA LEU A 19 -4.07 -5.68 16.55
C LEU A 19 -4.12 -4.66 15.42
N LEU A 20 -4.60 -3.47 15.74
CA LEU A 20 -4.76 -2.38 14.77
C LEU A 20 -3.45 -2.06 14.05
N ILE A 21 -2.41 -1.76 14.81
CA ILE A 21 -1.09 -1.45 14.25
C ILE A 21 -0.57 -2.61 13.39
N GLU A 22 -0.87 -3.83 13.82
CA GLU A 22 -0.44 -5.03 13.10
C GLU A 22 -0.96 -5.03 11.67
N GLN A 23 -2.24 -4.75 11.52
CA GLN A 23 -2.86 -4.75 10.20
C GLN A 23 -2.41 -3.54 9.37
N ALA A 24 -2.04 -2.47 10.07
CA ALA A 24 -1.58 -1.25 9.40
C ALA A 24 -0.17 -1.46 8.86
N ASN A 25 0.66 -2.05 9.71
CA ASN A 25 2.04 -2.38 9.36
C ASN A 25 2.04 -3.40 8.26
N HIS A 26 1.01 -4.23 8.24
CA HIS A 26 0.86 -5.25 7.23
C HIS A 26 0.42 -4.61 5.90
N ALA A 27 -0.56 -3.70 5.96
CA ALA A 27 -1.05 -3.03 4.77
C ALA A 27 0.05 -2.20 4.10
N ILE A 28 0.80 -1.44 4.90
CA ILE A 28 1.89 -0.63 4.36
C ILE A 28 2.99 -1.52 3.80
N GLU A 29 3.19 -2.69 4.42
CA GLU A 29 4.15 -3.66 3.94
C GLU A 29 3.75 -4.12 2.54
N LYS A 30 2.47 -4.42 2.38
CA LYS A 30 1.94 -4.83 1.10
C LYS A 30 2.06 -3.70 0.09
N GLY A 31 1.71 -2.50 0.54
CA GLY A 31 1.78 -1.33 -0.32
C GLY A 31 3.19 -1.06 -0.80
N GLU A 32 4.14 -1.18 0.11
CA GLU A 32 5.54 -0.94 -0.21
C GLU A 32 6.01 -1.90 -1.29
N HIS A 33 5.65 -3.16 -1.13
CA HIS A 33 6.05 -4.21 -2.06
C HIS A 33 5.44 -3.99 -3.45
N GLN A 34 4.13 -3.77 -3.48
CA GLN A 34 3.43 -3.57 -4.77
C GLN A 34 3.87 -2.27 -5.42
N LEU A 35 4.25 -1.28 -4.61
CA LEU A 35 4.74 -0.01 -5.13
C LEU A 35 6.07 -0.21 -5.81
N LEU A 36 7.00 -0.87 -5.11
CA LEU A 36 8.35 -1.08 -5.64
C LEU A 36 8.31 -1.95 -6.88
N TYR A 37 7.40 -2.92 -6.87
CA TYR A 37 7.24 -3.82 -8.01
C TYR A 37 6.74 -3.06 -9.23
N LEU A 38 5.68 -2.27 -9.03
CA LEU A 38 5.08 -1.50 -10.11
C LEU A 38 6.07 -0.47 -10.65
N GLN A 39 6.96 0.02 -9.79
CA GLN A 39 7.99 0.98 -10.21
C GLN A 39 8.85 0.38 -11.33
N HIS A 40 9.05 -0.93 -11.26
CA HIS A 40 9.83 -1.62 -12.28
C HIS A 40 9.06 -1.69 -13.59
N GLN A 41 7.73 -1.77 -13.50
CA GLN A 41 6.89 -1.79 -14.69
C GLN A 41 6.86 -0.42 -15.34
N LEU A 42 6.78 0.61 -14.51
CA LEU A 42 6.86 2.00 -14.96
C LEU A 42 8.12 2.20 -15.80
N ASP A 43 9.23 1.67 -15.30
CA ASP A 43 10.51 1.72 -15.99
C ASP A 43 10.39 1.04 -17.36
N GLU A 44 9.69 -0.08 -17.38
CA GLU A 44 9.46 -0.84 -18.60
C GLU A 44 8.70 -0.01 -19.64
N LEU A 45 7.67 0.71 -19.19
CA LEU A 45 6.84 1.51 -20.08
C LEU A 45 7.64 2.64 -20.71
N ASN A 46 8.62 3.14 -19.97
CA ASN A 46 9.47 4.22 -20.45
C ASN A 46 10.21 3.81 -21.71
N GLU A 47 10.62 2.55 -21.73
CA GLU A 47 11.36 2.02 -22.85
C GLU A 47 10.40 1.46 -23.91
N ASN A 48 9.35 0.79 -23.46
CA ASN A 48 8.40 0.13 -24.37
C ASN A 48 7.48 1.13 -25.08
N LYS A 49 7.07 2.20 -24.38
CA LYS A 49 6.13 3.21 -24.91
C LYS A 49 4.80 2.61 -25.43
N SER A 50 4.50 1.39 -25.05
CA SER A 50 3.26 0.73 -25.47
C SER A 50 2.03 1.40 -24.86
N LYS A 51 1.07 1.75 -25.70
CA LYS A 51 -0.19 2.32 -25.23
C LYS A 51 -0.96 1.30 -24.40
N GLU A 52 -0.97 0.04 -24.84
CA GLU A 52 -1.63 -1.02 -24.09
C GLU A 52 -0.97 -1.21 -22.73
N LEU A 53 0.35 -1.19 -22.72
CA LEU A 53 1.08 -1.30 -21.46
C LEU A 53 0.72 -0.10 -20.56
N GLN A 54 0.59 1.07 -21.18
CA GLN A 54 0.15 2.28 -20.49
C GLN A 54 -1.18 2.02 -19.77
N GLU A 55 -2.14 1.48 -20.51
CA GLU A 55 -3.48 1.19 -19.98
C GLU A 55 -3.43 0.22 -18.81
N LYS A 56 -2.73 -0.89 -18.97
CA LYS A 56 -2.65 -1.91 -17.92
C LYS A 56 -1.97 -1.34 -16.68
N ILE A 57 -0.90 -0.60 -16.88
CA ILE A 57 -0.16 -0.02 -15.77
C ILE A 57 -1.01 0.97 -14.98
N ILE A 58 -1.67 1.90 -15.66
CA ILE A 58 -2.49 2.90 -14.98
C ILE A 58 -3.75 2.26 -14.38
N ARG A 59 -4.28 1.25 -15.05
CA ARG A 59 -5.48 0.56 -14.57
C ARG A 59 -5.21 -0.21 -13.30
N GLU A 60 -4.14 -0.99 -13.29
CA GLU A 60 -3.78 -1.75 -12.11
C GLU A 60 -3.34 -0.82 -10.99
N LEU A 61 -2.71 0.29 -11.37
CA LEU A 61 -2.27 1.30 -10.42
C LEU A 61 -3.48 1.88 -9.69
N ASP A 62 -4.50 2.23 -10.46
CA ASP A 62 -5.72 2.84 -9.93
C ASP A 62 -6.48 1.91 -9.00
N VAL A 63 -6.73 0.67 -9.44
CA VAL A 63 -7.50 -0.27 -8.62
C VAL A 63 -6.81 -0.56 -7.28
N VAL A 64 -5.49 -0.68 -7.30
CA VAL A 64 -4.73 -0.92 -6.08
C VAL A 64 -4.71 0.34 -5.23
N CYS A 65 -4.62 1.48 -5.89
CA CYS A 65 -4.63 2.75 -5.20
C CYS A 65 -5.95 2.95 -4.47
N ALA A 66 -7.05 2.63 -5.15
CA ALA A 66 -8.37 2.81 -4.60
C ALA A 66 -8.64 1.89 -3.42
N MET A 67 -8.33 0.60 -3.59
CA MET A 67 -8.56 -0.36 -2.51
C MET A 67 -7.72 0.01 -1.29
N ILE A 68 -6.51 0.52 -1.54
CA ILE A 68 -5.63 0.95 -0.47
C ILE A 68 -6.19 2.19 0.23
N GLU A 69 -6.73 3.13 -0.55
CA GLU A 69 -7.31 4.36 0.00
C GLU A 69 -8.51 4.04 0.87
N GLY A 70 -9.33 3.09 0.41
CA GLY A 70 -10.51 2.71 1.13
C GLY A 70 -10.21 2.04 2.45
N ALA A 71 -9.31 1.07 2.41
CA ALA A 71 -8.92 0.33 3.60
C ALA A 71 -8.16 1.24 4.55
N GLN A 72 -7.30 2.09 4.00
CA GLN A 72 -6.52 3.02 4.81
C GLN A 72 -7.47 3.95 5.57
N GLY A 73 -8.49 4.42 4.87
CA GLY A 73 -9.45 5.32 5.47
C GLY A 73 -10.25 4.66 6.56
N ALA A 74 -10.65 3.42 6.31
CA ALA A 74 -11.44 2.65 7.25
C ALA A 74 -10.63 2.34 8.50
N LEU A 75 -9.50 1.71 8.28
CA LEU A 75 -8.59 1.33 9.36
C LEU A 75 -8.18 2.53 10.21
N GLU A 76 -7.86 3.64 9.53
CA GLU A 76 -7.46 4.88 10.21
C GLU A 76 -8.51 5.31 11.22
N ARG A 77 -9.76 5.37 10.78
CA ARG A 77 -10.87 5.75 11.64
C ARG A 77 -11.00 4.77 12.82
N GLU A 78 -10.85 3.50 12.56
CA GLU A 78 -10.97 2.48 13.59
C GLU A 78 -9.80 2.53 14.58
N LEU A 79 -8.58 2.44 14.07
CA LEU A 79 -7.40 2.47 14.95
C LEU A 79 -7.34 3.72 15.81
N LYS A 80 -8.02 4.77 15.38
CA LYS A 80 -8.01 6.03 16.11
C LYS A 80 -8.71 5.91 17.47
N ARG A 81 -9.37 4.78 17.70
CA ARG A 81 -10.08 4.52 18.96
C ARG A 81 -9.13 4.55 20.16
N THR A 82 -7.90 4.10 19.96
CA THR A 82 -6.94 4.06 21.04
C THR A 82 -5.56 4.51 20.56
N ASP A 83 -5.16 5.71 20.96
CA ASP A 83 -3.86 6.23 20.58
C ASP A 83 -3.21 6.89 21.78
N LEU A 84 -3.79 6.68 22.95
CA LEU A 84 -3.29 7.30 24.17
C LEU A 84 -2.30 6.35 24.82
N ASN A 85 -1.02 6.72 24.76
CA ASN A 85 0.11 5.91 25.25
C ASN A 85 1.37 6.34 24.55
N ILE A 86 2.49 6.31 25.23
CA ILE A 86 3.76 6.72 24.65
C ILE A 86 4.12 5.86 23.43
N LEU A 87 3.97 4.55 23.55
CA LEU A 87 4.32 3.62 22.49
C LEU A 87 3.30 3.71 21.36
N GLU A 88 2.02 3.74 21.71
CA GLU A 88 0.96 3.85 20.72
C GLU A 88 1.11 5.13 19.93
N ARG A 89 1.46 6.23 20.62
CA ARG A 89 1.72 7.51 19.96
C ARG A 89 2.76 7.34 18.87
N PHE A 90 3.89 6.75 19.26
CA PHE A 90 5.00 6.53 18.34
C PHE A 90 4.61 5.63 17.16
N ASN A 91 3.98 4.49 17.46
CA ASN A 91 3.60 3.54 16.40
C ASN A 91 2.64 4.15 15.40
N TYR A 92 1.54 4.70 15.90
CA TYR A 92 0.53 5.34 15.05
C TYR A 92 1.14 6.44 14.19
N GLU A 93 1.88 7.33 14.84
CA GLU A 93 2.56 8.43 14.17
C GLU A 93 3.48 7.91 13.05
N GLU A 94 4.32 6.95 13.40
CA GLU A 94 5.30 6.40 12.48
C GLU A 94 4.62 5.68 11.31
N ALA A 95 3.60 4.88 11.61
CA ALA A 95 2.90 4.12 10.58
C ALA A 95 2.22 5.05 9.59
N GLN A 96 1.58 6.09 10.12
CA GLN A 96 0.90 7.07 9.28
C GLN A 96 1.91 7.83 8.44
N THR A 97 3.09 8.10 9.03
CA THR A 97 4.17 8.76 8.32
C THR A 97 4.54 7.98 7.06
N LEU A 98 4.62 6.66 7.19
CA LEU A 98 4.98 5.81 6.07
C LEU A 98 3.85 5.79 5.06
N SER A 99 2.62 5.87 5.56
CA SER A 99 1.44 5.86 4.71
C SER A 99 1.51 7.02 3.71
N LYS A 100 1.76 8.23 4.22
CA LYS A 100 1.85 9.41 3.36
C LYS A 100 3.00 9.30 2.38
N ILE A 101 4.11 8.72 2.81
CA ILE A 101 5.27 8.57 1.95
C ILE A 101 4.95 7.63 0.78
N LEU A 102 4.33 6.50 1.11
CA LEU A 102 3.96 5.50 0.11
C LEU A 102 2.98 6.07 -0.90
N LEU A 103 1.97 6.78 -0.41
CA LEU A 103 0.96 7.39 -1.27
C LEU A 103 1.60 8.44 -2.17
N LYS A 104 2.52 9.21 -1.60
CA LYS A 104 3.20 10.25 -2.35
C LYS A 104 4.08 9.63 -3.44
N ASP A 105 4.80 8.56 -3.12
CA ASP A 105 5.67 7.93 -4.11
C ASP A 105 4.83 7.23 -5.18
N LEU A 106 3.68 6.70 -4.77
CA LEU A 106 2.75 6.07 -5.72
C LEU A 106 2.24 7.11 -6.71
N LYS A 107 1.85 8.27 -6.20
CA LYS A 107 1.39 9.38 -7.03
C LYS A 107 2.49 9.84 -7.99
N GLU A 108 3.74 9.68 -7.58
CA GLU A 108 4.86 10.01 -8.44
C GLU A 108 4.86 9.04 -9.63
N THR A 109 4.50 7.78 -9.36
CA THR A 109 4.41 6.77 -10.41
C THR A 109 3.30 7.14 -11.37
N GLU A 110 2.14 7.50 -10.81
CA GLU A 110 1.00 7.98 -11.60
C GLU A 110 1.44 9.10 -12.52
N GLN A 111 2.18 10.04 -11.96
CA GLN A 111 2.69 11.15 -12.72
C GLN A 111 3.62 10.68 -13.85
N LYS A 112 4.48 9.72 -13.54
CA LYS A 112 5.41 9.21 -14.54
C LYS A 112 4.68 8.51 -15.69
N VAL A 113 3.75 7.62 -15.35
CA VAL A 113 3.02 6.86 -16.36
C VAL A 113 2.19 7.78 -17.25
N LYS A 114 1.52 8.76 -16.64
CA LYS A 114 0.72 9.72 -17.40
C LYS A 114 1.62 10.71 -18.14
N ASP A 115 2.87 10.76 -17.74
CA ASP A 115 3.85 11.63 -18.39
C ASP A 115 4.34 11.02 -19.70
N ILE A 116 4.31 9.70 -19.80
CA ILE A 116 4.72 9.01 -21.02
C ILE A 116 3.68 9.19 -22.13
N GLN A 117 4.12 9.77 -23.24
CA GLN A 117 3.28 9.95 -24.40
C GLN A 117 3.13 8.64 -25.17
N THR A 118 1.92 8.17 -25.29
CA THR A 118 1.65 6.95 -26.03
C THR A 118 0.64 7.22 -27.13
N GLN A 119 0.07 6.19 -27.72
CA GLN A 119 -0.92 6.38 -28.75
C GLN A 119 -2.30 6.43 -28.14
N GLN A 3 -1.73 -35.12 5.68
CA GLN A 3 -0.82 -34.69 6.75
C GLN A 3 -0.32 -35.89 7.53
N GLU A 4 0.89 -35.79 8.05
CA GLU A 4 1.45 -36.87 8.83
C GLU A 4 1.06 -36.70 10.28
N HIS A 5 0.74 -37.80 10.94
CA HIS A 5 0.36 -37.78 12.35
C HIS A 5 1.59 -37.59 13.25
N LYS A 6 2.11 -36.38 13.22
CA LYS A 6 3.30 -36.04 13.99
C LYS A 6 3.04 -34.90 14.95
N PRO A 7 3.59 -35.02 16.17
CA PRO A 7 3.51 -33.96 17.20
C PRO A 7 4.55 -32.86 16.92
N LYS A 8 4.74 -32.54 15.65
CA LYS A 8 5.72 -31.54 15.24
C LYS A 8 5.43 -30.19 15.88
N LYS A 9 4.24 -29.66 15.61
CA LYS A 9 3.81 -28.37 16.14
C LYS A 9 2.37 -28.16 15.76
N ASP A 10 1.72 -27.18 16.37
CA ASP A 10 0.33 -26.85 16.06
C ASP A 10 0.21 -26.49 14.59
N ASP A 11 -0.68 -27.16 13.89
CA ASP A 11 -0.88 -26.89 12.46
C ASP A 11 -1.57 -25.55 12.27
N PHE A 12 -2.32 -25.14 13.28
CA PHE A 12 -3.01 -23.87 13.25
C PHE A 12 -2.00 -22.73 13.30
N ARG A 13 -1.99 -21.93 12.26
CA ARG A 13 -1.06 -20.84 12.13
C ARG A 13 -1.76 -19.50 12.17
N ASN A 14 -1.71 -18.86 13.32
CA ASN A 14 -2.31 -17.55 13.50
C ASN A 14 -1.29 -16.61 14.09
N GLU A 15 -0.92 -15.59 13.32
CA GLU A 15 0.09 -14.64 13.75
C GLU A 15 -0.34 -13.92 15.02
N PHE A 16 -1.53 -13.33 15.00
CA PHE A 16 -2.08 -12.64 16.14
C PHE A 16 -3.58 -12.48 15.93
N ASP A 17 -4.36 -12.59 16.99
CA ASP A 17 -5.83 -12.52 16.88
C ASP A 17 -6.27 -11.23 16.18
N HIS A 18 -5.87 -10.10 16.73
CA HIS A 18 -6.21 -8.80 16.16
C HIS A 18 -5.28 -7.76 16.75
N LEU A 19 -5.09 -6.66 16.05
CA LEU A 19 -4.17 -5.61 16.44
C LEU A 19 -4.11 -4.58 15.31
N LEU A 20 -4.67 -3.41 15.57
CA LEU A 20 -4.77 -2.35 14.57
C LEU A 20 -3.42 -1.96 13.93
N ILE A 21 -2.35 -1.99 14.70
CA ILE A 21 -1.05 -1.63 14.16
C ILE A 21 -0.55 -2.68 13.18
N GLU A 22 -0.80 -3.95 13.49
CA GLU A 22 -0.36 -5.03 12.61
C GLU A 22 -1.15 -4.99 11.31
N GLN A 23 -2.38 -4.51 11.38
CA GLN A 23 -3.21 -4.37 10.20
C GLN A 23 -2.62 -3.30 9.28
N ALA A 24 -2.15 -2.21 9.88
CA ALA A 24 -1.56 -1.12 9.13
C ALA A 24 -0.17 -1.50 8.65
N ASN A 25 0.53 -2.21 9.51
CA ASN A 25 1.89 -2.70 9.24
C ASN A 25 1.87 -3.65 8.06
N HIS A 26 0.80 -4.41 7.96
CA HIS A 26 0.63 -5.32 6.86
C HIS A 26 0.36 -4.53 5.57
N ALA A 27 -0.48 -3.49 5.66
CA ALA A 27 -0.79 -2.66 4.52
C ALA A 27 0.45 -1.96 3.96
N ILE A 28 1.28 -1.38 4.84
CA ILE A 28 2.49 -0.70 4.39
C ILE A 28 3.46 -1.68 3.73
N GLU A 29 3.55 -2.89 4.29
CA GLU A 29 4.38 -3.95 3.71
C GLU A 29 3.90 -4.27 2.29
N LYS A 30 2.59 -4.32 2.14
CA LYS A 30 1.96 -4.57 0.85
C LYS A 30 2.23 -3.40 -0.11
N GLY A 31 1.95 -2.19 0.36
CA GLY A 31 2.14 -0.99 -0.43
C GLY A 31 3.57 -0.84 -0.93
N GLU A 32 4.50 -1.09 -0.05
CA GLU A 32 5.91 -0.99 -0.37
C GLU A 32 6.27 -1.94 -1.50
N HIS A 33 5.74 -3.15 -1.42
CA HIS A 33 6.03 -4.19 -2.39
C HIS A 33 5.40 -3.87 -3.75
N GLN A 34 4.13 -3.49 -3.76
CA GLN A 34 3.44 -3.19 -5.00
C GLN A 34 3.96 -1.89 -5.63
N LEU A 35 4.43 -0.96 -4.80
CA LEU A 35 4.99 0.28 -5.32
C LEU A 35 6.28 -0.02 -6.09
N LEU A 36 7.16 -0.81 -5.49
CA LEU A 36 8.41 -1.13 -6.15
C LEU A 36 8.18 -1.99 -7.39
N TYR A 37 7.08 -2.75 -7.36
CA TYR A 37 6.73 -3.60 -8.49
C TYR A 37 6.32 -2.77 -9.69
N LEU A 38 5.30 -1.91 -9.51
CA LEU A 38 4.83 -1.04 -10.57
C LEU A 38 5.90 -0.07 -11.01
N GLN A 39 6.76 0.34 -10.07
CA GLN A 39 7.86 1.24 -10.38
C GLN A 39 8.81 0.57 -11.39
N HIS A 40 9.00 -0.74 -11.24
CA HIS A 40 9.80 -1.50 -12.18
C HIS A 40 9.09 -1.52 -13.54
N GLN A 41 7.79 -1.79 -13.51
CA GLN A 41 6.97 -1.76 -14.72
C GLN A 41 7.09 -0.41 -15.42
N LEU A 42 7.02 0.66 -14.62
CA LEU A 42 7.19 2.03 -15.10
C LEU A 42 8.45 2.17 -15.94
N ASP A 43 9.57 1.67 -15.41
CA ASP A 43 10.85 1.73 -16.12
C ASP A 43 10.74 1.06 -17.48
N GLU A 44 10.07 -0.08 -17.52
CA GLU A 44 9.88 -0.79 -18.77
C GLU A 44 9.01 0.04 -19.71
N LEU A 45 7.96 0.61 -19.14
CA LEU A 45 7.03 1.46 -19.88
C LEU A 45 7.76 2.62 -20.54
N ASN A 46 8.75 3.20 -19.85
CA ASN A 46 9.53 4.31 -20.39
C ASN A 46 10.21 3.92 -21.71
N GLU A 47 10.64 2.67 -21.78
CA GLU A 47 11.33 2.17 -22.95
C GLU A 47 10.35 1.74 -24.04
N ASN A 48 9.32 1.01 -23.64
CA ASN A 48 8.38 0.44 -24.60
C ASN A 48 7.40 1.47 -25.15
N LYS A 49 6.97 2.41 -24.28
CA LYS A 49 5.95 3.43 -24.63
C LYS A 49 4.66 2.73 -25.10
N SER A 50 4.52 1.49 -24.67
CA SER A 50 3.41 0.67 -25.05
C SER A 50 2.13 1.21 -24.44
N LYS A 51 1.21 1.61 -25.30
CA LYS A 51 -0.05 2.18 -24.86
C LYS A 51 -0.83 1.17 -23.99
N GLU A 52 -0.86 -0.08 -24.44
CA GLU A 52 -1.55 -1.14 -23.71
C GLU A 52 -0.88 -1.39 -22.35
N LEU A 53 0.44 -1.25 -22.32
CA LEU A 53 1.19 -1.45 -21.08
C LEU A 53 0.82 -0.33 -20.11
N GLN A 54 0.75 0.88 -20.63
CA GLN A 54 0.37 2.05 -19.84
C GLN A 54 -0.99 1.85 -19.20
N GLU A 55 -1.95 1.39 -20.00
CA GLU A 55 -3.31 1.21 -19.54
C GLU A 55 -3.38 0.21 -18.38
N LYS A 56 -2.67 -0.92 -18.52
CA LYS A 56 -2.64 -1.93 -17.45
C LYS A 56 -2.01 -1.35 -16.18
N ILE A 57 -0.92 -0.63 -16.37
CA ILE A 57 -0.20 -0.04 -15.25
C ILE A 57 -1.08 0.96 -14.50
N ILE A 58 -1.73 1.86 -15.24
CA ILE A 58 -2.59 2.86 -14.64
C ILE A 58 -3.79 2.20 -13.94
N ARG A 59 -4.38 1.19 -14.57
CA ARG A 59 -5.55 0.53 -14.00
C ARG A 59 -5.21 -0.26 -12.75
N GLU A 60 -4.10 -0.98 -12.77
CA GLU A 60 -3.72 -1.75 -11.61
C GLU A 60 -3.23 -0.83 -10.49
N LEU A 61 -2.53 0.23 -10.86
CA LEU A 61 -2.04 1.18 -9.89
C LEU A 61 -3.21 1.84 -9.17
N ASP A 62 -4.20 2.23 -9.96
CA ASP A 62 -5.39 2.90 -9.44
C ASP A 62 -6.22 1.99 -8.55
N VAL A 63 -6.46 0.75 -8.97
CA VAL A 63 -7.27 -0.18 -8.19
C VAL A 63 -6.60 -0.51 -6.86
N VAL A 64 -5.27 -0.65 -6.87
CA VAL A 64 -4.51 -0.90 -5.66
C VAL A 64 -4.47 0.35 -4.80
N CYS A 65 -4.37 1.51 -5.44
CA CYS A 65 -4.36 2.75 -4.71
C CYS A 65 -5.69 2.95 -4.01
N ALA A 66 -6.77 2.57 -4.69
CA ALA A 66 -8.13 2.71 -4.17
C ALA A 66 -8.37 1.79 -2.98
N MET A 67 -7.92 0.55 -3.08
CA MET A 67 -8.11 -0.39 -1.98
C MET A 67 -7.27 0.03 -0.78
N ILE A 68 -6.08 0.55 -1.06
CA ILE A 68 -5.20 1.05 -0.01
C ILE A 68 -5.81 2.31 0.64
N GLU A 69 -6.39 3.18 -0.19
CA GLU A 69 -7.05 4.38 0.30
C GLU A 69 -8.23 4.01 1.18
N GLY A 70 -8.94 2.97 0.77
CA GLY A 70 -10.09 2.51 1.51
C GLY A 70 -9.73 1.99 2.87
N ALA A 71 -8.67 1.18 2.91
CA ALA A 71 -8.18 0.61 4.15
C ALA A 71 -7.63 1.70 5.05
N GLN A 72 -6.91 2.66 4.47
CA GLN A 72 -6.34 3.77 5.22
C GLN A 72 -7.44 4.57 5.90
N GLY A 73 -8.50 4.83 5.15
CA GLY A 73 -9.61 5.60 5.66
C GLY A 73 -10.31 4.90 6.81
N ALA A 74 -10.55 3.60 6.62
CA ALA A 74 -11.23 2.79 7.61
C ALA A 74 -10.35 2.65 8.85
N LEU A 75 -9.12 2.16 8.63
CA LEU A 75 -8.16 1.98 9.70
C LEU A 75 -8.00 3.21 10.54
N GLU A 76 -7.69 4.33 9.90
CA GLU A 76 -7.45 5.57 10.62
C GLU A 76 -8.60 5.92 11.54
N ARG A 77 -9.82 5.87 11.02
CA ARG A 77 -11.00 6.21 11.82
C ARG A 77 -11.09 5.31 13.06
N GLU A 78 -10.85 4.03 12.87
CA GLU A 78 -10.94 3.06 13.95
C GLU A 78 -9.79 3.22 14.93
N LEU A 79 -8.56 3.11 14.44
CA LEU A 79 -7.38 3.19 15.30
C LEU A 79 -7.25 4.52 16.02
N LYS A 80 -7.77 5.60 15.43
CA LYS A 80 -7.63 6.92 16.02
C LYS A 80 -8.35 7.00 17.36
N ARG A 81 -9.38 6.18 17.49
CA ARG A 81 -10.21 6.11 18.69
C ARG A 81 -9.38 5.70 19.90
N THR A 82 -8.34 4.92 19.65
CA THR A 82 -7.48 4.43 20.72
C THR A 82 -6.69 5.56 21.38
N ASP A 83 -6.63 5.53 22.70
CA ASP A 83 -5.92 6.54 23.46
C ASP A 83 -5.20 5.92 24.64
N LEU A 84 -4.42 6.75 25.32
CA LEU A 84 -3.65 6.37 26.49
C LEU A 84 -2.65 5.24 26.20
N ASN A 85 -1.57 5.59 25.51
CA ASN A 85 -0.47 4.67 25.24
C ASN A 85 0.58 5.35 24.38
N ILE A 86 1.69 5.70 25.01
CA ILE A 86 2.80 6.37 24.33
C ILE A 86 3.31 5.55 23.14
N LEU A 87 3.27 4.23 23.26
CA LEU A 87 3.77 3.35 22.22
C LEU A 87 2.82 3.36 21.03
N GLU A 88 1.54 3.16 21.30
CA GLU A 88 0.53 3.13 20.26
C GLU A 88 0.49 4.44 19.48
N ARG A 89 0.54 5.58 20.19
CA ARG A 89 0.50 6.86 19.50
C ARG A 89 1.70 7.04 18.58
N PHE A 90 2.87 6.59 19.04
CA PHE A 90 4.10 6.67 18.27
C PHE A 90 4.02 5.77 17.04
N ASN A 91 3.50 4.57 17.24
CA ASN A 91 3.34 3.62 16.15
C ASN A 91 2.39 4.17 15.10
N TYR A 92 1.30 4.78 15.57
CA TYR A 92 0.34 5.43 14.69
C TYR A 92 1.03 6.45 13.80
N GLU A 93 1.76 7.35 14.44
CA GLU A 93 2.49 8.40 13.76
C GLU A 93 3.51 7.82 12.77
N GLU A 94 4.19 6.76 13.18
CA GLU A 94 5.23 6.12 12.37
C GLU A 94 4.62 5.42 11.16
N ALA A 95 3.54 4.68 11.40
CA ALA A 95 2.86 3.96 10.34
C ALA A 95 2.33 4.96 9.32
N GLN A 96 1.67 6.01 9.81
CA GLN A 96 1.12 7.07 8.98
C GLN A 96 2.23 7.70 8.14
N THR A 97 3.41 7.84 8.74
CA THR A 97 4.56 8.38 8.05
C THR A 97 4.85 7.56 6.79
N LEU A 98 4.89 6.24 6.94
CA LEU A 98 5.19 5.38 5.81
C LEU A 98 4.03 5.34 4.83
N SER A 99 2.81 5.28 5.36
CA SER A 99 1.61 5.26 4.54
C SER A 99 1.60 6.43 3.56
N LYS A 100 1.78 7.65 4.09
CA LYS A 100 1.78 8.85 3.27
C LYS A 100 2.90 8.81 2.25
N ILE A 101 4.08 8.34 2.66
CA ILE A 101 5.20 8.23 1.74
C ILE A 101 4.86 7.29 0.58
N LEU A 102 4.21 6.17 0.92
CA LEU A 102 3.80 5.19 -0.09
C LEU A 102 2.79 5.77 -1.06
N LEU A 103 1.78 6.46 -0.50
CA LEU A 103 0.75 7.10 -1.31
C LEU A 103 1.36 8.11 -2.26
N LYS A 104 2.30 8.91 -1.75
CA LYS A 104 3.03 9.86 -2.57
C LYS A 104 3.72 9.13 -3.71
N ASP A 105 4.50 8.11 -3.37
CA ASP A 105 5.23 7.33 -4.37
C ASP A 105 4.30 6.73 -5.42
N LEU A 106 3.09 6.30 -5.03
CA LEU A 106 2.14 5.77 -5.98
C LEU A 106 1.74 6.85 -6.99
N LYS A 107 1.36 8.01 -6.46
CA LYS A 107 0.98 9.15 -7.30
C LYS A 107 2.14 9.63 -8.16
N GLU A 108 3.36 9.49 -7.64
CA GLU A 108 4.56 9.83 -8.41
C GLU A 108 4.65 8.95 -9.63
N THR A 109 4.36 7.68 -9.43
CA THR A 109 4.38 6.70 -10.50
C THR A 109 3.29 7.04 -11.52
N GLU A 110 2.08 7.30 -11.03
CA GLU A 110 0.94 7.70 -11.85
C GLU A 110 1.29 8.89 -12.76
N GLN A 111 1.80 9.96 -12.15
CA GLN A 111 2.18 11.15 -12.91
C GLN A 111 3.19 10.81 -14.01
N LYS A 112 4.13 9.93 -13.70
CA LYS A 112 5.18 9.55 -14.64
C LYS A 112 4.65 8.72 -15.81
N VAL A 113 3.75 7.77 -15.52
CA VAL A 113 3.17 6.95 -16.57
C VAL A 113 2.30 7.80 -17.48
N LYS A 114 1.59 8.76 -16.89
CA LYS A 114 0.77 9.70 -17.64
C LYS A 114 1.64 10.57 -18.52
N ASP A 115 2.81 10.92 -18.01
CA ASP A 115 3.73 11.78 -18.72
C ASP A 115 4.42 11.09 -19.88
N ILE A 116 4.51 9.77 -19.83
CA ILE A 116 5.16 9.00 -20.88
C ILE A 116 4.29 8.94 -22.14
N GLN A 117 4.95 9.00 -23.29
CA GLN A 117 4.30 8.90 -24.58
C GLN A 117 3.77 7.48 -24.82
N THR A 118 2.87 7.37 -25.76
CA THR A 118 2.20 6.13 -26.08
C THR A 118 1.75 6.10 -27.52
N GLN A 119 1.89 4.95 -28.14
CA GLN A 119 1.54 4.80 -29.55
C GLN A 119 0.10 4.32 -29.72
N GLN A 3 -5.68 -33.24 17.59
CA GLN A 3 -5.62 -32.23 16.53
C GLN A 3 -5.99 -30.85 17.06
N GLU A 4 -6.73 -30.82 18.17
CA GLU A 4 -7.15 -29.56 18.81
C GLU A 4 -8.00 -28.73 17.85
N HIS A 5 -9.26 -29.11 17.71
CA HIS A 5 -10.17 -28.41 16.81
C HIS A 5 -10.82 -27.23 17.48
N LYS A 6 -10.09 -26.13 17.56
CA LYS A 6 -10.64 -24.87 18.06
C LYS A 6 -11.80 -24.41 17.19
N PRO A 7 -12.78 -23.71 17.79
CA PRO A 7 -13.94 -23.19 17.06
C PRO A 7 -13.59 -21.93 16.27
N LYS A 8 -14.61 -21.22 15.82
CA LYS A 8 -14.41 -19.98 15.09
C LYS A 8 -14.15 -18.85 16.07
N LYS A 9 -12.89 -18.64 16.38
CA LYS A 9 -12.47 -17.63 17.32
C LYS A 9 -10.99 -17.32 17.09
N ASP A 10 -10.42 -16.48 17.94
CA ASP A 10 -9.00 -16.13 17.88
C ASP A 10 -8.16 -17.40 17.83
N ASP A 11 -7.18 -17.41 16.95
CA ASP A 11 -6.35 -18.60 16.76
C ASP A 11 -5.30 -18.71 17.85
N PHE A 12 -4.82 -17.56 18.30
CA PHE A 12 -3.79 -17.50 19.33
C PHE A 12 -4.41 -17.19 20.70
N ARG A 13 -3.70 -16.43 21.51
CA ARG A 13 -4.20 -16.04 22.82
C ARG A 13 -4.75 -14.62 22.77
N ASN A 14 -5.42 -14.21 23.82
CA ASN A 14 -6.02 -12.87 23.88
C ASN A 14 -4.96 -11.80 24.21
N GLU A 15 -3.70 -12.12 23.96
CA GLU A 15 -2.58 -11.23 24.25
C GLU A 15 -2.37 -10.22 23.10
N PHE A 16 -3.47 -9.82 22.49
CA PHE A 16 -3.43 -8.92 21.36
C PHE A 16 -3.54 -7.47 21.82
N ASP A 17 -2.53 -6.98 22.48
CA ASP A 17 -2.51 -5.58 22.91
C ASP A 17 -2.25 -4.67 21.73
N HIS A 18 -1.38 -5.13 20.81
CA HIS A 18 -1.06 -4.36 19.62
C HIS A 18 -1.27 -5.23 18.38
N LEU A 19 -2.52 -5.44 18.00
CA LEU A 19 -2.82 -6.19 16.77
C LEU A 19 -3.11 -5.20 15.66
N LEU A 20 -3.62 -4.04 16.04
CA LEU A 20 -3.96 -2.96 15.11
C LEU A 20 -2.75 -2.60 14.25
N ILE A 21 -1.60 -2.45 14.90
CA ILE A 21 -0.38 -2.13 14.21
C ILE A 21 0.03 -3.26 13.27
N GLU A 22 -0.20 -4.51 13.68
CA GLU A 22 0.17 -5.66 12.84
C GLU A 22 -0.51 -5.58 11.47
N GLN A 23 -1.80 -5.30 11.49
CA GLN A 23 -2.59 -5.22 10.26
C GLN A 23 -2.17 -4.01 9.39
N ALA A 24 -1.85 -2.90 10.04
CA ALA A 24 -1.46 -1.69 9.34
C ALA A 24 -0.05 -1.83 8.79
N ASN A 25 0.80 -2.40 9.61
CA ASN A 25 2.21 -2.62 9.29
C ASN A 25 2.33 -3.58 8.13
N HIS A 26 1.49 -4.59 8.11
CA HIS A 26 1.54 -5.56 7.03
C HIS A 26 1.01 -4.96 5.73
N ALA A 27 0.02 -4.06 5.84
CA ALA A 27 -0.53 -3.41 4.65
C ALA A 27 0.52 -2.56 3.96
N ILE A 28 1.30 -1.81 4.73
CA ILE A 28 2.33 -0.97 4.15
C ILE A 28 3.45 -1.83 3.56
N GLU A 29 3.70 -3.01 4.16
CA GLU A 29 4.67 -3.95 3.60
C GLU A 29 4.19 -4.40 2.23
N LYS A 30 2.89 -4.64 2.12
CA LYS A 30 2.29 -5.06 0.86
C LYS A 30 2.39 -3.93 -0.15
N GLY A 31 2.09 -2.72 0.31
CA GLY A 31 2.20 -1.54 -0.54
C GLY A 31 3.60 -1.33 -1.03
N GLU A 32 4.56 -1.57 -0.15
CA GLU A 32 5.99 -1.43 -0.47
C GLU A 32 6.37 -2.33 -1.64
N HIS A 33 5.89 -3.57 -1.58
CA HIS A 33 6.23 -4.55 -2.60
C HIS A 33 5.59 -4.18 -3.94
N GLN A 34 4.33 -3.76 -3.91
CA GLN A 34 3.61 -3.43 -5.13
C GLN A 34 4.10 -2.10 -5.70
N LEU A 35 4.57 -1.21 -4.84
CA LEU A 35 5.12 0.06 -5.30
C LEU A 35 6.38 -0.22 -6.11
N LEU A 36 7.27 -1.03 -5.56
CA LEU A 36 8.51 -1.37 -6.26
C LEU A 36 8.20 -2.18 -7.50
N TYR A 37 7.07 -2.86 -7.45
CA TYR A 37 6.62 -3.69 -8.56
C TYR A 37 6.25 -2.82 -9.76
N LEU A 38 5.30 -1.89 -9.54
CA LEU A 38 4.85 -1.00 -10.61
C LEU A 38 5.97 -0.08 -11.08
N GLN A 39 6.88 0.29 -10.18
CA GLN A 39 8.01 1.16 -10.55
C GLN A 39 8.85 0.47 -11.64
N HIS A 40 8.99 -0.85 -11.53
CA HIS A 40 9.72 -1.63 -12.52
C HIS A 40 8.96 -1.65 -13.85
N GLN A 41 7.63 -1.68 -13.75
CA GLN A 41 6.79 -1.69 -14.95
C GLN A 41 6.92 -0.36 -15.66
N LEU A 42 6.88 0.71 -14.88
CA LEU A 42 7.05 2.06 -15.38
C LEU A 42 8.32 2.16 -16.22
N ASP A 43 9.41 1.59 -15.72
CA ASP A 43 10.68 1.58 -16.44
C ASP A 43 10.52 0.90 -17.79
N GLU A 44 9.87 -0.26 -17.79
CA GLU A 44 9.66 -1.02 -19.01
C GLU A 44 8.78 -0.26 -20.02
N LEU A 45 7.74 0.40 -19.52
CA LEU A 45 6.83 1.15 -20.39
C LEU A 45 7.57 2.30 -21.07
N ASN A 46 8.55 2.84 -20.39
CA ASN A 46 9.36 3.94 -20.94
C ASN A 46 10.05 3.52 -22.24
N GLU A 47 10.39 2.23 -22.32
CA GLU A 47 11.00 1.67 -23.51
C GLU A 47 9.95 1.29 -24.58
N ASN A 48 8.90 0.60 -24.16
CA ASN A 48 7.88 0.10 -25.11
C ASN A 48 6.98 1.25 -25.61
N LYS A 49 6.67 2.17 -24.68
CA LYS A 49 5.81 3.33 -24.94
C LYS A 49 4.41 2.86 -25.40
N SER A 50 4.07 1.62 -25.06
CA SER A 50 2.82 1.01 -25.49
C SER A 50 1.61 1.61 -24.78
N LYS A 51 0.65 2.00 -25.57
CA LYS A 51 -0.62 2.52 -25.07
C LYS A 51 -1.30 1.49 -24.17
N GLU A 52 -1.37 0.24 -24.63
CA GLU A 52 -2.02 -0.83 -23.88
C GLU A 52 -1.34 -1.05 -22.55
N LEU A 53 -0.04 -1.19 -22.57
CA LEU A 53 0.71 -1.40 -21.36
C LEU A 53 0.50 -0.23 -20.41
N GLN A 54 0.52 0.98 -20.95
CA GLN A 54 0.32 2.18 -20.15
C GLN A 54 -1.02 2.13 -19.43
N GLU A 55 -2.06 1.80 -20.18
CA GLU A 55 -3.40 1.74 -19.65
C GLU A 55 -3.55 0.66 -18.58
N LYS A 56 -2.98 -0.51 -18.82
CA LYS A 56 -3.04 -1.61 -17.86
C LYS A 56 -2.28 -1.22 -16.58
N ILE A 57 -1.12 -0.61 -16.75
CA ILE A 57 -0.30 -0.18 -15.63
C ILE A 57 -1.02 0.88 -14.78
N ILE A 58 -1.48 1.95 -15.42
CA ILE A 58 -2.14 3.03 -14.70
C ILE A 58 -3.47 2.58 -14.09
N ARG A 59 -4.17 1.66 -14.75
CA ARG A 59 -5.43 1.15 -14.22
C ARG A 59 -5.20 0.32 -12.98
N GLU A 60 -4.24 -0.60 -13.03
CA GLU A 60 -3.92 -1.42 -11.87
C GLU A 60 -3.36 -0.56 -10.76
N LEU A 61 -2.59 0.44 -11.13
CA LEU A 61 -1.98 1.34 -10.17
C LEU A 61 -3.06 2.08 -9.39
N ASP A 62 -4.01 2.65 -10.12
CA ASP A 62 -5.09 3.44 -9.51
C ASP A 62 -5.98 2.58 -8.61
N VAL A 63 -6.38 1.40 -9.10
CA VAL A 63 -7.27 0.55 -8.31
C VAL A 63 -6.62 0.10 -7.00
N VAL A 64 -5.32 -0.18 -7.05
CA VAL A 64 -4.57 -0.58 -5.86
C VAL A 64 -4.35 0.62 -4.96
N CYS A 65 -4.11 1.77 -5.56
CA CYS A 65 -3.91 3.00 -4.78
C CYS A 65 -5.17 3.32 -4.01
N ALA A 66 -6.31 3.10 -4.66
CA ALA A 66 -7.61 3.38 -4.08
C ALA A 66 -7.93 2.41 -2.95
N MET A 67 -7.76 1.11 -3.19
CA MET A 67 -8.09 0.12 -2.17
C MET A 67 -7.19 0.31 -0.94
N ILE A 68 -5.93 0.64 -1.19
CA ILE A 68 -4.98 0.89 -0.12
C ILE A 68 -5.36 2.15 0.65
N GLU A 69 -5.78 3.18 -0.08
CA GLU A 69 -6.16 4.45 0.53
C GLU A 69 -7.42 4.28 1.36
N GLY A 70 -8.35 3.49 0.85
CA GLY A 70 -9.61 3.26 1.53
C GLY A 70 -9.41 2.57 2.86
N ALA A 71 -8.61 1.53 2.82
CA ALA A 71 -8.31 0.75 4.02
C ALA A 71 -7.46 1.57 4.98
N GLN A 72 -6.49 2.30 4.44
CA GLN A 72 -5.60 3.12 5.26
C GLN A 72 -6.39 4.19 6.01
N GLY A 73 -7.28 4.83 5.29
CA GLY A 73 -8.09 5.90 5.86
C GLY A 73 -9.10 5.40 6.89
N ALA A 74 -9.78 4.32 6.52
CA ALA A 74 -10.82 3.74 7.37
C ALA A 74 -10.23 3.18 8.65
N LEU A 75 -9.23 2.32 8.49
CA LEU A 75 -8.56 1.68 9.61
C LEU A 75 -7.93 2.71 10.53
N GLU A 76 -7.25 3.70 9.95
CA GLU A 76 -6.56 4.74 10.72
C GLU A 76 -7.52 5.40 11.71
N ARG A 77 -8.63 5.89 11.17
CA ARG A 77 -9.64 6.59 11.95
C ARG A 77 -10.14 5.71 13.10
N GLU A 78 -10.36 4.45 12.79
CA GLU A 78 -10.87 3.49 13.77
C GLU A 78 -9.81 3.10 14.79
N LEU A 79 -8.64 2.62 14.32
CA LEU A 79 -7.55 2.20 15.23
C LEU A 79 -7.18 3.27 16.23
N LYS A 80 -7.51 4.50 15.91
CA LYS A 80 -7.20 5.60 16.78
C LYS A 80 -7.97 5.48 18.11
N ARG A 81 -9.26 5.16 18.00
CA ARG A 81 -10.14 5.06 19.17
C ARG A 81 -10.26 3.62 19.69
N THR A 82 -9.78 2.67 18.90
CA THR A 82 -9.91 1.25 19.24
C THR A 82 -9.10 0.87 20.51
N ASP A 83 -8.09 1.66 20.83
CA ASP A 83 -7.27 1.42 22.02
C ASP A 83 -6.77 2.76 22.53
N LEU A 84 -5.91 2.74 23.53
CA LEU A 84 -5.38 3.96 24.09
C LEU A 84 -4.06 3.65 24.79
N ASN A 85 -3.07 4.52 24.58
CA ASN A 85 -1.72 4.32 25.10
C ASN A 85 -0.76 5.32 24.46
N ILE A 86 0.18 5.83 25.25
CA ILE A 86 1.18 6.78 24.75
C ILE A 86 1.99 6.18 23.59
N LEU A 87 2.34 4.92 23.74
CA LEU A 87 3.12 4.21 22.74
C LEU A 87 2.30 4.04 21.47
N GLU A 88 1.06 3.60 21.63
CA GLU A 88 0.14 3.43 20.50
C GLU A 88 -0.07 4.74 19.78
N ARG A 89 -0.19 5.85 20.52
CA ARG A 89 -0.40 7.14 19.92
C ARG A 89 0.74 7.46 18.95
N PHE A 90 1.95 7.17 19.41
CA PHE A 90 3.16 7.38 18.64
C PHE A 90 3.23 6.39 17.47
N ASN A 91 2.94 5.12 17.75
CA ASN A 91 2.95 4.07 16.74
C ASN A 91 2.05 4.44 15.58
N TYR A 92 0.82 4.80 15.89
CA TYR A 92 -0.17 5.20 14.89
C TYR A 92 0.35 6.38 14.07
N GLU A 93 0.93 7.36 14.76
CA GLU A 93 1.51 8.53 14.10
C GLU A 93 2.59 8.13 13.10
N GLU A 94 3.44 7.19 13.51
CA GLU A 94 4.51 6.73 12.66
C GLU A 94 3.96 5.93 11.49
N ALA A 95 2.89 5.18 11.76
CA ALA A 95 2.23 4.37 10.74
C ALA A 95 1.67 5.28 9.66
N GLN A 96 0.99 6.35 10.10
CA GLN A 96 0.44 7.35 9.18
C GLN A 96 1.55 7.92 8.32
N THR A 97 2.70 8.12 8.94
CA THR A 97 3.84 8.69 8.26
C THR A 97 4.26 7.85 7.06
N LEU A 98 4.46 6.55 7.28
CA LEU A 98 4.91 5.68 6.20
C LEU A 98 3.84 5.50 5.15
N SER A 99 2.59 5.41 5.61
CA SER A 99 1.45 5.23 4.74
C SER A 99 1.35 6.37 3.72
N LYS A 100 1.42 7.60 4.23
CA LYS A 100 1.33 8.77 3.37
C LYS A 100 2.49 8.82 2.39
N ILE A 101 3.69 8.46 2.85
CA ILE A 101 4.87 8.47 2.01
C ILE A 101 4.69 7.48 0.85
N LEU A 102 4.13 6.31 1.17
CA LEU A 102 3.88 5.28 0.18
C LEU A 102 2.91 5.81 -0.89
N LEU A 103 1.83 6.45 -0.43
CA LEU A 103 0.83 7.03 -1.32
C LEU A 103 1.47 8.09 -2.23
N LYS A 104 2.36 8.88 -1.66
CA LYS A 104 3.05 9.92 -2.40
C LYS A 104 3.93 9.34 -3.51
N ASP A 105 4.76 8.34 -3.18
CA ASP A 105 5.64 7.73 -4.19
C ASP A 105 4.82 7.00 -5.23
N LEU A 106 3.73 6.36 -4.81
CA LEU A 106 2.87 5.61 -5.70
C LEU A 106 2.27 6.54 -6.75
N LYS A 107 1.71 7.64 -6.29
CA LYS A 107 1.12 8.61 -7.16
C LYS A 107 2.17 9.27 -8.05
N GLU A 108 3.43 9.31 -7.59
CA GLU A 108 4.49 9.84 -8.43
C GLU A 108 4.67 8.92 -9.64
N THR A 109 4.44 7.63 -9.42
CA THR A 109 4.47 6.65 -10.48
C THR A 109 3.37 6.97 -11.48
N GLU A 110 2.17 7.23 -10.94
CA GLU A 110 0.99 7.64 -11.75
C GLU A 110 1.34 8.80 -12.66
N GLN A 111 1.97 9.81 -12.08
CA GLN A 111 2.37 10.99 -12.83
C GLN A 111 3.29 10.62 -13.99
N LYS A 112 4.23 9.73 -13.73
CA LYS A 112 5.21 9.34 -14.73
C LYS A 112 4.60 8.46 -15.84
N VAL A 113 3.78 7.49 -15.44
CA VAL A 113 3.15 6.60 -16.41
C VAL A 113 2.23 7.40 -17.34
N LYS A 114 1.47 8.34 -16.77
CA LYS A 114 0.60 9.20 -17.57
C LYS A 114 1.44 10.22 -18.36
N ASP A 115 2.66 10.45 -17.88
CA ASP A 115 3.58 11.39 -18.53
C ASP A 115 4.06 10.85 -19.87
N ILE A 116 4.21 9.53 -19.98
CA ILE A 116 4.65 8.91 -21.23
C ILE A 116 3.56 9.04 -22.29
N GLN A 117 3.88 9.73 -23.39
CA GLN A 117 2.94 9.84 -24.50
C GLN A 117 2.92 8.54 -25.29
N THR A 118 1.75 7.98 -25.43
CA THR A 118 1.61 6.73 -26.13
C THR A 118 0.87 6.88 -27.46
N GLN A 119 0.82 5.77 -28.20
CA GLN A 119 0.19 5.70 -29.50
C GLN A 119 0.76 6.77 -30.45
N GLN A 3 -25.89 -29.50 -3.60
CA GLN A 3 -25.14 -30.48 -4.40
C GLN A 3 -24.80 -31.70 -3.54
N GLU A 4 -24.09 -31.44 -2.45
CA GLU A 4 -23.71 -32.48 -1.51
C GLU A 4 -24.12 -32.09 -0.10
N HIS A 5 -24.34 -33.07 0.76
CA HIS A 5 -24.76 -32.82 2.12
C HIS A 5 -23.57 -32.54 3.02
N LYS A 6 -23.11 -31.30 3.02
CA LYS A 6 -21.98 -30.90 3.84
C LYS A 6 -22.38 -29.75 4.76
N PRO A 7 -21.59 -29.48 5.81
CA PRO A 7 -21.82 -28.37 6.69
C PRO A 7 -21.24 -27.08 6.08
N LYS A 8 -19.96 -26.80 6.40
CA LYS A 8 -19.26 -25.60 5.92
C LYS A 8 -20.13 -24.34 5.92
N LYS A 9 -20.46 -23.86 7.11
CA LYS A 9 -21.30 -22.67 7.24
C LYS A 9 -20.45 -21.42 7.42
N ASP A 10 -19.17 -21.61 7.68
CA ASP A 10 -18.25 -20.49 7.86
C ASP A 10 -17.64 -20.12 6.52
N ASP A 11 -17.60 -18.83 6.22
CA ASP A 11 -17.11 -18.36 4.94
C ASP A 11 -15.72 -17.74 5.07
N PHE A 12 -15.07 -17.97 6.21
CA PHE A 12 -13.76 -17.38 6.52
C PHE A 12 -13.93 -15.88 6.76
N ARG A 13 -13.80 -15.48 8.00
CA ARG A 13 -14.07 -14.11 8.39
C ARG A 13 -12.95 -13.51 9.21
N ASN A 14 -12.32 -12.50 8.66
CA ASN A 14 -11.23 -11.81 9.36
C ASN A 14 -11.80 -10.73 10.25
N GLU A 15 -11.98 -11.06 11.52
CA GLU A 15 -12.53 -10.14 12.49
C GLU A 15 -11.71 -10.19 13.76
N PHE A 16 -10.90 -9.16 13.94
CA PHE A 16 -10.00 -9.04 15.10
C PHE A 16 -8.98 -10.19 15.16
N ASP A 17 -8.85 -10.92 14.03
CA ASP A 17 -7.85 -11.99 13.93
C ASP A 17 -6.46 -11.36 13.86
N HIS A 18 -6.44 -10.13 13.39
CA HIS A 18 -5.22 -9.33 13.34
C HIS A 18 -5.45 -8.09 14.19
N LEU A 19 -4.44 -7.29 14.40
CA LEU A 19 -4.58 -6.11 15.22
C LEU A 19 -4.50 -4.84 14.37
N LEU A 20 -4.71 -3.69 15.01
CA LEU A 20 -4.74 -2.40 14.32
C LEU A 20 -3.45 -2.11 13.55
N ILE A 21 -2.35 -1.95 14.29
CA ILE A 21 -1.06 -1.66 13.67
C ILE A 21 -0.59 -2.85 12.86
N GLU A 22 -0.87 -4.04 13.35
CA GLU A 22 -0.51 -5.27 12.67
C GLU A 22 -1.08 -5.32 11.26
N GLN A 23 -2.35 -4.96 11.11
CA GLN A 23 -2.98 -4.93 9.81
C GLN A 23 -2.35 -3.86 8.92
N ALA A 24 -2.21 -2.65 9.48
CA ALA A 24 -1.57 -1.55 8.77
C ALA A 24 -0.17 -1.93 8.31
N ASN A 25 0.55 -2.61 9.20
CA ASN A 25 1.91 -3.07 8.95
C ASN A 25 1.93 -4.02 7.77
N HIS A 26 0.94 -4.91 7.74
CA HIS A 26 0.81 -5.85 6.64
C HIS A 26 0.52 -5.11 5.33
N ALA A 27 -0.39 -4.15 5.38
CA ALA A 27 -0.76 -3.38 4.21
C ALA A 27 0.40 -2.56 3.66
N ILE A 28 1.13 -1.86 4.54
CA ILE A 28 2.25 -1.04 4.09
C ILE A 28 3.36 -1.89 3.50
N GLU A 29 3.58 -3.08 4.08
CA GLU A 29 4.55 -4.02 3.54
C GLU A 29 4.12 -4.48 2.16
N LYS A 30 2.83 -4.73 2.00
CA LYS A 30 2.27 -5.14 0.73
C LYS A 30 2.43 -4.01 -0.27
N GLY A 31 2.11 -2.79 0.18
CA GLY A 31 2.25 -1.61 -0.63
C GLY A 31 3.67 -1.43 -1.13
N GLU A 32 4.63 -1.65 -0.24
CA GLU A 32 6.04 -1.54 -0.58
C GLU A 32 6.38 -2.46 -1.73
N HIS A 33 5.90 -3.69 -1.64
CA HIS A 33 6.16 -4.70 -2.63
C HIS A 33 5.57 -4.31 -4.00
N GLN A 34 4.30 -3.93 -4.01
CA GLN A 34 3.62 -3.59 -5.25
C GLN A 34 4.13 -2.27 -5.85
N LEU A 35 4.52 -1.32 -4.99
CA LEU A 35 5.03 -0.06 -5.46
C LEU A 35 6.40 -0.25 -6.10
N LEU A 36 7.29 -0.95 -5.40
CA LEU A 36 8.63 -1.18 -5.92
C LEU A 36 8.55 -2.04 -7.18
N TYR A 37 7.56 -2.93 -7.20
CA TYR A 37 7.34 -3.80 -8.35
C TYR A 37 6.90 -2.97 -9.55
N LEU A 38 5.88 -2.14 -9.35
CA LEU A 38 5.33 -1.30 -10.40
C LEU A 38 6.39 -0.34 -10.95
N GLN A 39 7.29 0.13 -10.08
CA GLN A 39 8.36 1.02 -10.50
C GLN A 39 9.21 0.35 -11.59
N HIS A 40 9.42 -0.95 -11.45
CA HIS A 40 10.18 -1.72 -12.43
C HIS A 40 9.44 -1.77 -13.75
N GLN A 41 8.12 -1.90 -13.68
CA GLN A 41 7.30 -1.97 -14.87
C GLN A 41 7.30 -0.62 -15.59
N LEU A 42 7.18 0.45 -14.80
CA LEU A 42 7.27 1.83 -15.32
C LEU A 42 8.52 2.01 -16.15
N ASP A 43 9.65 1.55 -15.62
CA ASP A 43 10.94 1.65 -16.29
C ASP A 43 10.87 0.97 -17.66
N GLU A 44 10.20 -0.18 -17.69
CA GLU A 44 9.99 -0.91 -18.93
C GLU A 44 9.07 -0.11 -19.87
N LEU A 45 8.01 0.43 -19.29
CA LEU A 45 7.03 1.24 -20.02
C LEU A 45 7.71 2.47 -20.67
N ASN A 46 8.64 3.09 -19.96
CA ASN A 46 9.37 4.26 -20.48
C ASN A 46 10.07 3.92 -21.79
N GLU A 47 10.52 2.69 -21.88
CA GLU A 47 11.21 2.22 -23.07
C GLU A 47 10.23 1.79 -24.17
N ASN A 48 9.19 1.07 -23.79
CA ASN A 48 8.23 0.53 -24.76
C ASN A 48 7.28 1.61 -25.29
N LYS A 49 6.91 2.53 -24.40
CA LYS A 49 5.93 3.59 -24.70
C LYS A 49 4.58 2.94 -25.09
N SER A 50 4.39 1.70 -24.65
CA SER A 50 3.21 0.92 -24.98
C SER A 50 1.96 1.47 -24.30
N LYS A 51 0.99 1.85 -25.11
CA LYS A 51 -0.27 2.38 -24.60
C LYS A 51 -1.01 1.32 -23.77
N GLU A 52 -1.02 0.08 -24.23
CA GLU A 52 -1.68 -1.01 -23.52
C GLU A 52 -1.05 -1.22 -22.15
N LEU A 53 0.27 -1.25 -22.12
CA LEU A 53 0.98 -1.42 -20.87
C LEU A 53 0.68 -0.26 -19.94
N GLN A 54 0.64 0.95 -20.49
CA GLN A 54 0.32 2.14 -19.71
C GLN A 54 -1.08 2.03 -19.09
N GLU A 55 -2.05 1.65 -19.91
CA GLU A 55 -3.43 1.53 -19.46
C GLU A 55 -3.55 0.51 -18.33
N LYS A 56 -2.91 -0.65 -18.52
CA LYS A 56 -2.95 -1.70 -17.49
C LYS A 56 -2.28 -1.22 -16.21
N ILE A 57 -1.14 -0.55 -16.37
CA ILE A 57 -0.40 -0.03 -15.23
C ILE A 57 -1.24 0.99 -14.46
N ILE A 58 -1.81 1.96 -15.17
CA ILE A 58 -2.64 2.99 -14.55
C ILE A 58 -3.87 2.36 -13.89
N ARG A 59 -4.45 1.37 -14.54
CA ARG A 59 -5.65 0.73 -14.03
C ARG A 59 -5.36 -0.05 -12.75
N GLU A 60 -4.32 -0.86 -12.74
CA GLU A 60 -3.99 -1.60 -11.53
C GLU A 60 -3.49 -0.67 -10.45
N LEU A 61 -2.81 0.40 -10.84
CA LEU A 61 -2.34 1.40 -9.89
C LEU A 61 -3.53 2.01 -9.19
N ASP A 62 -4.54 2.38 -9.99
CA ASP A 62 -5.75 3.00 -9.49
C ASP A 62 -6.53 2.07 -8.55
N VAL A 63 -6.65 0.79 -8.93
CA VAL A 63 -7.39 -0.17 -8.10
C VAL A 63 -6.69 -0.36 -6.75
N VAL A 64 -5.36 -0.37 -6.77
CA VAL A 64 -4.58 -0.49 -5.55
C VAL A 64 -4.69 0.79 -4.75
N CYS A 65 -4.69 1.92 -5.43
CA CYS A 65 -4.83 3.20 -4.76
C CYS A 65 -6.18 3.27 -4.07
N ALA A 66 -7.22 2.79 -4.74
CA ALA A 66 -8.57 2.81 -4.20
C ALA A 66 -8.71 1.91 -2.99
N MET A 67 -8.22 0.68 -3.10
CA MET A 67 -8.32 -0.26 -1.98
C MET A 67 -7.49 0.23 -0.78
N ILE A 68 -6.34 0.83 -1.08
CA ILE A 68 -5.47 1.39 -0.04
C ILE A 68 -6.14 2.59 0.63
N GLU A 69 -6.76 3.46 -0.17
CA GLU A 69 -7.46 4.64 0.34
C GLU A 69 -8.60 4.22 1.25
N GLY A 70 -9.29 3.16 0.85
CA GLY A 70 -10.43 2.67 1.59
C GLY A 70 -10.05 2.09 2.93
N ALA A 71 -9.05 1.21 2.93
CA ALA A 71 -8.62 0.55 4.15
C ALA A 71 -7.94 1.53 5.11
N GLN A 72 -7.06 2.38 4.58
CA GLN A 72 -6.35 3.32 5.44
C GLN A 72 -7.33 4.29 6.09
N GLY A 73 -8.37 4.67 5.33
CA GLY A 73 -9.39 5.57 5.84
C GLY A 73 -10.24 4.93 6.91
N ALA A 74 -10.63 3.69 6.64
CA ALA A 74 -11.48 2.93 7.54
C ALA A 74 -10.75 2.62 8.83
N LEU A 75 -9.56 2.03 8.69
CA LEU A 75 -8.72 1.68 9.81
C LEU A 75 -8.40 2.90 10.67
N GLU A 76 -8.07 4.01 10.02
CA GLU A 76 -7.72 5.25 10.73
C GLU A 76 -8.86 5.67 11.67
N ARG A 77 -10.06 5.69 11.13
CA ARG A 77 -11.25 6.04 11.90
C ARG A 77 -11.39 5.10 13.10
N GLU A 78 -11.22 3.82 12.87
CA GLU A 78 -11.40 2.82 13.90
C GLU A 78 -10.27 2.88 14.94
N LEU A 79 -9.02 2.78 14.49
CA LEU A 79 -7.88 2.83 15.41
C LEU A 79 -7.85 4.10 16.23
N LYS A 80 -8.54 5.14 15.76
CA LYS A 80 -8.60 6.38 16.50
C LYS A 80 -9.46 6.27 17.74
N ARG A 81 -10.19 5.16 17.86
CA ARG A 81 -11.08 4.91 18.99
C ARG A 81 -10.29 4.98 20.29
N THR A 82 -9.05 4.52 20.23
CA THR A 82 -8.17 4.55 21.36
C THR A 82 -6.74 4.73 20.88
N ASP A 83 -6.14 5.85 21.24
CA ASP A 83 -4.77 6.16 20.81
C ASP A 83 -3.99 6.76 21.97
N LEU A 84 -4.44 6.49 23.18
CA LEU A 84 -3.80 7.07 24.35
C LEU A 84 -2.72 6.11 24.83
N ASN A 85 -1.47 6.47 24.58
CA ASN A 85 -0.32 5.66 24.90
C ASN A 85 0.89 6.23 24.21
N ILE A 86 1.95 6.40 24.95
CA ILE A 86 3.18 6.96 24.42
C ILE A 86 3.68 6.14 23.22
N LEU A 87 3.70 4.82 23.38
CA LEU A 87 4.23 3.94 22.36
C LEU A 87 3.26 3.79 21.20
N GLU A 88 1.99 3.50 21.50
CA GLU A 88 0.99 3.30 20.46
C GLU A 88 0.80 4.57 19.64
N ARG A 89 0.78 5.73 20.29
CA ARG A 89 0.67 7.00 19.58
C ARG A 89 1.81 7.14 18.59
N PHE A 90 3.02 6.84 19.06
CA PHE A 90 4.21 6.89 18.22
C PHE A 90 4.07 5.93 17.03
N ASN A 91 3.55 4.74 17.30
CA ASN A 91 3.35 3.74 16.25
C ASN A 91 2.37 4.25 15.21
N TYR A 92 1.23 4.76 15.67
CA TYR A 92 0.23 5.35 14.79
C TYR A 92 0.84 6.45 13.94
N GLU A 93 1.47 7.41 14.61
CA GLU A 93 2.10 8.55 13.97
C GLU A 93 3.15 8.13 12.95
N GLU A 94 4.04 7.23 13.34
CA GLU A 94 5.11 6.79 12.46
C GLU A 94 4.58 6.03 11.25
N ALA A 95 3.64 5.10 11.49
CA ALA A 95 3.06 4.31 10.41
C ALA A 95 2.39 5.21 9.39
N GLN A 96 1.63 6.19 9.88
CA GLN A 96 0.95 7.14 9.00
C GLN A 96 1.95 7.97 8.24
N THR A 97 3.07 8.27 8.87
CA THR A 97 4.15 8.98 8.23
C THR A 97 4.62 8.21 7.01
N LEU A 98 4.84 6.90 7.19
CA LEU A 98 5.29 6.05 6.11
C LEU A 98 4.21 5.88 5.07
N SER A 99 2.95 5.84 5.54
CA SER A 99 1.80 5.70 4.67
C SER A 99 1.72 6.87 3.69
N LYS A 100 1.81 8.09 4.21
CA LYS A 100 1.77 9.29 3.38
C LYS A 100 2.89 9.28 2.37
N ILE A 101 4.07 8.80 2.79
CA ILE A 101 5.21 8.70 1.90
C ILE A 101 4.91 7.74 0.76
N LEU A 102 4.35 6.59 1.14
CA LEU A 102 4.01 5.54 0.19
C LEU A 102 3.02 6.04 -0.86
N LEU A 103 1.92 6.65 -0.40
CA LEU A 103 0.90 7.19 -1.30
C LEU A 103 1.48 8.25 -2.21
N LYS A 104 2.35 9.09 -1.67
CA LYS A 104 2.99 10.12 -2.44
C LYS A 104 3.87 9.51 -3.53
N ASP A 105 4.54 8.41 -3.23
CA ASP A 105 5.39 7.75 -4.21
C ASP A 105 4.55 7.10 -5.31
N LEU A 106 3.38 6.58 -4.93
CA LEU A 106 2.47 5.98 -5.92
C LEU A 106 2.03 7.02 -6.93
N LYS A 107 1.59 8.18 -6.44
CA LYS A 107 1.14 9.27 -7.31
C LYS A 107 2.27 9.81 -8.16
N GLU A 108 3.50 9.77 -7.64
CA GLU A 108 4.65 10.22 -8.40
C GLU A 108 4.86 9.27 -9.57
N THR A 109 4.69 8.00 -9.30
CA THR A 109 4.82 6.97 -10.30
C THR A 109 3.67 7.11 -11.31
N GLU A 110 2.45 7.34 -10.80
CA GLU A 110 1.26 7.60 -11.61
C GLU A 110 1.54 8.68 -12.67
N GLN A 111 2.00 9.83 -12.20
CA GLN A 111 2.29 10.95 -13.08
C GLN A 111 3.35 10.59 -14.12
N LYS A 112 4.30 9.74 -13.73
CA LYS A 112 5.36 9.30 -14.65
C LYS A 112 4.80 8.45 -15.79
N VAL A 113 3.92 7.51 -15.44
CA VAL A 113 3.30 6.64 -16.44
C VAL A 113 2.51 7.49 -17.42
N LYS A 114 1.73 8.41 -16.89
CA LYS A 114 0.92 9.32 -17.69
C LYS A 114 1.78 10.37 -18.40
N ASP A 115 3.03 10.49 -17.95
CA ASP A 115 3.99 11.41 -18.55
C ASP A 115 4.49 10.86 -19.88
N ILE A 116 4.56 9.54 -19.97
CA ILE A 116 5.02 8.88 -21.19
C ILE A 116 3.95 8.94 -22.29
N GLN A 117 4.36 9.47 -23.43
CA GLN A 117 3.50 9.57 -24.60
C GLN A 117 3.41 8.20 -25.28
N THR A 118 2.21 7.67 -25.36
CA THR A 118 2.02 6.38 -25.95
C THR A 118 1.29 6.46 -27.29
N GLN A 119 1.22 5.33 -27.98
CA GLN A 119 0.57 5.25 -29.29
C GLN A 119 -0.93 5.06 -29.14
N GLN A 3 16.44 -21.03 5.61
CA GLN A 3 15.74 -20.96 6.90
C GLN A 3 16.40 -19.96 7.83
N GLU A 4 15.69 -18.88 8.13
CA GLU A 4 16.18 -17.86 9.03
C GLU A 4 15.07 -17.42 9.98
N HIS A 5 15.42 -16.63 10.98
CA HIS A 5 14.45 -16.13 11.96
C HIS A 5 13.80 -17.32 12.69
N LYS A 6 14.64 -18.25 13.13
CA LYS A 6 14.17 -19.45 13.82
C LYS A 6 13.47 -19.09 15.14
N PRO A 7 12.51 -19.94 15.58
CA PRO A 7 11.77 -19.71 16.83
C PRO A 7 12.67 -19.59 18.05
N LYS A 8 13.62 -20.51 18.20
CA LYS A 8 14.57 -20.48 19.30
C LYS A 8 15.63 -19.40 19.07
N LYS A 9 15.23 -18.17 19.27
CA LYS A 9 16.11 -17.02 19.10
C LYS A 9 15.46 -15.80 19.74
N ASP A 10 16.18 -14.70 19.81
CA ASP A 10 15.68 -13.46 20.38
C ASP A 10 14.66 -12.82 19.46
N ASP A 11 13.45 -13.34 19.46
CA ASP A 11 12.38 -12.82 18.64
C ASP A 11 11.38 -12.08 19.54
N PHE A 12 11.91 -11.44 20.58
CA PHE A 12 11.12 -10.70 21.56
C PHE A 12 10.06 -9.82 20.88
N ARG A 13 10.43 -9.20 19.76
CA ARG A 13 9.49 -8.39 19.02
C ARG A 13 8.66 -9.27 18.11
N ASN A 14 7.64 -9.87 18.66
CA ASN A 14 6.76 -10.73 17.89
C ASN A 14 5.36 -10.14 17.87
N GLU A 15 4.69 -10.25 16.74
CA GLU A 15 3.34 -9.71 16.61
C GLU A 15 2.32 -10.59 17.33
N PHE A 16 1.05 -10.38 17.03
CA PHE A 16 -0.01 -11.14 17.64
C PHE A 16 -0.92 -11.72 16.58
N ASP A 17 -2.01 -12.34 17.01
CA ASP A 17 -2.97 -12.96 16.08
C ASP A 17 -3.47 -11.95 15.05
N HIS A 18 -4.06 -10.86 15.53
CA HIS A 18 -4.52 -9.78 14.65
C HIS A 18 -4.88 -8.52 15.44
N LEU A 19 -3.98 -7.57 15.42
CA LEU A 19 -4.20 -6.30 16.09
C LEU A 19 -4.36 -5.16 15.07
N LEU A 20 -4.58 -3.94 15.57
CA LEU A 20 -4.79 -2.79 14.69
C LEU A 20 -3.53 -2.45 13.91
N ILE A 21 -2.43 -2.29 14.62
CA ILE A 21 -1.14 -2.00 13.98
C ILE A 21 -0.71 -3.18 13.10
N GLU A 22 -1.22 -4.35 13.41
CA GLU A 22 -0.98 -5.56 12.63
C GLU A 22 -1.53 -5.38 11.23
N GLN A 23 -2.80 -5.02 11.16
CA GLN A 23 -3.47 -4.78 9.89
C GLN A 23 -2.80 -3.66 9.10
N ALA A 24 -2.33 -2.65 9.82
CA ALA A 24 -1.74 -1.47 9.19
C ALA A 24 -0.33 -1.73 8.67
N ASN A 25 0.51 -2.29 9.54
CA ASN A 25 1.91 -2.54 9.22
C ASN A 25 2.04 -3.56 8.10
N HIS A 26 1.11 -4.50 8.06
CA HIS A 26 1.14 -5.50 7.02
C HIS A 26 0.65 -4.94 5.69
N ALA A 27 -0.39 -4.10 5.72
CA ALA A 27 -0.90 -3.49 4.50
C ALA A 27 0.11 -2.55 3.87
N ILE A 28 0.72 -1.70 4.69
CA ILE A 28 1.71 -0.76 4.18
C ILE A 28 2.94 -1.48 3.67
N GLU A 29 3.27 -2.61 4.29
CA GLU A 29 4.38 -3.44 3.85
C GLU A 29 4.10 -3.98 2.45
N LYS A 30 2.87 -4.44 2.26
CA LYS A 30 2.45 -4.97 0.97
C LYS A 30 2.44 -3.85 -0.06
N GLY A 31 1.93 -2.68 0.33
CA GLY A 31 1.87 -1.54 -0.55
C GLY A 31 3.26 -1.11 -0.99
N GLU A 32 4.17 -1.11 -0.04
CA GLU A 32 5.55 -0.73 -0.27
C GLU A 32 6.17 -1.62 -1.35
N HIS A 33 6.00 -2.91 -1.20
CA HIS A 33 6.58 -3.87 -2.12
C HIS A 33 5.93 -3.81 -3.50
N GLN A 34 4.60 -3.64 -3.55
CA GLN A 34 3.91 -3.54 -4.84
C GLN A 34 4.27 -2.22 -5.52
N LEU A 35 4.57 -1.20 -4.73
CA LEU A 35 5.01 0.09 -5.27
C LEU A 35 6.36 -0.08 -5.95
N LEU A 36 7.27 -0.78 -5.29
CA LEU A 36 8.59 -1.02 -5.83
C LEU A 36 8.48 -1.89 -7.07
N TYR A 37 7.53 -2.82 -7.06
CA TYR A 37 7.32 -3.72 -8.18
C TYR A 37 6.84 -2.96 -9.41
N LEU A 38 5.72 -2.22 -9.26
CA LEU A 38 5.13 -1.46 -10.36
C LEU A 38 6.11 -0.43 -10.91
N GLN A 39 6.96 0.08 -10.03
CA GLN A 39 7.97 1.05 -10.42
C GLN A 39 8.87 0.45 -11.52
N HIS A 40 9.08 -0.86 -11.44
CA HIS A 40 9.87 -1.57 -12.42
C HIS A 40 9.13 -1.62 -13.75
N GLN A 41 7.81 -1.86 -13.68
CA GLN A 41 6.97 -1.84 -14.87
C GLN A 41 7.09 -0.52 -15.58
N LEU A 42 7.06 0.57 -14.80
CA LEU A 42 7.27 1.92 -15.32
C LEU A 42 8.52 1.97 -16.19
N ASP A 43 9.63 1.44 -15.66
CA ASP A 43 10.89 1.44 -16.44
C ASP A 43 10.72 0.74 -17.78
N GLU A 44 10.00 -0.37 -17.77
CA GLU A 44 9.75 -1.13 -18.99
C GLU A 44 8.87 -0.31 -19.93
N LEU A 45 7.83 0.28 -19.34
CA LEU A 45 6.88 1.12 -20.07
C LEU A 45 7.59 2.27 -20.76
N ASN A 46 8.53 2.90 -20.09
CA ASN A 46 9.30 4.01 -20.64
C ASN A 46 10.03 3.60 -21.91
N GLU A 47 10.50 2.37 -21.94
CA GLU A 47 11.22 1.85 -23.08
C GLU A 47 10.25 1.42 -24.20
N ASN A 48 9.21 0.70 -23.83
CA ASN A 48 8.29 0.15 -24.83
C ASN A 48 7.29 1.22 -25.35
N LYS A 49 6.91 2.15 -24.46
CA LYS A 49 5.93 3.22 -24.79
C LYS A 49 4.59 2.61 -25.22
N SER A 50 4.34 1.39 -24.76
CA SER A 50 3.13 0.67 -25.12
C SER A 50 1.89 1.30 -24.50
N LYS A 51 0.96 1.73 -25.35
CA LYS A 51 -0.28 2.34 -24.89
C LYS A 51 -1.09 1.36 -24.04
N GLU A 52 -1.15 0.11 -24.47
CA GLU A 52 -1.86 -0.94 -23.74
C GLU A 52 -1.21 -1.21 -22.38
N LEU A 53 0.12 -1.25 -22.35
CA LEU A 53 0.83 -1.48 -21.10
C LEU A 53 0.56 -0.32 -20.13
N GLN A 54 0.56 0.89 -20.68
CA GLN A 54 0.28 2.09 -19.90
C GLN A 54 -1.08 1.98 -19.21
N GLU A 55 -2.07 1.58 -19.97
CA GLU A 55 -3.43 1.47 -19.46
C GLU A 55 -3.55 0.42 -18.36
N LYS A 56 -2.91 -0.73 -18.56
CA LYS A 56 -2.94 -1.80 -17.56
C LYS A 56 -2.25 -1.35 -16.28
N ILE A 57 -1.12 -0.67 -16.44
CA ILE A 57 -0.38 -0.14 -15.31
C ILE A 57 -1.23 0.84 -14.53
N ILE A 58 -1.92 1.72 -15.24
CA ILE A 58 -2.80 2.70 -14.61
C ILE A 58 -4.02 2.03 -13.96
N ARG A 59 -4.52 0.97 -14.61
CA ARG A 59 -5.69 0.26 -14.08
C ARG A 59 -5.37 -0.43 -12.76
N GLU A 60 -4.23 -1.11 -12.71
CA GLU A 60 -3.82 -1.76 -11.48
C GLU A 60 -3.37 -0.75 -10.44
N LEU A 61 -2.79 0.34 -10.89
CA LEU A 61 -2.37 1.41 -10.01
C LEU A 61 -3.59 2.02 -9.30
N ASP A 62 -4.61 2.33 -10.11
CA ASP A 62 -5.87 2.93 -9.63
C ASP A 62 -6.60 2.02 -8.63
N VAL A 63 -6.73 0.75 -8.97
CA VAL A 63 -7.43 -0.20 -8.09
C VAL A 63 -6.70 -0.39 -6.75
N VAL A 64 -5.37 -0.45 -6.79
CA VAL A 64 -4.56 -0.66 -5.59
C VAL A 64 -4.55 0.59 -4.70
N CYS A 65 -4.44 1.77 -5.30
CA CYS A 65 -4.39 2.99 -4.51
C CYS A 65 -5.73 3.22 -3.80
N ALA A 66 -6.81 2.80 -4.45
CA ALA A 66 -8.15 2.95 -3.90
C ALA A 66 -8.37 2.00 -2.73
N MET A 67 -7.99 0.74 -2.89
CA MET A 67 -8.18 -0.23 -1.83
C MET A 67 -7.31 0.14 -0.61
N ILE A 68 -6.08 0.55 -0.89
CA ILE A 68 -5.15 0.96 0.16
C ILE A 68 -5.65 2.21 0.89
N GLU A 69 -6.14 3.19 0.13
CA GLU A 69 -6.64 4.43 0.71
C GLU A 69 -7.92 4.20 1.49
N GLY A 70 -8.75 3.30 0.99
CA GLY A 70 -10.00 3.00 1.65
C GLY A 70 -9.80 2.31 2.98
N ALA A 71 -8.91 1.32 2.99
CA ALA A 71 -8.61 0.57 4.19
C ALA A 71 -7.83 1.44 5.16
N GLN A 72 -6.89 2.21 4.64
CA GLN A 72 -6.08 3.09 5.47
C GLN A 72 -6.99 4.10 6.17
N GLY A 73 -7.95 4.60 5.41
CA GLY A 73 -8.88 5.59 5.93
C GLY A 73 -9.83 5.02 6.97
N ALA A 74 -10.40 3.86 6.65
CA ALA A 74 -11.36 3.19 7.51
C ALA A 74 -10.71 2.74 8.80
N LEU A 75 -9.64 1.96 8.65
CA LEU A 75 -8.90 1.43 9.77
C LEU A 75 -8.41 2.51 10.72
N GLU A 76 -7.79 3.55 10.16
CA GLU A 76 -7.24 4.61 10.98
C GLU A 76 -8.33 5.25 11.86
N ARG A 77 -9.51 5.44 11.28
CA ARG A 77 -10.66 5.99 12.02
C ARG A 77 -11.00 5.09 13.22
N GLU A 78 -11.02 3.79 12.97
CA GLU A 78 -11.35 2.81 14.02
C GLU A 78 -10.29 2.83 15.11
N LEU A 79 -9.04 2.63 14.71
CA LEU A 79 -7.93 2.61 15.66
C LEU A 79 -7.80 3.91 16.43
N LYS A 80 -8.38 5.01 15.91
CA LYS A 80 -8.32 6.28 16.58
C LYS A 80 -9.16 6.27 17.85
N ARG A 81 -10.32 5.61 17.77
CA ARG A 81 -11.26 5.53 18.90
C ARG A 81 -10.66 4.74 20.03
N THR A 82 -9.75 3.86 19.69
CA THR A 82 -9.07 3.06 20.65
C THR A 82 -8.10 3.93 21.42
N ASP A 83 -8.03 3.74 22.73
CA ASP A 83 -7.11 4.51 23.52
C ASP A 83 -5.69 4.08 23.20
N LEU A 84 -4.75 4.94 23.43
CA LEU A 84 -3.38 4.64 23.08
C LEU A 84 -2.36 5.26 24.02
N ASN A 85 -1.26 4.56 24.15
CA ASN A 85 -0.15 5.01 24.97
C ASN A 85 0.81 5.86 24.15
N ILE A 86 1.82 6.39 24.80
CA ILE A 86 2.84 7.20 24.14
C ILE A 86 3.52 6.39 23.01
N LEU A 87 3.65 5.09 23.23
CA LEU A 87 4.29 4.22 22.27
C LEU A 87 3.35 3.96 21.11
N GLU A 88 2.11 3.66 21.43
CA GLU A 88 1.09 3.41 20.43
C GLU A 88 0.87 4.65 19.57
N ARG A 89 0.87 5.82 20.21
CA ARG A 89 0.74 7.08 19.48
C ARG A 89 1.81 7.17 18.40
N PHE A 90 3.05 6.91 18.81
CA PHE A 90 4.19 6.94 17.91
C PHE A 90 4.02 5.91 16.79
N ASN A 91 3.59 4.71 17.15
CA ASN A 91 3.38 3.64 16.16
C ASN A 91 2.32 4.05 15.14
N TYR A 92 1.17 4.50 15.64
CA TYR A 92 0.08 4.99 14.77
C TYR A 92 0.59 6.06 13.83
N GLU A 93 1.21 7.08 14.43
CA GLU A 93 1.78 8.18 13.70
C GLU A 93 2.77 7.70 12.64
N GLU A 94 3.70 6.86 13.04
CA GLU A 94 4.74 6.37 12.15
C GLU A 94 4.17 5.56 10.99
N ALA A 95 3.20 4.70 11.29
CA ALA A 95 2.61 3.84 10.27
C ALA A 95 1.93 4.67 9.19
N GLN A 96 1.13 5.64 9.63
CA GLN A 96 0.43 6.52 8.71
C GLN A 96 1.43 7.42 7.99
N THR A 97 2.49 7.80 8.69
CA THR A 97 3.56 8.59 8.09
C THR A 97 4.17 7.84 6.91
N LEU A 98 4.45 6.56 7.10
CA LEU A 98 5.01 5.75 6.03
C LEU A 98 4.00 5.61 4.90
N SER A 99 2.73 5.46 5.28
CA SER A 99 1.65 5.35 4.32
C SER A 99 1.62 6.56 3.39
N LYS A 100 1.75 7.76 3.98
CA LYS A 100 1.71 9.01 3.21
C LYS A 100 2.88 9.06 2.23
N ILE A 101 4.05 8.63 2.70
CA ILE A 101 5.24 8.62 1.88
C ILE A 101 5.06 7.67 0.70
N LEU A 102 4.51 6.50 0.98
CA LEU A 102 4.26 5.50 -0.04
C LEU A 102 3.26 6.00 -1.06
N LEU A 103 2.22 6.68 -0.57
CA LEU A 103 1.19 7.24 -1.42
C LEU A 103 1.75 8.32 -2.33
N LYS A 104 2.59 9.21 -1.78
CA LYS A 104 3.18 10.26 -2.57
C LYS A 104 4.08 9.68 -3.66
N ASP A 105 4.87 8.67 -3.32
CA ASP A 105 5.74 8.04 -4.32
C ASP A 105 4.89 7.38 -5.39
N LEU A 106 3.75 6.83 -5.00
CA LEU A 106 2.84 6.20 -5.93
C LEU A 106 2.30 7.26 -6.91
N LYS A 107 1.90 8.40 -6.35
CA LYS A 107 1.43 9.54 -7.13
C LYS A 107 2.49 9.99 -8.14
N GLU A 108 3.74 9.99 -7.71
CA GLU A 108 4.84 10.35 -8.60
C GLU A 108 4.87 9.37 -9.79
N THR A 109 4.61 8.11 -9.49
CA THR A 109 4.63 7.06 -10.50
C THR A 109 3.57 7.31 -11.59
N GLU A 110 2.31 7.46 -11.19
CA GLU A 110 1.22 7.71 -12.14
C GLU A 110 1.51 8.94 -13.00
N GLN A 111 2.03 9.98 -12.38
CA GLN A 111 2.37 11.21 -13.09
C GLN A 111 3.41 10.96 -14.17
N LYS A 112 4.43 10.16 -13.83
CA LYS A 112 5.49 9.82 -14.78
C LYS A 112 4.93 9.03 -15.97
N VAL A 113 4.02 8.12 -15.65
CA VAL A 113 3.35 7.31 -16.67
C VAL A 113 2.59 8.24 -17.63
N LYS A 114 1.94 9.24 -17.06
CA LYS A 114 1.21 10.24 -17.83
C LYS A 114 2.18 11.09 -18.65
N ASP A 115 3.43 11.17 -18.19
CA ASP A 115 4.45 11.95 -18.88
C ASP A 115 4.99 11.21 -20.09
N ILE A 116 4.84 9.89 -20.11
CA ILE A 116 5.33 9.08 -21.22
C ILE A 116 4.37 9.17 -22.42
N GLN A 117 4.93 9.05 -23.62
CA GLN A 117 4.12 9.08 -24.83
C GLN A 117 3.68 7.66 -25.21
N THR A 118 2.73 7.56 -26.11
CA THR A 118 2.13 6.27 -26.44
C THR A 118 1.56 6.27 -27.86
N GLN A 119 1.43 5.09 -28.45
CA GLN A 119 0.85 4.98 -29.78
C GLN A 119 -0.64 4.62 -29.69
N GLN A 3 -22.97 -27.80 16.80
CA GLN A 3 -23.25 -27.26 18.14
C GLN A 3 -21.95 -26.86 18.81
N GLU A 4 -21.51 -25.63 18.56
CA GLU A 4 -20.24 -25.14 19.06
C GLU A 4 -20.09 -23.64 18.81
N HIS A 5 -18.90 -23.10 19.04
CA HIS A 5 -18.60 -21.72 18.75
C HIS A 5 -17.45 -21.65 17.76
N LYS A 6 -16.70 -20.55 17.78
CA LYS A 6 -15.57 -20.37 16.88
C LYS A 6 -14.50 -21.44 17.10
N PRO A 7 -13.73 -21.77 16.05
CA PRO A 7 -12.68 -22.81 16.12
C PRO A 7 -11.59 -22.53 17.16
N LYS A 8 -10.58 -23.35 17.14
CA LYS A 8 -9.47 -23.21 18.07
C LYS A 8 -8.30 -22.58 17.34
N LYS A 9 -8.22 -21.28 17.42
CA LYS A 9 -7.14 -20.55 16.77
C LYS A 9 -6.32 -19.82 17.81
N ASP A 10 -5.04 -19.66 17.52
CA ASP A 10 -4.11 -18.97 18.41
C ASP A 10 -2.74 -18.95 17.79
N ASP A 11 -1.97 -17.92 18.12
CA ASP A 11 -0.65 -17.73 17.55
C ASP A 11 0.42 -18.24 18.54
N PHE A 12 0.07 -19.29 19.29
CA PHE A 12 0.97 -19.93 20.26
C PHE A 12 1.18 -19.05 21.49
N ARG A 13 0.13 -18.29 21.82
CA ARG A 13 0.10 -17.41 23.00
C ARG A 13 0.85 -16.11 22.74
N ASN A 14 1.09 -15.82 21.47
CA ASN A 14 1.78 -14.60 21.08
C ASN A 14 0.99 -13.37 21.54
N GLU A 15 1.73 -12.30 21.84
CA GLU A 15 1.15 -11.05 22.33
C GLU A 15 0.00 -10.57 21.43
N PHE A 16 0.27 -10.32 20.16
CA PHE A 16 -0.76 -9.85 19.27
C PHE A 16 -0.92 -10.77 18.07
N ASP A 17 -2.07 -11.41 17.98
CA ASP A 17 -2.38 -12.26 16.84
C ASP A 17 -2.63 -11.38 15.62
N HIS A 18 -3.59 -10.49 15.75
CA HIS A 18 -3.94 -9.53 14.70
C HIS A 18 -4.49 -8.27 15.34
N LEU A 19 -3.67 -7.24 15.36
CA LEU A 19 -4.05 -5.95 15.93
C LEU A 19 -4.17 -4.92 14.81
N LEU A 20 -4.69 -3.74 15.14
CA LEU A 20 -4.86 -2.66 14.16
C LEU A 20 -3.52 -2.34 13.47
N ILE A 21 -2.46 -2.19 14.27
CA ILE A 21 -1.14 -1.90 13.73
C ILE A 21 -0.64 -3.05 12.87
N GLU A 22 -0.91 -4.26 13.30
CA GLU A 22 -0.50 -5.46 12.55
C GLU A 22 -1.13 -5.46 11.16
N GLN A 23 -2.35 -4.95 11.07
CA GLN A 23 -3.06 -4.88 9.81
C GLN A 23 -2.42 -3.82 8.92
N ALA A 24 -2.26 -2.61 9.46
CA ALA A 24 -1.62 -1.50 8.74
C ALA A 24 -0.22 -1.88 8.28
N ASN A 25 0.52 -2.53 9.18
CA ASN A 25 1.89 -2.97 8.92
C ASN A 25 1.89 -3.95 7.75
N HIS A 26 0.87 -4.79 7.71
CA HIS A 26 0.73 -5.76 6.63
C HIS A 26 0.44 -5.05 5.31
N ALA A 27 -0.46 -4.07 5.34
CA ALA A 27 -0.84 -3.32 4.15
C ALA A 27 0.33 -2.53 3.57
N ILE A 28 1.05 -1.79 4.43
CA ILE A 28 2.17 -0.98 3.96
C ILE A 28 3.30 -1.85 3.42
N GLU A 29 3.51 -3.01 4.05
CA GLU A 29 4.49 -3.97 3.59
C GLU A 29 4.15 -4.42 2.16
N LYS A 30 2.87 -4.71 1.93
CA LYS A 30 2.40 -5.11 0.62
C LYS A 30 2.53 -3.93 -0.34
N GLY A 31 2.18 -2.72 0.14
CA GLY A 31 2.28 -1.52 -0.68
C GLY A 31 3.69 -1.26 -1.17
N GLU A 32 4.65 -1.41 -0.27
CA GLU A 32 6.05 -1.21 -0.59
C GLU A 32 6.48 -2.15 -1.72
N HIS A 33 6.10 -3.41 -1.59
CA HIS A 33 6.47 -4.43 -2.56
C HIS A 33 5.87 -4.14 -3.94
N GLN A 34 4.60 -3.78 -3.97
CA GLN A 34 3.92 -3.50 -5.23
C GLN A 34 4.38 -2.18 -5.84
N LEU A 35 4.74 -1.21 -4.99
CA LEU A 35 5.24 0.08 -5.47
C LEU A 35 6.57 -0.12 -6.18
N LEU A 36 7.48 -0.85 -5.55
CA LEU A 36 8.78 -1.10 -6.15
C LEU A 36 8.62 -1.93 -7.43
N TYR A 37 7.54 -2.71 -7.49
CA TYR A 37 7.25 -3.49 -8.68
C TYR A 37 6.81 -2.60 -9.83
N LEU A 38 5.76 -1.79 -9.59
CA LEU A 38 5.16 -0.94 -10.62
C LEU A 38 6.15 0.10 -11.11
N GLN A 39 6.98 0.61 -10.20
CA GLN A 39 7.99 1.60 -10.56
C GLN A 39 8.93 1.01 -11.62
N HIS A 40 9.27 -0.27 -11.44
CA HIS A 40 10.12 -0.96 -12.39
C HIS A 40 9.35 -1.21 -13.70
N GLN A 41 8.04 -1.44 -13.57
CA GLN A 41 7.19 -1.66 -14.73
C GLN A 41 7.16 -0.38 -15.56
N LEU A 42 7.02 0.74 -14.86
CA LEU A 42 7.06 2.07 -15.47
C LEU A 42 8.33 2.28 -16.27
N ASP A 43 9.45 1.80 -15.74
CA ASP A 43 10.74 1.90 -16.43
C ASP A 43 10.66 1.18 -17.77
N GLU A 44 9.99 0.03 -17.76
CA GLU A 44 9.78 -0.75 -18.97
C GLU A 44 8.86 0.02 -19.94
N LEU A 45 7.81 0.58 -19.35
CA LEU A 45 6.85 1.40 -20.10
C LEU A 45 7.56 2.55 -20.83
N ASN A 46 8.58 3.10 -20.18
CA ASN A 46 9.38 4.19 -20.76
C ASN A 46 10.10 3.72 -22.02
N GLU A 47 10.47 2.46 -22.04
CA GLU A 47 11.19 1.89 -23.16
C GLU A 47 10.25 1.39 -24.27
N ASN A 48 9.22 0.63 -23.88
CA ASN A 48 8.29 0.05 -24.86
C ASN A 48 7.26 1.10 -25.34
N LYS A 49 6.93 2.04 -24.44
CA LYS A 49 5.94 3.10 -24.72
C LYS A 49 4.57 2.48 -25.09
N SER A 50 4.37 1.24 -24.67
CA SER A 50 3.13 0.52 -24.98
C SER A 50 1.92 1.19 -24.36
N LYS A 51 0.98 1.60 -25.21
CA LYS A 51 -0.25 2.21 -24.75
C LYS A 51 -1.06 1.21 -23.92
N GLU A 52 -1.09 -0.05 -24.37
CA GLU A 52 -1.78 -1.12 -23.65
C GLU A 52 -1.15 -1.34 -22.29
N LEU A 53 0.18 -1.40 -22.23
CA LEU A 53 0.85 -1.54 -20.94
C LEU A 53 0.50 -0.36 -20.06
N GLN A 54 0.47 0.83 -20.67
CA GLN A 54 0.08 2.04 -19.97
C GLN A 54 -1.30 1.88 -19.33
N GLU A 55 -2.26 1.41 -20.11
CA GLU A 55 -3.62 1.22 -19.64
C GLU A 55 -3.67 0.22 -18.49
N LYS A 56 -3.00 -0.92 -18.66
CA LYS A 56 -2.97 -1.95 -17.62
C LYS A 56 -2.37 -1.37 -16.33
N ILE A 57 -1.32 -0.58 -16.52
CA ILE A 57 -0.66 0.08 -15.40
C ILE A 57 -1.64 1.04 -14.70
N ILE A 58 -2.33 1.86 -15.49
CA ILE A 58 -3.32 2.79 -14.95
C ILE A 58 -4.43 2.04 -14.22
N ARG A 59 -4.88 0.94 -14.81
CA ARG A 59 -5.97 0.15 -14.27
C ARG A 59 -5.57 -0.54 -12.98
N GLU A 60 -4.40 -1.14 -12.95
CA GLU A 60 -3.96 -1.81 -11.76
C GLU A 60 -3.58 -0.79 -10.69
N LEU A 61 -3.02 0.34 -11.12
CA LEU A 61 -2.65 1.41 -10.20
C LEU A 61 -3.90 1.92 -9.49
N ASP A 62 -4.94 2.17 -10.27
CA ASP A 62 -6.21 2.69 -9.77
C ASP A 62 -6.83 1.76 -8.72
N VAL A 63 -6.92 0.48 -9.04
CA VAL A 63 -7.52 -0.48 -8.11
C VAL A 63 -6.70 -0.56 -6.81
N VAL A 64 -5.39 -0.48 -6.93
CA VAL A 64 -4.50 -0.49 -5.78
C VAL A 64 -4.68 0.78 -4.96
N CYS A 65 -4.74 1.91 -5.64
CA CYS A 65 -4.91 3.19 -4.97
C CYS A 65 -6.24 3.22 -4.23
N ALA A 66 -7.28 2.70 -4.87
CA ALA A 66 -8.60 2.69 -4.28
C ALA A 66 -8.69 1.76 -3.07
N MET A 67 -8.19 0.54 -3.22
CA MET A 67 -8.26 -0.42 -2.11
C MET A 67 -7.40 0.05 -0.93
N ILE A 68 -6.24 0.62 -1.24
CA ILE A 68 -5.35 1.14 -0.22
C ILE A 68 -6.01 2.33 0.51
N GLU A 69 -6.64 3.21 -0.26
CA GLU A 69 -7.29 4.39 0.30
C GLU A 69 -8.48 4.00 1.16
N GLY A 70 -9.21 2.98 0.72
CA GLY A 70 -10.37 2.53 1.45
C GLY A 70 -10.02 1.94 2.80
N ALA A 71 -9.02 1.05 2.81
CA ALA A 71 -8.58 0.41 4.04
C ALA A 71 -7.94 1.41 4.97
N GLN A 72 -7.13 2.32 4.41
CA GLN A 72 -6.46 3.32 5.21
C GLN A 72 -7.46 4.23 5.90
N GLY A 73 -8.48 4.65 5.17
CA GLY A 73 -9.48 5.56 5.71
C GLY A 73 -10.29 4.92 6.82
N ALA A 74 -10.70 3.69 6.59
CA ALA A 74 -11.51 2.94 7.54
C ALA A 74 -10.73 2.66 8.81
N LEU A 75 -9.56 2.05 8.64
CA LEU A 75 -8.69 1.71 9.75
C LEU A 75 -8.26 2.95 10.51
N GLU A 76 -7.94 4.03 9.79
CA GLU A 76 -7.53 5.29 10.40
C GLU A 76 -8.55 5.77 11.41
N ARG A 77 -9.80 5.83 10.99
CA ARG A 77 -10.89 6.26 11.86
C ARG A 77 -10.99 5.36 13.09
N GLU A 78 -10.78 4.08 12.90
CA GLU A 78 -10.88 3.12 13.99
C GLU A 78 -9.70 3.25 14.95
N LEU A 79 -8.47 3.12 14.44
CA LEU A 79 -7.28 3.20 15.27
C LEU A 79 -7.13 4.54 15.95
N LYS A 80 -7.76 5.55 15.42
CA LYS A 80 -7.63 6.85 16.00
C LYS A 80 -8.27 6.95 17.37
N ARG A 81 -9.15 5.99 17.67
CA ARG A 81 -9.80 5.95 18.96
C ARG A 81 -9.00 5.10 19.95
N THR A 82 -8.17 4.19 19.44
CA THR A 82 -7.39 3.32 20.29
C THR A 82 -6.12 4.01 20.81
N ASP A 83 -6.06 5.33 20.62
CA ASP A 83 -5.01 6.20 21.20
C ASP A 83 -5.01 6.06 22.76
N LEU A 84 -4.83 7.17 23.49
CA LEU A 84 -4.77 7.13 24.95
C LEU A 84 -3.63 6.23 25.43
N ASN A 85 -2.41 6.67 25.11
CA ASN A 85 -1.17 5.97 25.48
C ASN A 85 -0.01 6.51 24.69
N ILE A 86 1.12 6.67 25.37
CA ILE A 86 2.31 7.22 24.74
C ILE A 86 2.81 6.35 23.58
N LEU A 87 2.81 5.02 23.79
CA LEU A 87 3.36 4.09 22.81
C LEU A 87 2.49 4.06 21.56
N GLU A 88 1.18 3.86 21.75
CA GLU A 88 0.25 3.81 20.62
C GLU A 88 0.28 5.10 19.84
N ARG A 89 0.35 6.22 20.53
CA ARG A 89 0.33 7.51 19.87
C ARG A 89 1.53 7.65 18.93
N PHE A 90 2.69 7.24 19.43
CA PHE A 90 3.93 7.30 18.68
C PHE A 90 3.94 6.28 17.54
N ASN A 91 3.58 5.04 17.87
CA ASN A 91 3.56 3.95 16.88
C ASN A 91 2.66 4.32 15.70
N TYR A 92 1.44 4.74 16.01
CA TYR A 92 0.49 5.20 15.00
C TYR A 92 1.08 6.32 14.16
N GLU A 93 1.73 7.26 14.84
CA GLU A 93 2.33 8.40 14.18
C GLU A 93 3.39 7.94 13.19
N GLU A 94 4.17 6.93 13.58
CA GLU A 94 5.20 6.38 12.73
C GLU A 94 4.58 5.71 11.52
N ALA A 95 3.55 4.88 11.74
CA ALA A 95 2.85 4.20 10.67
C ALA A 95 2.29 5.21 9.68
N GLN A 96 1.65 6.26 10.20
CA GLN A 96 1.10 7.32 9.37
C GLN A 96 2.20 7.96 8.54
N THR A 97 3.36 8.11 9.15
CA THR A 97 4.51 8.70 8.49
C THR A 97 4.91 7.85 7.28
N LEU A 98 5.05 6.54 7.48
CA LEU A 98 5.46 5.66 6.41
C LEU A 98 4.39 5.57 5.34
N SER A 99 3.13 5.59 5.78
CA SER A 99 2.00 5.52 4.88
C SER A 99 2.03 6.68 3.88
N LYS A 100 2.23 7.89 4.40
CA LYS A 100 2.26 9.09 3.59
C LYS A 100 3.45 9.09 2.63
N ILE A 101 4.55 8.47 3.05
CA ILE A 101 5.71 8.38 2.19
C ILE A 101 5.42 7.46 1.01
N LEU A 102 4.82 6.31 1.31
CA LEU A 102 4.47 5.31 0.30
C LEU A 102 3.49 5.90 -0.72
N LEU A 103 2.48 6.59 -0.22
CA LEU A 103 1.45 7.21 -1.07
C LEU A 103 2.08 8.22 -2.03
N LYS A 104 3.00 9.03 -1.54
CA LYS A 104 3.65 10.03 -2.39
C LYS A 104 4.47 9.38 -3.49
N ASP A 105 5.17 8.28 -3.17
CA ASP A 105 5.99 7.61 -4.18
C ASP A 105 5.09 6.95 -5.23
N LEU A 106 3.94 6.43 -4.78
CA LEU A 106 2.99 5.80 -5.69
C LEU A 106 2.41 6.86 -6.65
N LYS A 107 2.06 8.02 -6.09
CA LYS A 107 1.57 9.13 -6.88
C LYS A 107 2.61 9.57 -7.90
N GLU A 108 3.89 9.39 -7.58
CA GLU A 108 4.96 9.70 -8.51
C GLU A 108 4.91 8.70 -9.68
N THR A 109 4.49 7.48 -9.39
CA THR A 109 4.34 6.47 -10.41
C THR A 109 3.26 6.91 -11.40
N GLU A 110 2.11 7.33 -10.85
CA GLU A 110 1.01 7.88 -11.65
C GLU A 110 1.50 9.04 -12.53
N GLN A 111 2.27 9.92 -11.93
CA GLN A 111 2.84 11.07 -12.64
C GLN A 111 3.72 10.60 -13.81
N LYS A 112 4.49 9.55 -13.57
CA LYS A 112 5.41 9.01 -14.55
C LYS A 112 4.64 8.44 -15.76
N VAL A 113 3.63 7.63 -15.47
CA VAL A 113 2.85 6.97 -16.52
C VAL A 113 2.03 7.98 -17.32
N LYS A 114 1.46 8.97 -16.63
CA LYS A 114 0.69 10.01 -17.32
C LYS A 114 1.60 10.90 -18.14
N ASP A 115 2.90 10.90 -17.80
CA ASP A 115 3.87 11.69 -18.52
C ASP A 115 4.25 11.03 -19.84
N ILE A 116 4.19 9.70 -19.88
CA ILE A 116 4.56 8.96 -21.08
C ILE A 116 3.53 9.15 -22.20
N GLN A 117 4.00 9.70 -23.30
CA GLN A 117 3.20 9.88 -24.51
C GLN A 117 3.05 8.55 -25.25
N THR A 118 1.82 8.08 -25.38
CA THR A 118 1.57 6.83 -26.08
C THR A 118 0.67 7.04 -27.30
N GLN A 119 0.21 5.96 -27.90
CA GLN A 119 -0.62 6.06 -29.07
C GLN A 119 -1.86 5.17 -28.91
N GLN A 3 17.11 -42.80 21.89
CA GLN A 3 16.94 -42.00 20.66
C GLN A 3 16.04 -40.80 20.94
N GLU A 4 16.66 -39.65 21.08
CA GLU A 4 15.95 -38.43 21.37
C GLU A 4 15.15 -37.95 20.17
N HIS A 5 13.87 -37.76 20.39
CA HIS A 5 12.98 -37.27 19.36
C HIS A 5 12.00 -36.27 19.97
N LYS A 6 12.53 -35.13 20.33
CA LYS A 6 11.77 -34.04 20.93
C LYS A 6 11.12 -33.19 19.84
N PRO A 7 10.10 -32.37 20.22
CA PRO A 7 9.44 -31.44 19.29
C PRO A 7 10.40 -30.36 18.73
N LYS A 8 9.84 -29.23 18.33
CA LYS A 8 10.62 -28.17 17.73
C LYS A 8 9.94 -26.80 17.93
N LYS A 9 10.67 -25.73 17.64
CA LYS A 9 10.14 -24.37 17.75
C LYS A 9 9.07 -24.14 16.68
N ASP A 10 8.28 -23.07 16.83
CA ASP A 10 7.18 -22.74 15.90
C ASP A 10 7.64 -22.78 14.45
N ASP A 11 7.29 -23.86 13.75
CA ASP A 11 7.60 -24.00 12.33
C ASP A 11 6.92 -22.90 11.54
N PHE A 12 5.78 -22.45 12.02
CA PHE A 12 5.06 -21.36 11.40
C PHE A 12 4.70 -20.31 12.45
N ARG A 13 5.65 -19.39 12.70
CA ARG A 13 5.41 -18.28 13.62
C ARG A 13 4.07 -17.59 13.34
N ASN A 14 3.25 -17.52 14.35
CA ASN A 14 1.92 -16.94 14.24
C ASN A 14 1.61 -16.09 15.47
N GLU A 15 1.27 -14.83 15.24
CA GLU A 15 0.94 -13.92 16.31
C GLU A 15 -0.56 -13.65 16.35
N PHE A 16 -1.04 -13.08 17.44
CA PHE A 16 -2.45 -12.73 17.59
C PHE A 16 -2.94 -11.83 16.46
N ASP A 17 -4.10 -12.16 15.93
CA ASP A 17 -4.73 -11.42 14.83
C ASP A 17 -5.25 -10.07 15.32
N HIS A 18 -5.49 -9.97 16.62
CA HIS A 18 -5.98 -8.74 17.21
C HIS A 18 -4.83 -7.78 17.46
N LEU A 19 -4.66 -6.83 16.55
CA LEU A 19 -3.63 -5.82 16.65
C LEU A 19 -3.82 -4.79 15.54
N LEU A 20 -4.15 -3.56 15.93
CA LEU A 20 -4.43 -2.47 14.99
C LEU A 20 -3.22 -2.19 14.10
N ILE A 21 -2.06 -2.02 14.72
CA ILE A 21 -0.84 -1.76 13.99
C ILE A 21 -0.52 -2.90 13.01
N GLU A 22 -0.88 -4.12 13.39
CA GLU A 22 -0.64 -5.29 12.54
C GLU A 22 -1.35 -5.12 11.20
N GLN A 23 -2.65 -4.79 11.26
CA GLN A 23 -3.45 -4.61 10.05
C GLN A 23 -2.88 -3.48 9.18
N ALA A 24 -2.41 -2.42 9.82
CA ALA A 24 -1.86 -1.28 9.10
C ALA A 24 -0.50 -1.65 8.50
N ASN A 25 0.25 -2.43 9.26
CA ASN A 25 1.56 -2.92 8.84
C ASN A 25 1.44 -3.82 7.64
N HIS A 26 0.36 -4.60 7.61
CA HIS A 26 0.14 -5.49 6.50
C HIS A 26 -0.16 -4.71 5.22
N ALA A 27 -1.04 -3.71 5.30
CA ALA A 27 -1.37 -2.89 4.13
C ALA A 27 -0.16 -2.16 3.57
N ILE A 28 0.64 -1.52 4.42
CA ILE A 28 1.81 -0.81 3.94
C ILE A 28 2.82 -1.77 3.29
N GLU A 29 2.91 -2.97 3.86
CA GLU A 29 3.77 -4.02 3.34
C GLU A 29 3.35 -4.37 1.90
N LYS A 30 2.06 -4.63 1.70
CA LYS A 30 1.57 -4.97 0.38
C LYS A 30 1.76 -3.79 -0.58
N GLY A 31 1.45 -2.58 -0.09
CA GLY A 31 1.60 -1.38 -0.88
C GLY A 31 3.02 -1.16 -1.36
N GLU A 32 3.99 -1.36 -0.46
CA GLU A 32 5.41 -1.20 -0.78
C GLU A 32 5.81 -2.08 -1.93
N HIS A 33 5.43 -3.35 -1.86
CA HIS A 33 5.81 -4.29 -2.91
C HIS A 33 5.11 -3.96 -4.23
N GLN A 34 3.89 -3.44 -4.14
CA GLN A 34 3.15 -3.02 -5.33
C GLN A 34 3.81 -1.80 -5.95
N LEU A 35 4.16 -0.84 -5.11
CA LEU A 35 4.79 0.38 -5.57
C LEU A 35 6.13 0.08 -6.26
N LEU A 36 6.98 -0.69 -5.59
CA LEU A 36 8.28 -1.03 -6.15
C LEU A 36 8.12 -1.86 -7.42
N TYR A 37 7.03 -2.62 -7.48
CA TYR A 37 6.73 -3.41 -8.65
C TYR A 37 6.42 -2.50 -9.83
N LEU A 38 5.46 -1.60 -9.63
CA LEU A 38 5.04 -0.67 -10.66
C LEU A 38 6.18 0.22 -11.13
N GLN A 39 7.09 0.55 -10.20
CA GLN A 39 8.25 1.36 -10.56
C GLN A 39 9.11 0.63 -11.60
N HIS A 40 9.15 -0.69 -11.50
CA HIS A 40 9.88 -1.51 -12.47
C HIS A 40 9.16 -1.50 -13.80
N GLN A 41 7.83 -1.56 -13.75
CA GLN A 41 7.01 -1.51 -14.93
C GLN A 41 7.22 -0.18 -15.63
N LEU A 42 7.26 0.88 -14.82
CA LEU A 42 7.53 2.24 -15.27
C LEU A 42 8.78 2.28 -16.16
N ASP A 43 9.88 1.71 -15.67
CA ASP A 43 11.13 1.66 -16.44
C ASP A 43 10.91 1.01 -17.79
N GLU A 44 10.18 -0.10 -17.78
CA GLU A 44 9.88 -0.83 -19.00
C GLU A 44 9.01 0.03 -19.94
N LEU A 45 8.00 0.64 -19.35
CA LEU A 45 7.07 1.51 -20.09
C LEU A 45 7.79 2.63 -20.81
N ASN A 46 8.79 3.23 -20.17
CA ASN A 46 9.56 4.32 -20.78
C ASN A 46 10.21 3.88 -22.08
N GLU A 47 10.62 2.62 -22.13
CA GLU A 47 11.26 2.07 -23.31
C GLU A 47 10.26 1.67 -24.38
N ASN A 48 9.19 1.02 -23.98
CA ASN A 48 8.20 0.53 -24.94
C ASN A 48 7.29 1.63 -25.45
N LYS A 49 6.97 2.58 -24.56
CA LYS A 49 6.03 3.68 -24.87
C LYS A 49 4.66 3.08 -25.27
N SER A 50 4.42 1.84 -24.87
CA SER A 50 3.21 1.09 -25.21
C SER A 50 1.97 1.66 -24.55
N LYS A 51 0.97 1.98 -25.37
CA LYS A 51 -0.30 2.47 -24.86
C LYS A 51 -1.00 1.40 -24.03
N GLU A 52 -0.90 0.15 -24.48
CA GLU A 52 -1.52 -0.96 -23.76
C GLU A 52 -0.85 -1.18 -22.42
N LEU A 53 0.47 -1.18 -22.40
CA LEU A 53 1.20 -1.34 -21.17
C LEU A 53 0.89 -0.19 -20.21
N GLN A 54 0.83 1.02 -20.77
CA GLN A 54 0.50 2.21 -19.98
C GLN A 54 -0.85 2.03 -19.32
N GLU A 55 -1.80 1.52 -20.09
CA GLU A 55 -3.15 1.29 -19.62
C GLU A 55 -3.17 0.33 -18.44
N LYS A 56 -2.51 -0.81 -18.58
CA LYS A 56 -2.52 -1.83 -17.54
C LYS A 56 -1.84 -1.31 -16.28
N ILE A 57 -0.74 -0.61 -16.47
CA ILE A 57 -0.02 -0.04 -15.34
C ILE A 57 -0.92 0.92 -14.55
N ILE A 58 -1.70 1.71 -15.27
CA ILE A 58 -2.63 2.65 -14.64
C ILE A 58 -3.83 1.91 -14.02
N ARG A 59 -4.27 0.84 -14.69
CA ARG A 59 -5.43 0.08 -14.22
C ARG A 59 -5.12 -0.63 -12.91
N GLU A 60 -4.03 -1.37 -12.87
CA GLU A 60 -3.64 -2.07 -11.67
C GLU A 60 -3.26 -1.09 -10.56
N LEU A 61 -2.69 0.04 -10.95
CA LEU A 61 -2.32 1.09 -10.00
C LEU A 61 -3.58 1.62 -9.32
N ASP A 62 -4.60 1.90 -10.13
CA ASP A 62 -5.87 2.44 -9.65
C ASP A 62 -6.52 1.51 -8.63
N VAL A 63 -6.55 0.22 -8.95
CA VAL A 63 -7.16 -0.77 -8.06
C VAL A 63 -6.43 -0.83 -6.71
N VAL A 64 -5.11 -0.90 -6.76
CA VAL A 64 -4.30 -0.97 -5.55
C VAL A 64 -4.40 0.34 -4.75
N CYS A 65 -4.40 1.46 -5.47
CA CYS A 65 -4.52 2.76 -4.83
C CYS A 65 -5.86 2.86 -4.08
N ALA A 66 -6.91 2.36 -4.73
CA ALA A 66 -8.25 2.39 -4.16
C ALA A 66 -8.35 1.56 -2.88
N MET A 67 -7.86 0.33 -2.92
CA MET A 67 -7.94 -0.54 -1.75
C MET A 67 -7.09 0.03 -0.61
N ILE A 68 -5.96 0.64 -0.96
CA ILE A 68 -5.08 1.25 0.02
C ILE A 68 -5.75 2.47 0.67
N GLU A 69 -6.33 3.35 -0.15
CA GLU A 69 -7.00 4.55 0.35
C GLU A 69 -8.17 4.15 1.23
N GLY A 70 -8.82 3.06 0.86
CA GLY A 70 -9.92 2.55 1.64
C GLY A 70 -9.48 2.09 3.01
N ALA A 71 -8.37 1.37 3.05
CA ALA A 71 -7.82 0.86 4.28
C ALA A 71 -7.27 1.98 5.15
N GLN A 72 -6.57 2.93 4.53
CA GLN A 72 -5.99 4.07 5.25
C GLN A 72 -7.09 4.82 6.02
N GLY A 73 -8.20 5.02 5.35
CA GLY A 73 -9.33 5.72 5.94
C GLY A 73 -9.96 4.96 7.09
N ALA A 74 -10.20 3.67 6.87
CA ALA A 74 -10.86 2.82 7.85
C ALA A 74 -9.97 2.54 9.05
N LEU A 75 -8.65 2.53 8.79
CA LEU A 75 -7.69 2.17 9.80
C LEU A 75 -7.57 3.28 10.79
N GLU A 76 -7.26 4.47 10.29
CA GLU A 76 -7.09 5.66 11.11
C GLU A 76 -8.33 5.92 11.93
N ARG A 77 -9.49 5.85 11.29
CA ARG A 77 -10.77 6.09 11.95
C ARG A 77 -10.91 5.21 13.20
N GLU A 78 -10.63 3.93 13.06
CA GLU A 78 -10.74 3.00 14.19
C GLU A 78 -9.59 3.12 15.17
N LEU A 79 -8.36 2.96 14.72
CA LEU A 79 -7.20 2.97 15.61
C LEU A 79 -7.09 4.25 16.41
N LYS A 80 -7.61 5.32 15.87
CA LYS A 80 -7.51 6.59 16.54
C LYS A 80 -8.42 6.66 17.76
N ARG A 81 -9.55 5.95 17.69
CA ARG A 81 -10.53 5.97 18.77
C ARG A 81 -10.17 4.99 19.87
N THR A 82 -9.47 3.94 19.52
CA THR A 82 -9.01 3.00 20.50
C THR A 82 -7.54 3.25 20.74
N ASP A 83 -7.24 4.29 21.51
CA ASP A 83 -5.87 4.70 21.74
C ASP A 83 -5.75 5.20 23.16
N LEU A 84 -4.84 4.64 23.90
CA LEU A 84 -4.55 5.08 25.25
C LEU A 84 -3.23 4.52 25.66
N ASN A 85 -2.18 5.16 25.18
CA ASN A 85 -0.82 4.70 25.40
C ASN A 85 0.15 5.53 24.57
N ILE A 86 1.17 6.07 25.23
CA ILE A 86 2.19 6.89 24.58
C ILE A 86 2.88 6.15 23.43
N LEU A 87 3.13 4.87 23.64
CA LEU A 87 3.84 4.08 22.65
C LEU A 87 2.94 3.83 21.44
N GLU A 88 1.66 3.55 21.71
CA GLU A 88 0.68 3.34 20.64
C GLU A 88 0.54 4.57 19.77
N ARG A 89 0.44 5.75 20.39
CA ARG A 89 0.27 6.97 19.61
C ARG A 89 1.48 7.21 18.72
N PHE A 90 2.65 6.79 19.22
CA PHE A 90 3.90 6.89 18.45
C PHE A 90 3.89 5.92 17.27
N ASN A 91 3.39 4.69 17.53
CA ASN A 91 3.28 3.67 16.48
C ASN A 91 2.39 4.19 15.36
N TYR A 92 1.24 4.71 15.76
CA TYR A 92 0.26 5.28 14.85
C TYR A 92 0.91 6.38 14.01
N GLU A 93 1.63 7.27 14.70
CA GLU A 93 2.34 8.36 14.05
C GLU A 93 3.31 7.83 12.99
N GLU A 94 4.07 6.80 13.36
CA GLU A 94 5.03 6.20 12.43
C GLU A 94 4.33 5.60 11.23
N ALA A 95 3.29 4.79 11.48
CA ALA A 95 2.54 4.17 10.41
C ALA A 95 1.98 5.23 9.47
N GLN A 96 1.41 6.28 10.06
CA GLN A 96 0.87 7.40 9.32
C GLN A 96 1.98 8.05 8.49
N THR A 97 3.15 8.20 9.09
CA THR A 97 4.31 8.76 8.42
C THR A 97 4.67 7.93 7.18
N LEU A 98 4.85 6.63 7.38
CA LEU A 98 5.29 5.76 6.29
C LEU A 98 4.23 5.60 5.23
N SER A 99 2.98 5.49 5.64
CA SER A 99 1.89 5.29 4.72
C SER A 99 1.76 6.44 3.73
N LYS A 100 1.73 7.68 4.22
CA LYS A 100 1.57 8.83 3.34
C LYS A 100 2.80 9.01 2.46
N ILE A 101 3.97 8.61 2.96
CA ILE A 101 5.17 8.66 2.13
C ILE A 101 5.02 7.69 0.96
N LEU A 102 4.53 6.50 1.27
CA LEU A 102 4.30 5.45 0.29
C LEU A 102 3.26 5.89 -0.75
N LEU A 103 2.15 6.46 -0.25
CA LEU A 103 1.07 6.94 -1.12
C LEU A 103 1.56 8.02 -2.06
N LYS A 104 2.37 8.93 -1.54
CA LYS A 104 2.94 10.00 -2.35
C LYS A 104 3.80 9.41 -3.47
N ASP A 105 4.74 8.53 -3.10
CA ASP A 105 5.63 7.90 -4.08
C ASP A 105 4.84 7.12 -5.14
N LEU A 106 3.72 6.53 -4.76
CA LEU A 106 2.88 5.82 -5.72
C LEU A 106 2.34 6.78 -6.77
N LYS A 107 1.80 7.91 -6.29
CA LYS A 107 1.27 8.95 -7.16
C LYS A 107 2.36 9.51 -8.09
N GLU A 108 3.60 9.54 -7.60
CA GLU A 108 4.74 9.98 -8.39
C GLU A 108 4.93 9.07 -9.59
N THR A 109 4.78 7.78 -9.34
CA THR A 109 4.92 6.79 -10.39
C THR A 109 3.78 6.94 -11.40
N GLU A 110 2.53 7.06 -10.90
CA GLU A 110 1.37 7.27 -11.75
C GLU A 110 1.56 8.43 -12.73
N GLN A 111 1.96 9.58 -12.18
CA GLN A 111 2.22 10.78 -12.98
C GLN A 111 3.23 10.49 -14.08
N LYS A 112 4.26 9.75 -13.75
CA LYS A 112 5.28 9.39 -14.69
C LYS A 112 4.69 8.54 -15.83
N VAL A 113 3.88 7.56 -15.44
CA VAL A 113 3.22 6.64 -16.38
C VAL A 113 2.36 7.41 -17.37
N LYS A 114 1.49 8.25 -16.83
CA LYS A 114 0.57 9.04 -17.64
C LYS A 114 1.31 10.10 -18.45
N ASP A 115 2.51 10.46 -18.01
CA ASP A 115 3.30 11.47 -18.70
C ASP A 115 4.02 10.92 -19.93
N ILE A 116 4.21 9.62 -19.98
CA ILE A 116 4.78 8.99 -21.17
C ILE A 116 3.75 9.02 -22.30
N GLN A 117 4.09 9.67 -23.41
CA GLN A 117 3.21 9.73 -24.57
C GLN A 117 3.14 8.38 -25.27
N THR A 118 1.94 7.87 -25.39
CA THR A 118 1.73 6.62 -26.08
C THR A 118 0.89 6.83 -27.34
N GLN A 119 0.53 5.72 -28.00
CA GLN A 119 -0.27 5.74 -29.23
C GLN A 119 0.50 6.45 -30.35
N GLN A 3 -4.46 -10.04 1.61
CA GLN A 3 -4.29 -11.04 2.68
C GLN A 3 -3.55 -12.25 2.12
N GLU A 4 -2.23 -12.19 2.13
CA GLU A 4 -1.41 -13.26 1.59
C GLU A 4 -0.26 -13.59 2.52
N HIS A 5 0.09 -14.87 2.57
CA HIS A 5 1.17 -15.32 3.44
C HIS A 5 2.50 -15.30 2.69
N LYS A 6 3.26 -14.24 2.88
CA LYS A 6 4.53 -14.05 2.17
C LYS A 6 5.59 -15.08 2.58
N PRO A 7 6.57 -15.35 1.68
CA PRO A 7 7.66 -16.31 1.93
C PRO A 7 8.71 -15.78 2.92
N LYS A 8 8.26 -15.22 4.02
CA LYS A 8 9.13 -14.66 5.03
C LYS A 8 8.92 -15.37 6.35
N LYS A 9 9.72 -15.04 7.34
CA LYS A 9 9.53 -15.59 8.67
C LYS A 9 8.30 -14.98 9.29
N ASP A 10 7.23 -15.74 9.29
CA ASP A 10 5.97 -15.26 9.79
C ASP A 10 4.96 -16.39 9.79
N ASP A 11 4.44 -16.69 10.95
CA ASP A 11 3.49 -17.78 11.11
C ASP A 11 2.09 -17.24 11.40
N PHE A 12 2.03 -16.02 11.88
CA PHE A 12 0.77 -15.44 12.32
C PHE A 12 0.06 -14.69 11.21
N ARG A 13 -1.15 -15.13 10.93
CA ARG A 13 -1.98 -14.53 9.91
C ARG A 13 -2.65 -13.26 10.42
N ASN A 14 -3.04 -13.28 11.69
CA ASN A 14 -3.73 -12.15 12.30
C ASN A 14 -3.48 -12.10 13.80
N GLU A 15 -3.00 -10.97 14.28
CA GLU A 15 -2.76 -10.76 15.71
C GLU A 15 -3.99 -10.18 16.40
N PHE A 16 -4.17 -8.87 16.26
CA PHE A 16 -5.33 -8.19 16.83
C PHE A 16 -6.59 -8.51 16.03
N ASP A 17 -7.71 -8.64 16.72
CA ASP A 17 -8.99 -8.98 16.08
C ASP A 17 -9.39 -7.99 15.00
N HIS A 18 -9.41 -6.71 15.35
CA HIS A 18 -9.77 -5.66 14.39
C HIS A 18 -8.56 -5.20 13.58
N LEU A 19 -7.42 -5.89 13.78
CA LEU A 19 -6.20 -5.65 13.00
C LEU A 19 -5.85 -4.16 12.81
N LEU A 20 -5.88 -3.38 13.89
CA LEU A 20 -5.58 -1.94 13.79
C LEU A 20 -4.16 -1.70 13.21
N ILE A 21 -3.16 -1.79 14.07
CA ILE A 21 -1.78 -1.61 13.63
C ILE A 21 -1.38 -2.75 12.70
N GLU A 22 -2.05 -3.89 12.86
CA GLU A 22 -1.83 -5.05 12.00
C GLU A 22 -2.05 -4.70 10.54
N GLN A 23 -3.21 -4.14 10.24
CA GLN A 23 -3.50 -3.77 8.88
C GLN A 23 -2.54 -2.74 8.38
N ALA A 24 -2.27 -1.73 9.21
CA ALA A 24 -1.35 -0.67 8.86
C ALA A 24 0.03 -1.19 8.44
N ASN A 25 0.62 -2.01 9.31
CA ASN A 25 1.95 -2.59 9.06
C ASN A 25 1.94 -3.57 7.90
N HIS A 26 0.91 -4.39 7.80
CA HIS A 26 0.85 -5.35 6.73
C HIS A 26 0.62 -4.67 5.39
N ALA A 27 -0.25 -3.65 5.38
CA ALA A 27 -0.53 -2.88 4.19
C ALA A 27 0.70 -2.16 3.65
N ILE A 28 1.50 -1.57 4.55
CA ILE A 28 2.69 -0.85 4.11
C ILE A 28 3.74 -1.81 3.55
N GLU A 29 3.83 -3.00 4.13
CA GLU A 29 4.76 -4.02 3.61
C GLU A 29 4.33 -4.45 2.21
N LYS A 30 3.05 -4.75 2.05
CA LYS A 30 2.51 -5.15 0.76
C LYS A 30 2.63 -3.99 -0.23
N GLY A 31 2.26 -2.81 0.24
CA GLY A 31 2.33 -1.61 -0.58
C GLY A 31 3.72 -1.32 -1.08
N GLU A 32 4.70 -1.44 -0.18
CA GLU A 32 6.10 -1.19 -0.52
C GLU A 32 6.58 -2.14 -1.59
N HIS A 33 6.30 -3.42 -1.39
CA HIS A 33 6.75 -4.46 -2.29
C HIS A 33 6.12 -4.29 -3.68
N GLN A 34 4.82 -4.02 -3.70
CA GLN A 34 4.11 -3.83 -4.96
C GLN A 34 4.50 -2.49 -5.61
N LEU A 35 4.82 -1.49 -4.80
CA LEU A 35 5.25 -0.19 -5.32
C LEU A 35 6.58 -0.34 -6.01
N LEU A 36 7.51 -1.05 -5.38
CA LEU A 36 8.82 -1.28 -5.96
C LEU A 36 8.66 -2.15 -7.20
N TYR A 37 7.64 -3.00 -7.18
CA TYR A 37 7.34 -3.89 -8.27
C TYR A 37 6.90 -3.08 -9.49
N LEU A 38 5.87 -2.25 -9.32
CA LEU A 38 5.36 -1.42 -10.39
C LEU A 38 6.40 -0.41 -10.89
N GLN A 39 7.33 -0.03 -9.99
CA GLN A 39 8.44 0.85 -10.37
C GLN A 39 9.18 0.24 -11.56
N HIS A 40 9.32 -1.08 -11.54
CA HIS A 40 9.96 -1.79 -12.63
C HIS A 40 9.11 -1.67 -13.89
N GLN A 41 7.79 -1.85 -13.73
CA GLN A 41 6.84 -1.73 -14.82
C GLN A 41 6.96 -0.37 -15.51
N LEU A 42 6.89 0.69 -14.69
CA LEU A 42 7.02 2.07 -15.16
C LEU A 42 8.25 2.24 -16.05
N ASP A 43 9.41 1.81 -15.54
CA ASP A 43 10.65 1.93 -16.31
C ASP A 43 10.56 1.17 -17.62
N GLU A 44 9.94 0.01 -17.56
CA GLU A 44 9.76 -0.84 -18.72
C GLU A 44 8.89 -0.13 -19.76
N LEU A 45 7.84 0.54 -19.29
CA LEU A 45 6.92 1.26 -20.16
C LEU A 45 7.62 2.41 -20.88
N ASN A 46 8.55 3.05 -20.19
CA ASN A 46 9.26 4.20 -20.76
C ASN A 46 9.97 3.81 -22.04
N GLU A 47 10.44 2.58 -22.08
CA GLU A 47 11.16 2.05 -23.23
C GLU A 47 10.19 1.54 -24.31
N ASN A 48 9.19 0.77 -23.89
CA ASN A 48 8.25 0.15 -24.85
C ASN A 48 7.28 1.18 -25.42
N LYS A 49 6.92 2.15 -24.58
CA LYS A 49 5.93 3.19 -24.94
C LYS A 49 4.58 2.52 -25.34
N SER A 50 4.42 1.28 -24.89
CA SER A 50 3.23 0.50 -25.18
C SER A 50 1.98 1.09 -24.53
N LYS A 51 1.01 1.46 -25.36
CA LYS A 51 -0.26 2.03 -24.87
C LYS A 51 -1.02 1.02 -24.00
N GLU A 52 -1.06 -0.21 -24.43
CA GLU A 52 -1.73 -1.26 -23.68
C GLU A 52 -1.01 -1.53 -22.36
N LEU A 53 0.32 -1.49 -22.38
CA LEU A 53 1.08 -1.64 -21.15
C LEU A 53 0.76 -0.48 -20.20
N GLN A 54 0.67 0.74 -20.74
CA GLN A 54 0.31 1.91 -19.95
C GLN A 54 -1.04 1.71 -19.27
N GLU A 55 -1.99 1.18 -20.04
CA GLU A 55 -3.32 0.89 -19.57
C GLU A 55 -3.28 -0.02 -18.35
N LYS A 56 -2.53 -1.10 -18.47
CA LYS A 56 -2.41 -2.07 -17.38
C LYS A 56 -1.76 -1.45 -16.14
N ILE A 57 -0.69 -0.71 -16.38
CA ILE A 57 0.07 -0.11 -15.29
C ILE A 57 -0.76 0.93 -14.52
N ILE A 58 -1.37 1.87 -15.22
CA ILE A 58 -2.14 2.91 -14.55
C ILE A 58 -3.42 2.33 -13.91
N ARG A 59 -4.00 1.32 -14.53
CA ARG A 59 -5.20 0.68 -14.00
C ARG A 59 -4.90 -0.09 -12.72
N GLU A 60 -3.80 -0.84 -12.71
CA GLU A 60 -3.42 -1.55 -11.51
C GLU A 60 -3.05 -0.57 -10.41
N LEU A 61 -2.47 0.56 -10.79
CA LEU A 61 -2.12 1.60 -9.85
C LEU A 61 -3.40 2.14 -9.24
N ASP A 62 -4.38 2.40 -10.09
CA ASP A 62 -5.68 2.92 -9.65
C ASP A 62 -6.31 1.96 -8.65
N VAL A 63 -6.25 0.68 -8.97
CA VAL A 63 -6.77 -0.37 -8.12
C VAL A 63 -6.06 -0.38 -6.76
N VAL A 64 -4.74 -0.33 -6.78
CA VAL A 64 -3.95 -0.38 -5.55
C VAL A 64 -4.06 0.92 -4.74
N CYS A 65 -3.98 2.07 -5.40
CA CYS A 65 -4.07 3.33 -4.66
C CYS A 65 -5.44 3.46 -4.00
N ALA A 66 -6.48 3.00 -4.70
CA ALA A 66 -7.85 3.06 -4.20
C ALA A 66 -8.06 2.18 -2.99
N MET A 67 -7.54 0.96 -3.03
CA MET A 67 -7.73 0.04 -1.91
C MET A 67 -6.90 0.50 -0.71
N ILE A 68 -5.69 1.00 -0.98
CA ILE A 68 -4.82 1.51 0.06
C ILE A 68 -5.45 2.71 0.77
N GLU A 69 -6.03 3.62 -0.01
CA GLU A 69 -6.66 4.81 0.56
C GLU A 69 -7.92 4.48 1.32
N GLY A 70 -8.66 3.50 0.81
CA GLY A 70 -9.91 3.09 1.44
C GLY A 70 -9.67 2.45 2.79
N ALA A 71 -8.73 1.53 2.83
CA ALA A 71 -8.38 0.83 4.06
C ALA A 71 -7.73 1.80 5.03
N GLN A 72 -6.92 2.70 4.51
CA GLN A 72 -6.23 3.68 5.33
C GLN A 72 -7.25 4.56 6.06
N GLY A 73 -8.28 4.95 5.34
CA GLY A 73 -9.32 5.81 5.89
C GLY A 73 -10.16 5.11 6.94
N ALA A 74 -10.57 3.89 6.63
CA ALA A 74 -11.45 3.12 7.51
C ALA A 74 -10.71 2.65 8.75
N LEU A 75 -9.43 2.35 8.57
CA LEU A 75 -8.63 1.78 9.62
C LEU A 75 -8.28 2.83 10.64
N GLU A 76 -7.81 3.97 10.13
CA GLU A 76 -7.42 5.07 10.96
C GLU A 76 -8.60 5.53 11.81
N ARG A 77 -9.79 5.53 11.19
CA ARG A 77 -11.01 5.92 11.89
C ARG A 77 -11.25 5.02 13.11
N GLU A 78 -10.98 3.73 12.95
CA GLU A 78 -11.11 2.78 14.06
C GLU A 78 -10.04 3.04 15.13
N LEU A 79 -8.78 2.99 14.73
CA LEU A 79 -7.67 3.16 15.67
C LEU A 79 -7.64 4.54 16.34
N LYS A 80 -8.31 5.52 15.74
CA LYS A 80 -8.31 6.89 16.25
C LYS A 80 -9.05 7.03 17.58
N ARG A 81 -9.74 5.96 17.98
CA ARG A 81 -10.60 5.99 19.17
C ARG A 81 -9.90 6.60 20.39
N THR A 82 -8.80 6.00 20.82
CA THR A 82 -8.07 6.50 21.98
C THR A 82 -6.64 5.95 22.01
N ASP A 83 -5.73 6.58 21.28
CA ASP A 83 -4.32 6.18 21.28
C ASP A 83 -3.57 6.70 22.50
N LEU A 84 -4.05 6.38 23.69
CA LEU A 84 -3.40 6.88 24.89
C LEU A 84 -2.34 5.89 25.33
N ASN A 85 -1.08 6.21 25.04
CA ASN A 85 0.05 5.33 25.35
C ASN A 85 1.27 5.76 24.56
N ILE A 86 2.42 5.74 25.21
CA ILE A 86 3.69 6.14 24.58
C ILE A 86 3.97 5.32 23.31
N LEU A 87 3.87 4.00 23.42
CA LEU A 87 4.19 3.11 22.31
C LEU A 87 3.12 3.18 21.23
N GLU A 88 1.86 3.07 21.64
CA GLU A 88 0.74 3.08 20.71
C GLU A 88 0.74 4.34 19.85
N ARG A 89 0.86 5.51 20.50
CA ARG A 89 0.88 6.77 19.77
C ARG A 89 2.04 6.82 18.78
N PHE A 90 3.19 6.30 19.20
CA PHE A 90 4.38 6.26 18.36
C PHE A 90 4.12 5.39 17.12
N ASN A 91 3.45 4.27 17.33
CA ASN A 91 3.13 3.36 16.22
C ASN A 91 2.17 4.02 15.25
N TYR A 92 1.12 4.62 15.78
CA TYR A 92 0.14 5.34 14.97
C TYR A 92 0.80 6.40 14.11
N GLU A 93 1.57 7.27 14.75
CA GLU A 93 2.28 8.33 14.08
C GLU A 93 3.20 7.79 12.99
N GLU A 94 3.96 6.76 13.31
CA GLU A 94 4.90 6.19 12.36
C GLU A 94 4.17 5.55 11.18
N ALA A 95 3.12 4.77 11.46
CA ALA A 95 2.33 4.13 10.41
C ALA A 95 1.79 5.15 9.44
N GLN A 96 1.21 6.23 9.97
CA GLN A 96 0.67 7.29 9.15
C GLN A 96 1.77 7.96 8.34
N THR A 97 2.94 8.09 8.97
CA THR A 97 4.09 8.67 8.33
C THR A 97 4.48 7.87 7.08
N LEU A 98 4.61 6.55 7.25
CA LEU A 98 5.01 5.70 6.15
C LEU A 98 3.88 5.58 5.12
N SER A 99 2.65 5.55 5.61
CA SER A 99 1.49 5.45 4.76
C SER A 99 1.43 6.62 3.77
N LYS A 100 1.57 7.83 4.32
CA LYS A 100 1.53 9.04 3.53
C LYS A 100 2.69 9.09 2.54
N ILE A 101 3.84 8.56 2.94
CA ILE A 101 4.99 8.50 2.04
C ILE A 101 4.68 7.61 0.85
N LEU A 102 4.03 6.48 1.12
CA LEU A 102 3.66 5.54 0.08
C LEU A 102 2.65 6.17 -0.88
N LEU A 103 1.71 6.92 -0.33
CA LEU A 103 0.70 7.62 -1.13
C LEU A 103 1.35 8.60 -2.08
N LYS A 104 2.32 9.36 -1.58
CA LYS A 104 3.02 10.32 -2.41
C LYS A 104 3.82 9.64 -3.51
N ASP A 105 4.37 8.45 -3.22
CA ASP A 105 5.14 7.74 -4.23
C ASP A 105 4.21 7.19 -5.31
N LEU A 106 3.05 6.65 -4.92
CA LEU A 106 2.05 6.20 -5.88
C LEU A 106 1.62 7.34 -6.81
N LYS A 107 1.37 8.51 -6.23
CA LYS A 107 1.01 9.70 -7.01
C LYS A 107 2.13 10.09 -7.97
N GLU A 108 3.35 9.81 -7.58
CA GLU A 108 4.50 10.08 -8.42
C GLU A 108 4.48 9.14 -9.64
N THR A 109 4.17 7.88 -9.39
CA THR A 109 4.13 6.88 -10.43
C THR A 109 2.98 7.09 -11.40
N GLU A 110 1.77 7.29 -10.87
CA GLU A 110 0.60 7.55 -11.71
C GLU A 110 0.84 8.73 -12.66
N GLN A 111 1.48 9.78 -12.13
CA GLN A 111 1.81 10.93 -12.96
C GLN A 111 2.79 10.55 -14.06
N LYS A 112 3.74 9.68 -13.73
CA LYS A 112 4.75 9.24 -14.69
C LYS A 112 4.16 8.39 -15.82
N VAL A 113 3.32 7.43 -15.47
CA VAL A 113 2.71 6.57 -16.48
C VAL A 113 1.81 7.38 -17.42
N LYS A 114 1.05 8.32 -16.85
CA LYS A 114 0.19 9.19 -17.66
C LYS A 114 1.04 10.21 -18.42
N ASP A 115 2.26 10.41 -17.97
CA ASP A 115 3.21 11.32 -18.59
C ASP A 115 3.71 10.76 -19.92
N ILE A 116 3.81 9.43 -19.99
CA ILE A 116 4.28 8.79 -21.21
C ILE A 116 3.20 8.85 -22.31
N GLN A 117 3.59 9.41 -23.45
CA GLN A 117 2.71 9.53 -24.60
C GLN A 117 2.69 8.20 -25.35
N THR A 118 1.52 7.60 -25.47
CA THR A 118 1.42 6.31 -26.12
C THR A 118 0.44 6.33 -27.29
N GLN A 119 0.36 5.17 -27.97
CA GLN A 119 -0.53 4.98 -29.12
C GLN A 119 -0.20 5.97 -30.24
N GLN A 3 7.30 -28.00 13.42
CA GLN A 3 6.88 -28.08 14.83
C GLN A 3 5.50 -27.46 15.04
N GLU A 4 4.91 -26.92 13.99
CA GLU A 4 3.61 -26.29 14.10
C GLU A 4 2.51 -27.34 13.95
N HIS A 5 1.39 -27.14 14.64
CA HIS A 5 0.29 -28.10 14.60
C HIS A 5 -1.03 -27.46 15.00
N LYS A 6 -2.10 -27.94 14.39
CA LYS A 6 -3.45 -27.41 14.63
C LYS A 6 -4.35 -28.50 15.18
N PRO A 7 -5.18 -28.16 16.18
CA PRO A 7 -6.16 -29.09 16.73
C PRO A 7 -7.26 -29.41 15.71
N LYS A 8 -8.26 -28.54 15.63
CA LYS A 8 -9.34 -28.69 14.67
C LYS A 8 -9.22 -27.62 13.58
N LYS A 9 -10.21 -27.53 12.71
CA LYS A 9 -10.16 -26.59 11.58
C LYS A 9 -10.27 -25.12 12.02
N ASP A 10 -11.34 -24.76 12.71
CA ASP A 10 -11.54 -23.36 13.12
C ASP A 10 -11.18 -23.17 14.58
N ASP A 11 -10.33 -24.04 15.07
CA ASP A 11 -9.93 -24.00 16.47
C ASP A 11 -8.56 -23.37 16.63
N PHE A 12 -8.26 -22.39 15.79
CA PHE A 12 -6.99 -21.66 15.87
C PHE A 12 -6.84 -21.02 17.26
N ARG A 13 -7.57 -19.91 17.45
CA ARG A 13 -7.55 -19.17 18.71
C ARG A 13 -6.14 -18.74 19.09
N ASN A 14 -5.35 -18.41 18.08
CA ASN A 14 -3.98 -17.95 18.28
C ASN A 14 -3.97 -16.55 18.89
N GLU A 15 -2.78 -16.00 19.07
CA GLU A 15 -2.64 -14.67 19.60
C GLU A 15 -2.90 -13.62 18.51
N PHE A 16 -2.46 -12.39 18.77
CA PHE A 16 -2.71 -11.26 17.85
C PHE A 16 -4.17 -11.23 17.41
N ASP A 17 -5.09 -11.39 18.37
CA ASP A 17 -6.52 -11.41 18.09
C ASP A 17 -6.93 -10.18 17.32
N HIS A 18 -6.45 -9.05 17.77
CA HIS A 18 -6.66 -7.78 17.11
C HIS A 18 -5.41 -6.94 17.25
N LEU A 19 -5.14 -6.10 16.27
CA LEU A 19 -3.99 -5.21 16.30
C LEU A 19 -4.06 -4.30 15.08
N LEU A 20 -4.49 -3.08 15.31
CA LEU A 20 -4.70 -2.13 14.23
C LEU A 20 -3.38 -1.72 13.58
N ILE A 21 -2.35 -1.62 14.38
CA ILE A 21 -1.02 -1.33 13.87
C ILE A 21 -0.53 -2.47 12.99
N GLU A 22 -0.93 -3.69 13.34
CA GLU A 22 -0.58 -4.88 12.58
C GLU A 22 -1.12 -4.75 11.16
N GLN A 23 -2.41 -4.43 11.07
CA GLN A 23 -3.07 -4.26 9.78
C GLN A 23 -2.46 -3.11 8.98
N ALA A 24 -1.98 -2.10 9.68
CA ALA A 24 -1.39 -0.93 9.04
C ALA A 24 0.00 -1.28 8.51
N ASN A 25 0.77 -1.96 9.36
CA ASN A 25 2.12 -2.38 9.02
C ASN A 25 2.10 -3.41 7.91
N HIS A 26 1.08 -4.25 7.92
CA HIS A 26 0.95 -5.27 6.90
C HIS A 26 0.60 -4.64 5.56
N ALA A 27 -0.34 -3.70 5.56
CA ALA A 27 -0.76 -3.02 4.34
C ALA A 27 0.40 -2.26 3.68
N ILE A 28 1.14 -1.49 4.48
CA ILE A 28 2.26 -0.71 3.94
C ILE A 28 3.35 -1.63 3.40
N GLU A 29 3.56 -2.76 4.07
CA GLU A 29 4.54 -3.75 3.62
C GLU A 29 4.18 -4.24 2.22
N LYS A 30 2.92 -4.63 2.06
CA LYS A 30 2.40 -5.14 0.81
C LYS A 30 2.43 -4.06 -0.28
N GLY A 31 1.91 -2.88 0.08
CA GLY A 31 1.85 -1.77 -0.85
C GLY A 31 3.21 -1.34 -1.35
N GLU A 32 4.16 -1.26 -0.43
CA GLU A 32 5.51 -0.83 -0.77
C GLU A 32 6.15 -1.82 -1.74
N HIS A 33 5.91 -3.08 -1.49
CA HIS A 33 6.47 -4.15 -2.30
C HIS A 33 5.90 -4.11 -3.73
N GLN A 34 4.58 -4.00 -3.83
CA GLN A 34 3.92 -3.94 -5.14
C GLN A 34 4.28 -2.62 -5.84
N LEU A 35 4.56 -1.59 -5.06
CA LEU A 35 4.95 -0.31 -5.63
C LEU A 35 6.33 -0.40 -6.26
N LEU A 36 7.29 -0.96 -5.52
CA LEU A 36 8.64 -1.07 -6.05
C LEU A 36 8.69 -2.00 -7.25
N TYR A 37 7.79 -2.98 -7.26
CA TYR A 37 7.68 -3.90 -8.38
C TYR A 37 7.18 -3.15 -9.61
N LEU A 38 6.12 -2.36 -9.42
CA LEU A 38 5.50 -1.58 -10.49
C LEU A 38 6.51 -0.59 -11.07
N GLN A 39 7.37 -0.05 -10.23
CA GLN A 39 8.38 0.92 -10.67
C GLN A 39 9.29 0.32 -11.73
N HIS A 40 9.52 -0.98 -11.62
CA HIS A 40 10.34 -1.68 -12.61
C HIS A 40 9.60 -1.81 -13.93
N GLN A 41 8.28 -1.95 -13.84
CA GLN A 41 7.44 -2.05 -15.03
C GLN A 41 7.38 -0.71 -15.71
N LEU A 42 7.23 0.36 -14.91
CA LEU A 42 7.27 1.73 -15.41
C LEU A 42 8.53 1.97 -16.23
N ASP A 43 9.66 1.50 -15.72
CA ASP A 43 10.93 1.61 -16.42
C ASP A 43 10.84 0.94 -17.78
N GLU A 44 10.15 -0.20 -17.82
CA GLU A 44 9.91 -0.91 -19.07
C GLU A 44 8.99 -0.08 -19.98
N LEU A 45 7.97 0.51 -19.38
CA LEU A 45 7.02 1.38 -20.09
C LEU A 45 7.75 2.52 -20.79
N ASN A 46 8.75 3.08 -20.12
CA ASN A 46 9.56 4.16 -20.69
C ASN A 46 10.24 3.71 -21.97
N GLU A 47 10.65 2.46 -22.00
CA GLU A 47 11.34 1.89 -23.13
C GLU A 47 10.37 1.44 -24.24
N ASN A 48 9.31 0.75 -23.85
CA ASN A 48 8.34 0.20 -24.82
C ASN A 48 7.39 1.28 -25.36
N LYS A 49 7.04 2.23 -24.50
CA LYS A 49 6.08 3.32 -24.85
C LYS A 49 4.73 2.73 -25.27
N SER A 50 4.46 1.50 -24.84
CA SER A 50 3.24 0.80 -25.20
C SER A 50 2.02 1.45 -24.54
N LYS A 51 1.07 1.88 -25.37
CA LYS A 51 -0.17 2.50 -24.91
C LYS A 51 -0.99 1.56 -24.03
N GLU A 52 -1.12 0.32 -24.46
CA GLU A 52 -1.87 -0.67 -23.70
C GLU A 52 -1.16 -1.01 -22.40
N LEU A 53 0.17 -0.94 -22.43
CA LEU A 53 0.95 -1.18 -21.25
C LEU A 53 0.71 -0.04 -20.26
N GLN A 54 0.74 1.18 -20.80
CA GLN A 54 0.50 2.38 -20.01
C GLN A 54 -0.88 2.30 -19.34
N GLU A 55 -1.86 1.88 -20.11
CA GLU A 55 -3.21 1.77 -19.63
C GLU A 55 -3.31 0.75 -18.50
N LYS A 56 -2.73 -0.42 -18.70
CA LYS A 56 -2.79 -1.48 -17.67
C LYS A 56 -2.07 -1.02 -16.41
N ILE A 57 -0.93 -0.40 -16.59
CA ILE A 57 -0.13 0.09 -15.47
C ILE A 57 -0.94 1.07 -14.62
N ILE A 58 -1.64 2.00 -15.26
CA ILE A 58 -2.47 2.95 -14.52
C ILE A 58 -3.72 2.26 -13.94
N ARG A 59 -4.20 1.22 -14.64
CA ARG A 59 -5.39 0.48 -14.21
C ARG A 59 -5.11 -0.27 -12.91
N GLU A 60 -4.05 -1.07 -12.91
CA GLU A 60 -3.72 -1.86 -11.75
C GLU A 60 -3.25 -0.96 -10.61
N LEU A 61 -2.58 0.13 -10.96
CA LEU A 61 -2.13 1.10 -9.97
C LEU A 61 -3.35 1.71 -9.27
N ASP A 62 -4.35 2.06 -10.06
CA ASP A 62 -5.57 2.69 -9.57
C ASP A 62 -6.35 1.78 -8.62
N VAL A 63 -6.57 0.53 -9.02
CA VAL A 63 -7.36 -0.39 -8.19
C VAL A 63 -6.66 -0.66 -6.85
N VAL A 64 -5.33 -0.78 -6.87
CA VAL A 64 -4.58 -0.99 -5.65
C VAL A 64 -4.57 0.28 -4.82
N CYS A 65 -4.50 1.42 -5.48
CA CYS A 65 -4.52 2.70 -4.79
C CYS A 65 -5.85 2.87 -4.07
N ALA A 66 -6.93 2.50 -4.75
CA ALA A 66 -8.27 2.64 -4.24
C ALA A 66 -8.52 1.75 -3.04
N MET A 67 -8.18 0.47 -3.17
CA MET A 67 -8.39 -0.48 -2.07
C MET A 67 -7.59 -0.05 -0.84
N ILE A 68 -6.38 0.45 -1.08
CA ILE A 68 -5.51 0.92 -0.02
C ILE A 68 -6.10 2.16 0.66
N GLU A 69 -6.65 3.08 -0.14
CA GLU A 69 -7.24 4.31 0.37
C GLU A 69 -8.45 3.98 1.25
N GLY A 70 -9.20 2.99 0.84
CA GLY A 70 -10.39 2.60 1.56
C GLY A 70 -10.07 2.04 2.93
N ALA A 71 -9.10 1.13 2.97
CA ALA A 71 -8.70 0.49 4.22
C ALA A 71 -8.03 1.49 5.15
N GLN A 72 -7.17 2.33 4.60
CA GLN A 72 -6.46 3.31 5.43
C GLN A 72 -7.44 4.30 6.05
N GLY A 73 -8.44 4.71 5.27
CA GLY A 73 -9.43 5.65 5.75
C GLY A 73 -10.30 5.07 6.85
N ALA A 74 -10.72 3.82 6.65
CA ALA A 74 -11.56 3.12 7.59
C ALA A 74 -10.79 2.88 8.88
N LEU A 75 -9.60 2.30 8.73
CA LEU A 75 -8.73 2.01 9.85
C LEU A 75 -8.38 3.27 10.63
N GLU A 76 -8.08 4.36 9.91
CA GLU A 76 -7.74 5.64 10.54
C GLU A 76 -8.82 6.10 11.51
N ARG A 77 -10.06 6.11 11.05
CA ARG A 77 -11.18 6.53 11.89
C ARG A 77 -11.30 5.63 13.12
N GLU A 78 -11.04 4.35 12.94
CA GLU A 78 -11.14 3.40 14.03
C GLU A 78 -9.98 3.55 15.00
N LEU A 79 -8.75 3.45 14.49
CA LEU A 79 -7.57 3.54 15.35
C LEU A 79 -7.43 4.87 16.04
N LYS A 80 -7.97 5.94 15.45
CA LYS A 80 -7.83 7.24 16.04
C LYS A 80 -8.55 7.32 17.37
N ARG A 81 -9.75 6.77 17.40
CA ARG A 81 -10.57 6.76 18.59
C ARG A 81 -10.10 5.67 19.54
N THR A 82 -9.66 4.56 18.98
CA THR A 82 -9.15 3.46 19.77
C THR A 82 -7.65 3.57 19.90
N ASP A 83 -7.20 4.58 20.62
CA ASP A 83 -5.78 4.88 20.78
C ASP A 83 -5.57 5.53 22.14
N LEU A 84 -4.72 4.93 22.96
CA LEU A 84 -4.48 5.44 24.29
C LEU A 84 -3.23 4.78 24.87
N ASN A 85 -2.08 5.44 24.69
CA ASN A 85 -0.78 4.94 25.17
C ASN A 85 0.35 5.70 24.48
N ILE A 86 1.42 5.96 25.21
CA ILE A 86 2.59 6.64 24.67
C ILE A 86 3.25 5.83 23.54
N LEU A 87 3.39 4.52 23.76
CA LEU A 87 4.05 3.65 22.80
C LEU A 87 3.19 3.50 21.56
N GLU A 88 1.91 3.16 21.76
CA GLU A 88 0.98 3.02 20.64
C GLU A 88 0.92 4.30 19.84
N ARG A 89 0.94 5.46 20.51
CA ARG A 89 0.87 6.74 19.83
C ARG A 89 2.02 6.86 18.83
N PHE A 90 3.21 6.52 19.29
CA PHE A 90 4.42 6.57 18.48
C PHE A 90 4.31 5.64 17.28
N ASN A 91 3.79 4.44 17.52
CA ASN A 91 3.62 3.46 16.45
C ASN A 91 2.63 3.98 15.43
N TYR A 92 1.54 4.56 15.93
CA TYR A 92 0.53 5.21 15.07
C TYR A 92 1.16 6.26 14.18
N GLU A 93 1.85 7.20 14.81
CA GLU A 93 2.51 8.29 14.11
C GLU A 93 3.49 7.78 13.07
N GLU A 94 4.25 6.74 13.42
CA GLU A 94 5.22 6.17 12.51
C GLU A 94 4.53 5.53 11.31
N ALA A 95 3.50 4.70 11.56
CA ALA A 95 2.76 4.07 10.48
C ALA A 95 2.12 5.10 9.56
N GLN A 96 1.59 6.16 10.18
CA GLN A 96 0.98 7.26 9.46
C GLN A 96 2.02 7.93 8.56
N THR A 97 3.20 8.11 9.12
CA THR A 97 4.32 8.68 8.38
C THR A 97 4.64 7.84 7.14
N LEU A 98 4.74 6.52 7.32
CA LEU A 98 5.11 5.63 6.22
C LEU A 98 4.01 5.53 5.17
N SER A 99 2.76 5.43 5.61
CA SER A 99 1.63 5.32 4.70
C SER A 99 1.55 6.55 3.79
N LYS A 100 1.77 7.71 4.40
CA LYS A 100 1.75 8.97 3.69
C LYS A 100 2.82 8.98 2.60
N ILE A 101 4.00 8.50 2.96
CA ILE A 101 5.11 8.39 2.02
C ILE A 101 4.74 7.46 0.86
N LEU A 102 4.11 6.35 1.20
CA LEU A 102 3.70 5.35 0.22
C LEU A 102 2.74 5.93 -0.81
N LEU A 103 1.69 6.59 -0.33
CA LEU A 103 0.68 7.19 -1.20
C LEU A 103 1.29 8.21 -2.16
N LYS A 104 2.17 9.06 -1.65
CA LYS A 104 2.83 10.04 -2.50
C LYS A 104 3.61 9.35 -3.62
N ASP A 105 4.38 8.32 -3.26
CA ASP A 105 5.17 7.58 -4.26
C ASP A 105 4.25 6.99 -5.32
N LEU A 106 3.09 6.48 -4.90
CA LEU A 106 2.13 5.90 -5.84
C LEU A 106 1.63 6.96 -6.84
N LYS A 107 1.12 8.07 -6.30
CA LYS A 107 0.57 9.14 -7.14
C LYS A 107 1.64 9.76 -8.06
N GLU A 108 2.89 9.79 -7.59
CA GLU A 108 3.99 10.29 -8.42
C GLU A 108 4.20 9.35 -9.61
N THR A 109 4.06 8.08 -9.33
CA THR A 109 4.19 7.05 -10.35
C THR A 109 3.10 7.24 -11.40
N GLU A 110 1.88 7.47 -10.91
CA GLU A 110 0.72 7.76 -11.75
C GLU A 110 1.06 8.88 -12.74
N GLN A 111 1.58 9.99 -12.23
CA GLN A 111 1.97 11.11 -13.07
C GLN A 111 3.02 10.70 -14.09
N LYS A 112 3.96 9.85 -13.67
CA LYS A 112 5.04 9.39 -14.54
C LYS A 112 4.51 8.48 -15.66
N VAL A 113 3.54 7.62 -15.32
CA VAL A 113 2.91 6.74 -16.29
C VAL A 113 2.26 7.59 -17.36
N LYS A 114 1.59 8.63 -16.92
CA LYS A 114 0.93 9.58 -17.80
C LYS A 114 1.97 10.44 -18.52
N ASP A 115 3.16 10.51 -17.95
CA ASP A 115 4.24 11.32 -18.52
C ASP A 115 4.74 10.71 -19.82
N ILE A 116 4.75 9.39 -19.89
CA ILE A 116 5.19 8.70 -21.10
C ILE A 116 4.16 8.88 -22.22
N GLN A 117 4.60 9.43 -23.33
CA GLN A 117 3.74 9.61 -24.48
C GLN A 117 3.60 8.30 -25.22
N THR A 118 2.39 7.85 -25.39
CA THR A 118 2.14 6.62 -26.09
C THR A 118 1.33 6.87 -27.36
N GLN A 119 0.93 5.80 -28.03
CA GLN A 119 0.13 5.92 -29.24
C GLN A 119 -1.33 6.17 -28.88
N GLN A 3 20.63 -40.12 11.83
CA GLN A 3 19.18 -40.37 11.67
C GLN A 3 18.39 -39.25 12.31
N GLU A 4 19.06 -38.45 13.12
CA GLU A 4 18.45 -37.37 13.87
C GLU A 4 18.03 -36.23 12.95
N HIS A 5 16.75 -36.21 12.61
CA HIS A 5 16.18 -35.19 11.75
C HIS A 5 15.39 -34.19 12.56
N LYS A 6 16.04 -33.09 12.95
CA LYS A 6 15.37 -32.01 13.65
C LYS A 6 14.26 -31.41 12.78
N PRO A 7 13.24 -30.82 13.42
CA PRO A 7 12.10 -30.21 12.72
C PRO A 7 12.50 -29.08 11.76
N LYS A 8 11.55 -28.63 10.98
CA LYS A 8 11.81 -27.63 9.96
C LYS A 8 10.91 -26.41 10.17
N LYS A 9 11.43 -25.25 9.87
CA LYS A 9 10.66 -24.02 9.98
C LYS A 9 10.15 -23.64 8.61
N ASP A 10 8.94 -23.15 8.56
CA ASP A 10 8.33 -22.73 7.32
C ASP A 10 8.63 -21.26 7.08
N ASP A 11 9.25 -20.94 5.95
CA ASP A 11 9.56 -19.56 5.62
C ASP A 11 8.30 -18.75 5.41
N PHE A 12 7.24 -19.44 5.01
CA PHE A 12 5.97 -18.80 4.79
C PHE A 12 5.24 -18.58 6.11
N ARG A 13 5.72 -17.61 6.85
CA ARG A 13 5.12 -17.22 8.11
C ARG A 13 4.99 -15.72 8.13
N ASN A 14 3.84 -15.24 7.74
CA ASN A 14 3.60 -13.81 7.64
C ASN A 14 2.52 -13.39 8.63
N GLU A 15 2.52 -12.12 8.98
CA GLU A 15 1.56 -11.57 9.93
C GLU A 15 0.16 -11.46 9.31
N PHE A 16 -0.74 -12.28 9.82
CA PHE A 16 -2.13 -12.29 9.41
C PHE A 16 -3.00 -12.21 10.66
N ASP A 17 -2.38 -11.77 11.76
CA ASP A 17 -3.02 -11.67 13.07
C ASP A 17 -4.29 -10.82 13.02
N HIS A 18 -4.30 -9.82 12.12
CA HIS A 18 -5.46 -8.94 11.92
C HIS A 18 -5.67 -7.96 13.07
N LEU A 19 -4.63 -7.28 13.49
CA LEU A 19 -4.75 -6.29 14.55
C LEU A 19 -4.58 -4.90 13.97
N LEU A 20 -4.88 -3.88 14.76
CA LEU A 20 -4.82 -2.48 14.30
C LEU A 20 -3.48 -2.14 13.62
N ILE A 21 -2.41 -2.16 14.41
CA ILE A 21 -1.09 -1.84 13.88
C ILE A 21 -0.62 -2.93 12.91
N GLU A 22 -0.99 -4.17 13.17
CA GLU A 22 -0.61 -5.29 12.30
C GLU A 22 -1.20 -5.08 10.90
N GLN A 23 -2.42 -4.57 10.83
CA GLN A 23 -3.08 -4.32 9.55
C GLN A 23 -2.44 -3.15 8.84
N ALA A 24 -1.91 -2.21 9.61
CA ALA A 24 -1.28 -1.03 9.05
C ALA A 24 0.10 -1.40 8.52
N ASN A 25 0.82 -2.17 9.32
CA ASN A 25 2.13 -2.68 8.97
C ASN A 25 2.05 -3.58 7.76
N HIS A 26 1.00 -4.37 7.70
CA HIS A 26 0.80 -5.27 6.59
C HIS A 26 0.55 -4.50 5.31
N ALA A 27 -0.29 -3.47 5.38
CA ALA A 27 -0.61 -2.64 4.22
C ALA A 27 0.61 -1.94 3.66
N ILE A 28 1.44 -1.35 4.53
CA ILE A 28 2.63 -0.64 4.07
C ILE A 28 3.66 -1.59 3.47
N GLU A 29 3.71 -2.82 3.98
CA GLU A 29 4.61 -3.82 3.43
C GLU A 29 4.15 -4.19 2.02
N LYS A 30 2.85 -4.41 1.88
CA LYS A 30 2.27 -4.77 0.60
C LYS A 30 2.42 -3.61 -0.39
N GLY A 31 2.12 -2.41 0.09
CA GLY A 31 2.25 -1.22 -0.74
C GLY A 31 3.66 -1.04 -1.24
N GLU A 32 4.62 -1.31 -0.36
CA GLU A 32 6.02 -1.19 -0.71
C GLU A 32 6.38 -2.19 -1.83
N HIS A 33 5.81 -3.39 -1.72
CA HIS A 33 6.05 -4.45 -2.69
C HIS A 33 5.51 -4.08 -4.06
N GLN A 34 4.25 -3.65 -4.09
CA GLN A 34 3.60 -3.30 -5.35
C GLN A 34 4.17 -2.01 -5.93
N LEU A 35 4.65 -1.11 -5.07
CA LEU A 35 5.23 0.14 -5.53
C LEU A 35 6.53 -0.13 -6.27
N LEU A 36 7.43 -0.89 -5.65
CA LEU A 36 8.72 -1.19 -6.27
C LEU A 36 8.51 -2.05 -7.51
N TYR A 37 7.46 -2.86 -7.48
CA TYR A 37 7.13 -3.73 -8.58
C TYR A 37 6.65 -2.93 -9.77
N LEU A 38 5.60 -2.12 -9.56
CA LEU A 38 5.03 -1.29 -10.61
C LEU A 38 6.04 -0.25 -11.09
N GLN A 39 6.88 0.22 -10.19
CA GLN A 39 7.91 1.20 -10.54
C GLN A 39 8.83 0.61 -11.59
N HIS A 40 9.14 -0.68 -11.46
CA HIS A 40 9.95 -1.37 -12.44
C HIS A 40 9.21 -1.45 -13.77
N GLN A 41 7.93 -1.77 -13.70
CA GLN A 41 7.06 -1.81 -14.89
C GLN A 41 7.08 -0.46 -15.60
N LEU A 42 6.93 0.61 -14.80
CA LEU A 42 6.97 1.98 -15.30
C LEU A 42 8.25 2.23 -16.09
N ASP A 43 9.37 1.79 -15.56
CA ASP A 43 10.67 1.93 -16.24
C ASP A 43 10.61 1.24 -17.58
N GLU A 44 9.99 0.07 -17.60
CA GLU A 44 9.87 -0.71 -18.80
C GLU A 44 8.96 -0.01 -19.82
N LEU A 45 7.91 0.66 -19.34
CA LEU A 45 7.00 1.38 -20.21
C LEU A 45 7.72 2.55 -20.88
N ASN A 46 8.70 3.13 -20.18
CA ASN A 46 9.48 4.24 -20.72
C ASN A 46 10.17 3.84 -22.00
N GLU A 47 10.61 2.60 -22.04
CA GLU A 47 11.27 2.07 -23.20
C GLU A 47 10.29 1.46 -24.18
N ASN A 48 9.28 0.75 -23.67
CA ASN A 48 8.34 0.03 -24.52
C ASN A 48 7.35 0.97 -25.19
N LYS A 49 6.91 2.03 -24.47
CA LYS A 49 5.92 3.00 -24.97
C LYS A 49 4.61 2.35 -25.43
N SER A 50 4.33 1.14 -24.99
CA SER A 50 3.10 0.46 -25.35
C SER A 50 1.88 1.10 -24.71
N LYS A 51 0.91 1.43 -25.52
CA LYS A 51 -0.36 1.98 -25.06
C LYS A 51 -1.06 0.97 -24.13
N GLU A 52 -1.01 -0.31 -24.53
CA GLU A 52 -1.58 -1.39 -23.74
C GLU A 52 -0.92 -1.48 -22.38
N LEU A 53 0.39 -1.42 -22.38
CA LEU A 53 1.13 -1.50 -21.14
C LEU A 53 0.78 -0.32 -20.23
N GLN A 54 0.62 0.87 -20.84
CA GLN A 54 0.24 2.05 -20.07
C GLN A 54 -1.11 1.84 -19.38
N GLU A 55 -2.09 1.36 -20.16
CA GLU A 55 -3.44 1.14 -19.65
C GLU A 55 -3.45 0.17 -18.48
N LYS A 56 -2.75 -0.95 -18.63
CA LYS A 56 -2.70 -1.95 -17.58
C LYS A 56 -2.04 -1.41 -16.33
N ILE A 57 -0.97 -0.64 -16.52
CA ILE A 57 -0.25 -0.05 -15.40
C ILE A 57 -1.12 0.96 -14.64
N ILE A 58 -1.71 1.92 -15.35
CA ILE A 58 -2.54 2.94 -14.72
C ILE A 58 -3.82 2.32 -14.13
N ARG A 59 -4.36 1.31 -14.79
CA ARG A 59 -5.57 0.63 -14.32
C ARG A 59 -5.28 -0.09 -13.01
N GLU A 60 -4.16 -0.79 -12.97
CA GLU A 60 -3.78 -1.52 -11.77
C GLU A 60 -3.40 -0.56 -10.66
N LEU A 61 -2.74 0.53 -11.02
CA LEU A 61 -2.31 1.52 -10.05
C LEU A 61 -3.54 2.12 -9.39
N ASP A 62 -4.55 2.39 -10.21
CA ASP A 62 -5.83 2.94 -9.75
C ASP A 62 -6.50 2.01 -8.73
N VAL A 63 -6.58 0.72 -9.07
CA VAL A 63 -7.20 -0.27 -8.19
C VAL A 63 -6.46 -0.34 -6.85
N VAL A 64 -5.14 -0.43 -6.93
CA VAL A 64 -4.31 -0.51 -5.74
C VAL A 64 -4.42 0.78 -4.93
N CYS A 65 -4.44 1.91 -5.62
CA CYS A 65 -4.56 3.19 -4.95
C CYS A 65 -5.88 3.28 -4.21
N ALA A 66 -6.95 2.82 -4.86
CA ALA A 66 -8.29 2.86 -4.29
C ALA A 66 -8.40 1.95 -3.07
N MET A 67 -7.95 0.71 -3.20
CA MET A 67 -8.04 -0.23 -2.09
C MET A 67 -7.21 0.27 -0.91
N ILE A 68 -6.08 0.90 -1.21
CA ILE A 68 -5.23 1.47 -0.18
C ILE A 68 -5.92 2.66 0.49
N GLU A 69 -6.58 3.52 -0.30
CA GLU A 69 -7.28 4.69 0.21
C GLU A 69 -8.41 4.28 1.12
N GLY A 70 -9.16 3.26 0.72
CA GLY A 70 -10.28 2.80 1.50
C GLY A 70 -9.89 2.22 2.83
N ALA A 71 -8.90 1.34 2.82
CA ALA A 71 -8.44 0.68 4.02
C ALA A 71 -7.77 1.66 4.96
N GLN A 72 -6.94 2.56 4.42
CA GLN A 72 -6.24 3.52 5.25
C GLN A 72 -7.22 4.45 5.96
N GLY A 73 -8.28 4.84 5.25
CA GLY A 73 -9.27 5.73 5.83
C GLY A 73 -10.09 5.05 6.89
N ALA A 74 -10.54 3.84 6.59
CA ALA A 74 -11.39 3.07 7.50
C ALA A 74 -10.62 2.71 8.76
N LEU A 75 -9.47 2.06 8.58
CA LEU A 75 -8.62 1.64 9.68
C LEU A 75 -8.26 2.81 10.58
N GLU A 76 -7.88 3.93 9.97
CA GLU A 76 -7.50 5.12 10.74
C GLU A 76 -8.61 5.55 11.70
N ARG A 77 -9.81 5.72 11.17
CA ARG A 77 -10.93 6.18 11.98
C ARG A 77 -11.21 5.24 13.16
N GLU A 78 -11.14 3.95 12.93
CA GLU A 78 -11.38 2.98 14.01
C GLU A 78 -10.21 2.93 14.99
N LEU A 79 -8.98 2.75 14.51
CA LEU A 79 -7.82 2.68 15.40
C LEU A 79 -7.65 3.95 16.23
N LYS A 80 -8.22 5.04 15.76
CA LYS A 80 -8.11 6.31 16.46
C LYS A 80 -8.83 6.27 17.80
N ARG A 81 -9.69 5.27 17.98
CA ARG A 81 -10.44 5.10 19.22
C ARG A 81 -9.49 4.76 20.37
N THR A 82 -8.37 4.15 20.03
CA THR A 82 -7.38 3.78 21.00
C THR A 82 -6.79 5.04 21.66
N ASP A 83 -6.72 5.04 22.99
CA ASP A 83 -6.19 6.18 23.73
C ASP A 83 -4.74 6.45 23.32
N LEU A 84 -4.35 7.72 23.34
CA LEU A 84 -3.02 8.13 22.91
C LEU A 84 -1.91 7.79 23.91
N ASN A 85 -1.74 6.50 24.12
CA ASN A 85 -0.70 5.99 24.99
C ASN A 85 0.67 6.29 24.43
N ILE A 86 1.70 6.18 25.26
CA ILE A 86 3.06 6.52 24.84
C ILE A 86 3.49 5.70 23.62
N LEU A 87 3.38 4.38 23.71
CA LEU A 87 3.79 3.50 22.63
C LEU A 87 2.82 3.57 21.46
N GLU A 88 1.52 3.48 21.77
CA GLU A 88 0.50 3.54 20.74
C GLU A 88 0.59 4.83 19.93
N ARG A 89 0.78 5.95 20.60
CA ARG A 89 0.89 7.23 19.92
C ARG A 89 2.08 7.23 18.96
N PHE A 90 3.19 6.67 19.46
CA PHE A 90 4.41 6.55 18.68
C PHE A 90 4.20 5.67 17.45
N ASN A 91 3.61 4.50 17.66
CA ASN A 91 3.34 3.55 16.57
C ASN A 91 2.41 4.15 15.54
N TYR A 92 1.29 4.67 16.01
CA TYR A 92 0.27 5.29 15.15
C TYR A 92 0.85 6.39 14.30
N GLU A 93 1.53 7.33 14.93
CA GLU A 93 2.16 8.45 14.24
C GLU A 93 3.12 7.97 13.18
N GLU A 94 3.96 7.01 13.54
CA GLU A 94 4.97 6.51 12.63
C GLU A 94 4.34 5.75 11.47
N ALA A 95 3.27 5.01 11.74
CA ALA A 95 2.58 4.26 10.70
C ALA A 95 1.97 5.23 9.68
N GLN A 96 1.28 6.24 10.21
CA GLN A 96 0.66 7.28 9.40
C GLN A 96 1.72 8.03 8.59
N THR A 97 2.88 8.24 9.20
CA THR A 97 3.98 8.89 8.53
C THR A 97 4.45 8.05 7.33
N LEU A 98 4.66 6.76 7.53
CA LEU A 98 5.15 5.89 6.47
C LEU A 98 4.08 5.69 5.42
N SER A 99 2.83 5.62 5.86
CA SER A 99 1.71 5.45 4.96
C SER A 99 1.67 6.58 3.94
N LYS A 100 1.81 7.81 4.42
CA LYS A 100 1.81 8.96 3.54
C LYS A 100 2.97 8.94 2.59
N ILE A 101 4.11 8.43 3.05
CA ILE A 101 5.28 8.34 2.20
C ILE A 101 5.02 7.41 1.01
N LEU A 102 4.42 6.26 1.31
CA LEU A 102 4.10 5.27 0.30
C LEU A 102 3.13 5.87 -0.74
N LEU A 103 2.11 6.55 -0.25
CA LEU A 103 1.10 7.17 -1.11
C LEU A 103 1.72 8.21 -2.04
N LYS A 104 2.64 9.02 -1.50
CA LYS A 104 3.30 10.02 -2.32
C LYS A 104 4.08 9.36 -3.45
N ASP A 105 4.84 8.30 -3.13
CA ASP A 105 5.59 7.57 -4.16
C ASP A 105 4.66 6.94 -5.19
N LEU A 106 3.50 6.45 -4.77
CA LEU A 106 2.55 5.86 -5.71
C LEU A 106 2.04 6.92 -6.69
N LYS A 107 1.66 8.07 -6.17
CA LYS A 107 1.20 9.17 -7.01
C LYS A 107 2.33 9.65 -7.95
N GLU A 108 3.57 9.42 -7.54
CA GLU A 108 4.72 9.73 -8.39
C GLU A 108 4.72 8.81 -9.61
N THR A 109 4.45 7.52 -9.38
CA THR A 109 4.42 6.56 -10.47
C THR A 109 3.24 6.84 -11.40
N GLU A 110 2.08 7.17 -10.82
CA GLU A 110 0.89 7.58 -11.57
C GLU A 110 1.24 8.70 -12.55
N GLN A 111 1.95 9.70 -12.04
CA GLN A 111 2.37 10.81 -12.85
C GLN A 111 3.28 10.35 -13.99
N LYS A 112 4.17 9.41 -13.69
CA LYS A 112 5.11 8.89 -14.67
C LYS A 112 4.40 8.16 -15.82
N VAL A 113 3.48 7.27 -15.47
CA VAL A 113 2.76 6.49 -16.47
C VAL A 113 1.92 7.40 -17.38
N LYS A 114 1.28 8.40 -16.79
CA LYS A 114 0.49 9.35 -17.57
C LYS A 114 1.40 10.31 -18.34
N ASP A 115 2.68 10.34 -17.96
CA ASP A 115 3.67 11.20 -18.61
C ASP A 115 4.17 10.59 -19.93
N ILE A 116 4.21 9.25 -20.01
CA ILE A 116 4.66 8.58 -21.25
C ILE A 116 3.58 8.64 -22.33
N GLN A 117 3.89 9.34 -23.41
CA GLN A 117 2.98 9.45 -24.54
C GLN A 117 2.95 8.13 -25.33
N THR A 118 1.78 7.58 -25.48
CA THR A 118 1.61 6.35 -26.23
C THR A 118 0.78 6.59 -27.49
N GLN A 119 0.44 5.52 -28.19
CA GLN A 119 -0.31 5.63 -29.42
C GLN A 119 -1.80 5.69 -29.12
#